data_5FJ7
#
_entry.id   5FJ7
#
_cell.length_a   1.000
_cell.length_b   1.000
_cell.length_c   1.000
_cell.angle_alpha   90.00
_cell.angle_beta   90.00
_cell.angle_gamma   90.00
#
_symmetry.space_group_name_H-M   'P 1'
#
loop_
_entity.id
_entity.type
_entity.pdbx_description
1 polymer 'MAJOR INNER PROTEIN P1'
2 polymer 'RNA-DIRECTED RNA POLYMERASE'
3 non-polymer 'MANGANESE (II) ION'
#
loop_
_entity_poly.entity_id
_entity_poly.type
_entity_poly.pdbx_seq_one_letter_code
_entity_poly.pdbx_strand_id
1 'polypeptide(L)'
;GFNLKVKDLNGSARGLTQAFAIGELKNQLSVGALQLPLQFTRTFSASMTSELLWEVGKGNIDPVMYARLFFQYAQAGGAL
SVDELVNQFTEYHQSTACNPEIWRKLTAYITGSSNRAIKADAVGKVPPTAILEQLRTLAPSEHELFHHITTDFVCHVLSP
LGFILPDAAYVYRVGRTATYPNFYALVDCVRASDLRRMLTALSSVDSKMLQATFKAKGALAPALISQHLANAATTAFERS
RGNFDANAVVSSVLTILGRLWSPSTPKELDPSARLRNTNGIDQLRSNLALFIAYQDMVKQRGRAEVIFSDEELSSTIIPW
FIEAMSEVSPFKLRPINETTSYIGQTSAIDHMGQPSHVVVYEDWQFAKEITAFTPVKLANNSNQRFLDVEPGISDRMSAT
LAPIGNTFAVSAFVKNRTAVYEAVSQRGTVNSNGAEMTLGFPSVVERDYALDRDPMVAIAALRTGIVDESLEARASNDLK
RSMFNYYAAVMHYAVAHNPEVVVSEHQGVAAEQGSLYLVWNVRTELRIPVGYNAIEGGSIRTPEPLEAIAYNKPIQPSEV
LQAKVLDLANHTTSIHIWPWHEASTEFAYEDAYSVTIRNKRYTAEVKEFELLGLGQRRERVRILKPTVAHAIIQMWYSWF
VEDDRTLAAARRTSRDDAEKLAIDGRRMQNAVTLLRKIEMIGTTGIGASAVHLAQSRIVDQMAGRGLIDDSSDLHVGINR
HRIRIWAGLAVLQMMGLLSRSEAEALTKVLGDSNALGMVVA
;
A,B
2 'polypeptide(L)'
;PRRAPAFPLSDIKAQMLFANNIKAQQASKRSFKEGAIETYEGLLSVDPRFLSFKNELSRYLTDHFPANVDEYGRVYGNGV
RTNFFGMRHMNGFPMIPATWPLASNLKKRADADLADGPVSERDNLLFRAAVRLMFSDLEPVPLKIRKGSSTCIPYFSNDM
GTKIEIAERALEKAEEAGNLMLQGKFDDAYQLHQMGGAYYVVYRAQSTDAITLDPKTGKFVSKDRMVADFEYAVTGGEQG
SLFAASKDASRLKEQYGIDVPDGFFCERRRTAMGGPFALNAPIMAVAQPVRNKIYSKYAYTFHHTTRLNKEEKVKEWSLC
VATDVSDHDTFWPGWLRDLICDELLNMGYAPWWVKLFETSLKLPVYVGAPAPEQGHTLLGDPSNPDLEVGLSSGQGATDL
MGTLLMSITYLVMQLDHTAPHLNSRIKDMPSACRFLDSYWQGHEEIRQISKSDDAMLGWTKGRALVGGHRLFEMLKEGKV
NPSPYMKISYEHGGAFLGDILLYDSRREPGSAIFVGNINSMLNNQFSPEYGVQSGVRDRSKRKRPFPGLAWASMKDTYGA
CPIYSDVLEAIERCWWNAFGESYRAYREDMLKRDTLELSRYVASMARQAGLAELTPIDLEVLADPNKLQYKWTEADVSAN
IHEVLMHGVSVEKTERFLRSVMPR
;
C
#
# COMPACT_ATOMS: atom_id res chain seq x y z
N GLY A 1 6.16 30.00 31.85
CA GLY A 1 4.90 30.54 31.39
C GLY A 1 4.58 31.92 31.95
N PHE A 2 3.90 32.74 31.17
CA PHE A 2 3.55 34.08 31.61
C PHE A 2 2.28 34.56 30.92
N ASN A 3 1.97 35.84 31.13
CA ASN A 3 0.77 36.42 30.53
C ASN A 3 0.92 37.86 30.07
N LEU A 4 -0.01 38.26 29.20
CA LEU A 4 0.06 39.48 28.44
C LEU A 4 -1.32 39.84 27.93
N LYS A 5 -1.57 41.13 27.73
CA LYS A 5 -2.84 41.57 27.18
C LYS A 5 -2.92 41.30 25.69
N VAL A 6 -4.12 41.09 25.18
CA VAL A 6 -4.30 40.80 23.76
C VAL A 6 -4.27 42.05 22.90
N LYS A 7 -5.05 43.06 23.30
CA LYS A 7 -5.10 44.30 22.54
C LYS A 7 -3.75 45.01 22.60
N ASP A 8 -3.02 44.79 23.69
CA ASP A 8 -1.86 45.59 23.98
C ASP A 8 -0.59 44.73 23.89
N LEU A 9 -0.70 43.58 23.25
CA LEU A 9 0.41 42.64 23.22
C LEU A 9 1.66 43.23 22.58
N ASN A 10 1.45 44.10 21.61
CA ASN A 10 2.55 44.85 21.02
C ASN A 10 3.13 45.83 22.03
N GLY A 11 2.30 46.31 22.94
CA GLY A 11 2.78 47.12 24.02
C GLY A 11 3.25 46.22 25.14
N SER A 12 2.93 44.94 25.02
CA SER A 12 3.30 43.97 26.03
C SER A 12 4.46 43.12 25.56
N ALA A 13 4.16 41.92 25.11
CA ALA A 13 5.21 41.05 24.59
C ALA A 13 5.56 41.47 23.18
N ARG A 14 6.12 42.68 23.08
CA ARG A 14 6.33 43.36 21.82
C ARG A 14 7.24 42.58 20.90
N GLY A 15 8.18 41.85 21.47
CA GLY A 15 9.05 41.04 20.65
C GLY A 15 8.30 39.87 20.08
N LEU A 16 7.26 39.43 20.78
CA LEU A 16 6.61 38.19 20.43
C LEU A 16 5.59 38.38 19.33
N THR A 17 5.43 39.63 18.88
CA THR A 17 4.31 40.01 18.04
C THR A 17 4.52 39.74 16.56
N GLN A 18 5.55 38.98 16.23
CA GLN A 18 5.84 38.58 14.85
C GLN A 18 6.16 39.76 13.95
N ALA A 19 5.48 40.87 14.16
CA ALA A 19 5.84 42.09 13.50
C ALA A 19 7.26 42.43 13.91
N PHE A 20 7.61 42.02 15.12
CA PHE A 20 8.96 42.17 15.64
C PHE A 20 9.97 41.31 14.91
N ALA A 21 9.50 40.22 14.31
CA ALA A 21 10.42 39.35 13.56
C ALA A 21 10.97 40.15 12.40
N ILE A 22 10.18 41.12 11.99
CA ILE A 22 10.65 42.11 11.05
C ILE A 22 10.99 43.35 11.86
N GLY A 23 11.71 44.30 11.28
CA GLY A 23 12.19 45.44 12.02
C GLY A 23 11.08 46.42 12.30
N GLU A 24 9.88 46.04 11.91
CA GLU A 24 8.71 46.88 12.07
C GLU A 24 8.50 47.27 13.52
N LEU A 25 8.17 48.55 13.70
CA LEU A 25 7.68 49.08 14.96
C LEU A 25 6.63 50.10 14.58
N LYS A 26 7.10 51.26 14.13
CA LYS A 26 6.29 52.25 13.44
C LYS A 26 5.11 52.80 14.23
N ASN A 27 4.44 53.77 13.64
CA ASN A 27 3.10 54.14 14.08
C ASN A 27 2.17 52.98 13.80
N GLN A 28 2.54 52.19 12.78
CA GLN A 28 1.67 51.14 12.29
C GLN A 28 2.13 49.76 12.73
N LEU A 29 1.17 48.89 13.00
CA LEU A 29 1.46 47.52 13.40
C LEU A 29 1.49 46.62 12.18
N SER A 30 2.45 46.86 11.31
CA SER A 30 2.61 46.09 10.08
C SER A 30 1.31 46.04 9.31
N VAL A 31 1.09 44.93 8.62
CA VAL A 31 -0.17 44.58 7.96
C VAL A 31 -0.67 45.67 7.00
N GLY A 32 -1.90 45.48 6.53
CA GLY A 32 -2.45 46.21 5.40
C GLY A 32 -3.23 45.16 4.65
N ALA A 33 -3.09 45.12 3.33
CA ALA A 33 -3.69 44.04 2.56
C ALA A 33 -3.01 43.90 1.21
N LEU A 34 -2.91 42.66 0.72
CA LEU A 34 -2.46 42.46 -0.64
C LEU A 34 -2.78 41.04 -1.11
N GLN A 35 -1.80 40.31 -1.65
CA GLN A 35 -2.12 39.33 -2.68
C GLN A 35 -1.87 37.85 -2.46
N LEU A 36 -0.78 37.37 -3.04
CA LEU A 36 -0.71 36.00 -3.56
C LEU A 36 -0.78 34.88 -2.54
N PRO A 37 -1.77 33.99 -2.69
CA PRO A 37 -2.08 32.95 -1.71
C PRO A 37 -1.58 31.56 -2.03
N LEU A 38 -1.10 30.87 -1.00
CA LEU A 38 -0.82 29.44 -1.04
C LEU A 38 -0.44 29.03 0.38
N GLN A 39 -1.18 28.09 0.96
CA GLN A 39 -0.85 27.60 2.28
C GLN A 39 0.52 26.95 2.21
N PHE A 40 1.41 27.29 3.14
CA PHE A 40 2.82 27.06 2.89
C PHE A 40 3.27 25.64 3.21
N THR A 41 2.39 24.87 3.84
CA THR A 41 2.41 23.40 3.90
C THR A 41 3.73 22.60 4.13
N ARG A 42 3.51 21.34 4.50
CA ARG A 42 4.55 20.33 4.75
C ARG A 42 5.75 20.80 5.56
N THR A 43 5.60 20.85 6.87
CA THR A 43 6.72 21.23 7.73
C THR A 43 7.66 20.09 8.11
N PHE A 44 8.91 20.45 8.34
CA PHE A 44 9.90 19.51 8.84
C PHE A 44 9.50 18.99 10.22
N SER A 45 9.77 17.71 10.46
CA SER A 45 9.01 16.91 11.43
C SER A 45 9.23 17.21 12.91
N ALA A 46 9.25 16.15 13.71
CA ALA A 46 9.31 16.29 15.16
C ALA A 46 10.60 15.74 15.73
N SER A 47 11.54 16.64 16.00
CA SER A 47 12.81 16.23 16.57
C SER A 47 12.70 16.01 18.06
N MET A 48 11.57 16.39 18.66
CA MET A 48 11.43 16.21 20.10
C MET A 48 11.41 14.73 20.40
N THR A 49 11.60 14.40 21.68
CA THR A 49 11.83 13.04 22.15
C THR A 49 12.74 12.27 21.20
N SER A 50 12.46 10.97 21.05
CA SER A 50 13.23 10.08 20.17
C SER A 50 14.69 9.97 20.58
N GLU A 51 14.97 10.19 21.86
CA GLU A 51 16.32 10.00 22.36
C GLU A 51 16.73 8.55 22.30
N LEU A 52 18.00 8.31 21.98
CA LEU A 52 18.53 6.95 21.94
C LEU A 52 20.05 6.95 21.81
N LEU A 53 20.69 5.84 22.16
CA LEU A 53 22.11 5.68 21.89
C LEU A 53 22.38 5.47 20.41
N TRP A 54 23.55 5.88 19.96
CA TRP A 54 24.06 5.40 18.68
C TRP A 54 25.50 4.88 18.84
N GLU A 55 25.87 3.99 17.93
CA GLU A 55 27.20 3.39 17.96
C GLU A 55 28.10 3.92 16.86
N VAL A 56 29.15 4.61 17.27
CA VAL A 56 30.21 4.96 16.33
C VAL A 56 30.83 3.66 15.88
N GLY A 57 31.26 2.89 16.86
CA GLY A 57 31.70 1.52 16.67
C GLY A 57 32.67 1.25 15.55
N LYS A 58 32.16 0.60 14.52
CA LYS A 58 32.96 0.02 13.44
C LYS A 58 33.70 1.06 12.61
N GLY A 59 34.85 0.65 12.07
CA GLY A 59 35.66 1.50 11.24
C GLY A 59 35.10 1.52 9.83
N ASN A 60 34.04 0.75 9.61
CA ASN A 60 33.35 0.72 8.33
C ASN A 60 32.70 2.06 8.06
N ILE A 61 32.62 2.87 9.12
CA ILE A 61 32.32 4.30 9.07
C ILE A 61 31.11 4.72 8.24
N ASP A 62 30.07 5.12 8.93
CA ASP A 62 28.95 5.80 8.30
C ASP A 62 29.07 7.28 8.55
N PRO A 63 29.41 8.04 7.51
CA PRO A 63 29.51 9.50 7.61
C PRO A 63 28.20 10.12 8.05
N VAL A 64 27.12 9.50 7.59
CA VAL A 64 25.81 10.09 7.76
C VAL A 64 25.53 10.28 9.23
N MET A 65 25.64 9.19 9.98
CA MET A 65 25.34 9.23 11.39
C MET A 65 26.29 10.17 12.08
N TYR A 66 27.54 10.16 11.63
CA TYR A 66 28.52 10.99 12.28
C TYR A 66 28.14 12.43 12.09
N ALA A 67 27.55 12.76 10.95
CA ALA A 67 27.15 14.13 10.68
C ALA A 67 26.13 14.56 11.70
N ARG A 68 25.20 13.65 11.91
CA ARG A 68 24.09 13.86 12.79
C ARG A 68 24.68 14.15 14.15
N LEU A 69 25.72 13.40 14.45
CA LEU A 69 26.43 13.58 15.70
C LEU A 69 27.08 14.94 15.76
N PHE A 70 27.56 15.43 14.63
CA PHE A 70 28.29 16.68 14.67
C PHE A 70 27.36 17.77 15.02
N PHE A 71 26.20 17.79 14.37
CA PHE A 71 25.25 18.83 14.70
C PHE A 71 24.85 18.66 16.16
N GLN A 72 24.78 17.40 16.56
CA GLN A 72 24.27 17.05 17.87
C GLN A 72 25.12 17.65 18.97
N TYR A 73 26.37 17.25 19.00
CA TYR A 73 27.32 17.78 19.93
C TYR A 73 27.46 19.27 19.76
N ALA A 74 27.35 19.74 18.52
CA ALA A 74 27.60 21.14 18.26
C ALA A 74 26.66 21.99 19.05
N GLN A 75 25.37 21.68 18.94
CA GLN A 75 24.42 22.41 19.75
C GLN A 75 24.68 22.09 21.20
N ALA A 76 25.06 20.85 21.47
CA ALA A 76 25.22 20.41 22.84
C ALA A 76 26.58 20.78 23.44
N GLY A 77 27.50 21.21 22.59
CA GLY A 77 28.89 21.31 23.00
C GLY A 77 29.35 22.61 23.61
N GLY A 78 30.66 22.78 23.68
CA GLY A 78 31.26 24.01 24.14
C GLY A 78 31.65 24.98 23.04
N ALA A 79 31.26 24.69 21.80
CA ALA A 79 31.65 25.54 20.69
C ALA A 79 30.63 25.58 19.55
N LEU A 80 29.79 26.61 19.56
CA LEU A 80 28.95 26.90 18.41
C LEU A 80 29.83 27.51 17.34
N SER A 81 29.48 27.31 16.07
CA SER A 81 28.37 26.47 15.67
C SER A 81 28.96 25.26 14.98
N VAL A 82 28.14 24.56 14.21
CA VAL A 82 28.67 23.45 13.46
C VAL A 82 29.69 23.99 12.48
N ASP A 83 29.45 25.20 12.01
CA ASP A 83 30.20 25.76 10.89
C ASP A 83 31.68 25.83 11.23
N GLU A 84 31.97 26.49 12.34
CA GLU A 84 33.35 26.62 12.77
C GLU A 84 33.90 25.25 13.08
N LEU A 85 33.05 24.35 13.56
CA LEU A 85 33.47 23.00 13.88
C LEU A 85 33.91 22.25 12.64
N VAL A 86 33.27 22.55 11.52
CA VAL A 86 33.59 21.87 10.29
C VAL A 86 34.89 22.45 9.80
N ASN A 87 35.06 23.77 9.98
CA ASN A 87 36.33 24.36 9.62
C ASN A 87 37.44 23.67 10.39
N GLN A 88 37.23 23.55 11.69
CA GLN A 88 38.23 22.99 12.58
C GLN A 88 38.50 21.56 12.19
N PHE A 89 37.47 20.88 11.75
CA PHE A 89 37.63 19.52 11.29
C PHE A 89 38.48 19.45 10.06
N THR A 90 38.28 20.38 9.14
CA THR A 90 39.06 20.40 7.92
C THR A 90 40.51 20.69 8.26
N GLU A 91 40.70 21.53 9.28
CA GLU A 91 42.02 21.89 9.72
C GLU A 91 42.70 20.65 10.24
N TYR A 92 41.98 19.90 11.06
CA TYR A 92 42.50 18.69 11.64
C TYR A 92 42.79 17.67 10.57
N HIS A 93 41.96 17.69 9.54
CA HIS A 93 42.06 16.72 8.48
C HIS A 93 43.31 17.01 7.67
N GLN A 94 43.67 18.28 7.62
CA GLN A 94 44.94 18.64 7.02
C GLN A 94 46.07 18.15 7.90
N SER A 95 45.94 18.47 9.18
CA SER A 95 47.01 18.24 10.14
C SER A 95 47.27 16.76 10.28
N THR A 96 46.31 15.98 9.85
CA THR A 96 46.40 14.54 9.98
C THR A 96 46.56 13.90 8.62
N ALA A 97 45.47 13.83 7.88
CA ALA A 97 45.45 13.14 6.60
C ALA A 97 46.38 13.79 5.61
N CYS A 98 46.54 15.11 5.71
CA CYS A 98 47.37 15.80 4.74
C CYS A 98 48.77 16.00 5.31
N ASN A 99 49.09 15.26 6.37
CA ASN A 99 50.38 15.40 7.04
C ASN A 99 51.04 14.03 7.20
N PRO A 100 51.68 13.58 6.12
CA PRO A 100 52.09 12.19 5.89
C PRO A 100 53.01 11.60 6.93
N GLU A 101 53.89 12.42 7.53
CA GLU A 101 54.94 11.89 8.39
C GLU A 101 54.32 11.15 9.56
N ILE A 102 53.11 11.59 9.91
CA ILE A 102 52.33 10.97 10.96
C ILE A 102 52.13 9.51 10.68
N TRP A 103 51.74 9.24 9.45
CA TRP A 103 51.28 7.93 9.07
C TRP A 103 52.42 6.92 9.14
N ARG A 104 53.63 7.38 8.86
CA ARG A 104 54.83 6.54 8.97
C ARG A 104 54.89 6.06 10.41
N LYS A 105 54.71 7.00 11.33
CA LYS A 105 54.73 6.72 12.75
C LYS A 105 53.59 5.79 13.14
N LEU A 106 52.47 5.89 12.43
CA LEU A 106 51.32 5.09 12.79
C LEU A 106 51.55 3.64 12.45
N THR A 107 52.04 3.41 11.24
CA THR A 107 52.35 2.06 10.82
C THR A 107 53.44 1.53 11.73
N ALA A 108 54.30 2.45 12.16
CA ALA A 108 55.37 2.13 13.07
C ALA A 108 54.82 1.65 14.40
N TYR A 109 53.69 2.23 14.81
CA TYR A 109 53.05 1.81 16.03
C TYR A 109 52.30 0.51 15.82
N ILE A 110 51.96 0.24 14.57
CA ILE A 110 51.28 -0.98 14.26
C ILE A 110 52.34 -2.06 14.13
N THR A 111 52.68 -2.40 12.90
CA THR A 111 53.59 -3.51 12.68
C THR A 111 55.02 -3.01 12.65
N GLY A 112 55.18 -1.70 12.80
CA GLY A 112 56.47 -1.07 12.60
C GLY A 112 57.60 -1.51 13.50
N SER A 113 58.73 -1.81 12.85
CA SER A 113 59.97 -2.17 13.53
C SER A 113 61.08 -2.13 12.50
N SER A 114 61.06 -3.08 11.58
CA SER A 114 62.03 -3.11 10.49
C SER A 114 61.50 -3.90 9.30
N ASN A 115 61.89 -3.46 8.10
CA ASN A 115 61.61 -4.16 6.86
C ASN A 115 60.12 -4.48 6.76
N ARG A 116 59.33 -3.45 7.06
CA ARG A 116 57.88 -3.53 7.02
C ARG A 116 57.42 -3.81 5.59
N ALA A 117 56.28 -4.48 5.41
CA ALA A 117 55.39 -4.88 6.48
C ALA A 117 55.59 -6.33 6.89
N ILE A 118 56.79 -6.64 7.36
CA ILE A 118 57.19 -7.96 7.86
C ILE A 118 56.62 -9.07 6.98
N LYS A 119 57.00 -9.01 5.71
CA LYS A 119 56.55 -9.95 4.66
C LYS A 119 55.06 -10.30 4.74
N ALA A 120 54.71 -11.55 4.46
CA ALA A 120 53.32 -11.96 4.32
C ALA A 120 52.62 -12.28 5.64
N ASP A 121 53.36 -12.23 6.74
CA ASP A 121 52.82 -12.63 8.05
C ASP A 121 51.73 -11.69 8.58
N ALA A 122 50.84 -12.24 9.41
CA ALA A 122 49.74 -11.49 9.99
C ALA A 122 50.22 -10.55 11.10
N VAL A 123 49.95 -10.94 12.34
CA VAL A 123 50.32 -10.18 13.54
C VAL A 123 49.72 -8.77 13.56
N GLY A 124 48.58 -8.64 14.23
CA GLY A 124 47.90 -7.37 14.36
C GLY A 124 47.75 -6.95 15.81
N LYS A 125 48.88 -6.76 16.47
CA LYS A 125 48.92 -6.49 17.91
C LYS A 125 48.31 -5.13 18.24
N VAL A 126 46.99 -5.04 18.26
CA VAL A 126 46.37 -3.74 18.45
C VAL A 126 44.93 -3.78 18.95
N PRO A 127 44.60 -2.91 19.91
CA PRO A 127 43.24 -2.42 20.27
C PRO A 127 42.99 -1.04 19.65
N PRO A 128 41.77 -0.82 19.17
CA PRO A 128 41.53 0.17 18.10
C PRO A 128 41.88 1.69 18.17
N THR A 129 41.87 2.57 19.19
CA THR A 129 41.92 2.51 20.66
C THR A 129 43.35 2.73 21.08
N ALA A 130 44.22 1.73 20.97
CA ALA A 130 45.64 2.00 21.22
C ALA A 130 46.12 2.95 20.15
N ILE A 131 45.53 2.80 18.96
CA ILE A 131 45.78 3.71 17.87
C ILE A 131 45.27 5.07 18.30
N LEU A 132 44.11 5.05 18.94
CA LEU A 132 43.44 6.26 19.34
C LEU A 132 44.26 7.04 20.35
N GLU A 133 44.96 6.32 21.20
CA GLU A 133 45.80 6.98 22.17
C GLU A 133 46.97 7.60 21.45
N GLN A 134 47.52 6.87 20.48
CA GLN A 134 48.66 7.35 19.73
C GLN A 134 48.33 8.60 18.95
N LEU A 135 47.10 8.67 18.44
CA LEU A 135 46.68 9.85 17.74
C LEU A 135 46.33 10.94 18.73
N ARG A 136 45.97 10.54 19.94
CA ARG A 136 45.69 11.51 20.98
C ARG A 136 46.99 12.19 21.37
N THR A 137 48.08 11.46 21.22
CA THR A 137 49.40 12.03 21.46
C THR A 137 49.63 13.12 20.45
N LEU A 138 49.01 12.96 19.29
CA LEU A 138 49.10 13.96 18.24
C LEU A 138 48.18 15.12 18.55
N ALA A 139 47.79 15.85 17.52
CA ALA A 139 47.14 17.12 17.75
C ALA A 139 45.80 16.89 18.42
N PRO A 140 45.63 17.49 19.60
CA PRO A 140 44.39 17.45 20.37
C PRO A 140 43.24 18.10 19.64
N SER A 141 42.06 17.57 19.81
CA SER A 141 40.87 18.30 19.45
C SER A 141 40.18 18.74 20.71
N GLU A 142 39.56 19.92 20.68
CA GLU A 142 38.64 20.31 21.73
C GLU A 142 37.48 19.33 21.72
N HIS A 143 37.24 18.77 20.55
CA HIS A 143 36.11 17.91 20.31
C HIS A 143 36.57 16.73 19.48
N GLU A 144 37.06 15.70 20.15
CA GLU A 144 37.74 14.62 19.47
C GLU A 144 36.87 13.99 18.40
N LEU A 145 35.72 13.46 18.79
CA LEU A 145 34.72 12.92 17.88
C LEU A 145 35.33 12.35 16.61
N PHE A 146 35.64 13.24 15.68
CA PHE A 146 36.29 12.87 14.42
C PHE A 146 37.63 12.23 14.69
N HIS A 147 38.20 12.57 15.83
CA HIS A 147 39.45 11.98 16.25
C HIS A 147 39.25 10.48 16.36
N HIS A 148 38.05 10.07 16.75
CA HIS A 148 37.68 8.67 16.64
C HIS A 148 37.53 8.31 15.18
N ILE A 149 36.87 9.19 14.42
CA ILE A 149 36.48 8.88 13.06
C ILE A 149 37.70 8.67 12.18
N THR A 150 38.75 9.44 12.45
CA THR A 150 39.97 9.26 11.69
C THR A 150 40.54 7.88 11.95
N THR A 151 40.41 7.43 13.20
CA THR A 151 40.86 6.10 13.54
C THR A 151 40.00 5.10 12.79
N ASP A 152 38.73 5.46 12.62
CA ASP A 152 37.77 4.59 11.99
C ASP A 152 38.21 4.40 10.56
N PHE A 153 38.73 5.49 10.01
CA PHE A 153 39.29 5.49 8.69
C PHE A 153 40.50 4.62 8.61
N VAL A 154 41.29 4.61 9.67
CA VAL A 154 42.47 3.78 9.68
C VAL A 154 42.02 2.33 9.64
N CYS A 155 40.92 2.07 10.33
CA CYS A 155 40.39 0.72 10.37
C CYS A 155 39.87 0.30 9.01
N HIS A 156 39.22 1.23 8.33
CA HIS A 156 38.46 0.88 7.14
C HIS A 156 39.36 0.37 6.04
N VAL A 157 40.56 0.94 5.97
CA VAL A 157 41.50 0.57 4.92
C VAL A 157 42.41 -0.53 5.43
N LEU A 158 42.56 -0.60 6.75
CA LEU A 158 43.31 -1.68 7.33
C LEU A 158 42.43 -2.90 7.58
N SER A 159 41.13 -2.71 7.41
CA SER A 159 40.21 -3.83 7.50
C SER A 159 40.49 -4.95 6.47
N PRO A 160 40.75 -4.63 5.18
CA PRO A 160 41.08 -5.72 4.26
C PRO A 160 42.30 -6.51 4.69
N LEU A 161 43.25 -5.83 5.31
CA LEU A 161 44.45 -6.48 5.79
C LEU A 161 44.21 -6.99 7.21
N GLY A 162 45.05 -7.90 7.67
CA GLY A 162 44.89 -8.50 8.98
C GLY A 162 45.11 -7.56 10.16
N PHE A 163 44.24 -6.57 10.30
CA PHE A 163 44.28 -5.69 11.45
C PHE A 163 42.86 -5.37 11.89
N ILE A 164 41.98 -6.34 11.69
CA ILE A 164 40.62 -6.27 12.17
C ILE A 164 40.61 -6.72 13.62
N LEU A 165 41.79 -7.12 14.07
CA LEU A 165 41.99 -7.67 15.41
C LEU A 165 41.47 -6.76 16.53
N PRO A 166 41.77 -5.46 16.48
CA PRO A 166 41.34 -4.58 17.56
C PRO A 166 39.83 -4.50 17.80
N ASP A 167 39.03 -4.62 16.75
CA ASP A 167 37.59 -4.32 16.76
C ASP A 167 36.85 -4.36 18.10
N ALA A 168 36.61 -3.19 18.68
CA ALA A 168 35.77 -3.06 19.89
C ALA A 168 34.45 -2.40 19.50
N ALA A 169 34.02 -1.41 20.29
CA ALA A 169 32.80 -0.66 19.96
C ALA A 169 32.79 0.73 20.59
N TYR A 170 32.06 1.66 19.98
CA TYR A 170 32.00 3.06 20.40
C TYR A 170 30.56 3.54 20.40
N VAL A 171 30.17 4.30 21.42
CA VAL A 171 28.76 4.66 21.59
C VAL A 171 28.59 6.10 22.01
N TYR A 172 27.47 6.71 21.59
CA TYR A 172 27.20 8.08 21.99
C TYR A 172 25.71 8.40 21.95
N ARG A 173 25.26 9.22 22.91
CA ARG A 173 23.86 9.62 23.02
C ARG A 173 23.43 10.68 22.03
N VAL A 174 22.13 10.74 21.81
CA VAL A 174 21.51 11.83 21.09
C VAL A 174 21.63 13.15 21.80
N GLY A 175 20.62 13.98 21.51
CA GLY A 175 20.40 15.25 22.15
C GLY A 175 19.20 15.84 21.46
N ARG A 176 18.20 16.18 22.25
CA ARG A 176 16.98 16.78 21.75
C ARG A 176 17.23 18.11 21.05
N THR A 177 16.52 18.34 19.95
CA THR A 177 16.63 19.58 19.18
C THR A 177 15.23 20.14 18.97
N ALA A 178 15.12 21.45 18.79
CA ALA A 178 13.81 22.09 18.80
C ALA A 178 12.99 21.98 17.51
N THR A 179 12.32 23.07 17.16
CA THR A 179 11.19 23.07 16.23
C THR A 179 11.32 22.59 14.76
N TYR A 180 12.43 22.83 14.05
CA TYR A 180 13.67 23.34 14.59
C TYR A 180 13.99 24.65 13.86
N PRO A 181 14.74 25.55 14.53
CA PRO A 181 14.78 26.99 14.29
C PRO A 181 15.55 27.60 13.12
N ASN A 182 16.53 28.41 13.53
CA ASN A 182 17.20 29.45 12.73
C ASN A 182 17.91 29.00 11.49
N PHE A 183 17.90 29.86 10.49
CA PHE A 183 18.52 29.51 9.23
C PHE A 183 20.02 29.38 9.42
N TYR A 184 20.60 30.04 10.42
CA TYR A 184 22.01 29.79 10.69
C TYR A 184 22.19 28.34 11.02
N ALA A 185 21.21 27.76 11.69
CA ALA A 185 21.31 26.35 11.99
C ALA A 185 21.26 25.60 10.68
N LEU A 186 20.52 26.12 9.72
CA LEU A 186 20.46 25.50 8.42
C LEU A 186 21.81 25.61 7.76
N VAL A 187 22.54 26.66 8.09
CA VAL A 187 23.85 26.89 7.52
C VAL A 187 24.74 25.80 8.04
N ASP A 188 24.55 25.50 9.32
CA ASP A 188 25.29 24.41 9.91
C ASP A 188 24.91 23.14 9.20
N CYS A 189 23.64 23.04 8.83
CA CYS A 189 23.12 21.84 8.21
C CYS A 189 23.63 21.65 6.80
N VAL A 190 23.99 22.74 6.15
CA VAL A 190 24.39 22.63 4.76
C VAL A 190 25.88 22.42 4.72
N ARG A 191 26.62 23.02 5.63
CA ARG A 191 28.03 22.71 5.67
C ARG A 191 28.21 21.28 6.12
N ALA A 192 27.33 20.84 7.01
CA ALA A 192 27.32 19.45 7.42
C ALA A 192 26.90 18.62 6.23
N SER A 193 26.07 19.20 5.39
CA SER A 193 25.60 18.51 4.20
C SER A 193 26.80 18.26 3.32
N ASP A 194 27.73 19.21 3.35
CA ASP A 194 28.99 19.02 2.67
C ASP A 194 29.76 17.92 3.37
N LEU A 195 29.69 17.88 4.68
CA LEU A 195 30.49 16.94 5.47
C LEU A 195 30.12 15.54 5.06
N ARG A 196 28.89 15.40 4.59
CA ARG A 196 28.38 14.13 4.14
C ARG A 196 29.25 13.61 3.02
N ARG A 197 29.84 14.55 2.30
CA ARG A 197 30.59 14.21 1.11
C ARG A 197 31.97 14.81 1.23
N MET A 198 32.12 15.77 2.14
CA MET A 198 33.43 16.21 2.56
C MET A 198 34.15 15.04 3.20
N LEU A 199 33.37 14.19 3.85
CA LEU A 199 33.97 13.11 4.59
C LEU A 199 33.92 11.82 3.81
N THR A 200 32.78 11.51 3.22
CA THR A 200 32.57 10.16 2.70
C THR A 200 33.58 9.79 1.63
N ALA A 201 34.10 10.77 0.92
CA ALA A 201 35.03 10.51 -0.16
C ALA A 201 36.29 9.87 0.39
N LEU A 202 36.62 10.23 1.62
CA LEU A 202 37.70 9.57 2.32
C LEU A 202 37.17 8.37 3.08
N SER A 203 35.91 8.44 3.47
CA SER A 203 35.26 7.32 4.12
C SER A 203 35.04 6.19 3.14
N SER A 204 34.99 6.56 1.87
CA SER A 204 34.73 5.60 0.81
C SER A 204 35.84 5.66 -0.22
N VAL A 205 35.58 5.10 -1.40
CA VAL A 205 36.60 4.86 -2.41
C VAL A 205 37.66 3.99 -1.76
N ASP A 206 38.54 4.59 -0.98
CA ASP A 206 39.42 3.83 -0.13
C ASP A 206 40.24 2.85 -0.94
N SER A 207 40.17 1.56 -0.58
CA SER A 207 40.86 0.53 -1.32
C SER A 207 40.37 -0.89 -1.01
N LYS A 208 39.97 -1.60 -2.05
CA LYS A 208 39.89 -3.05 -2.02
C LYS A 208 41.17 -3.55 -2.63
N MET A 209 41.74 -2.70 -3.49
CA MET A 209 43.00 -2.96 -4.16
C MET A 209 44.12 -3.08 -3.13
N LEU A 210 45.16 -3.83 -3.49
CA LEU A 210 46.28 -4.13 -2.60
C LEU A 210 45.86 -5.07 -1.48
N GLN A 211 46.36 -6.31 -1.56
CA GLN A 211 46.10 -7.29 -0.54
C GLN A 211 47.35 -8.09 -0.18
N ALA A 212 48.30 -7.49 0.56
CA ALA A 212 48.26 -6.07 0.92
C ALA A 212 48.85 -5.25 -0.22
N THR A 213 49.36 -5.97 -1.21
CA THR A 213 49.63 -5.46 -2.55
C THR A 213 49.34 -6.65 -3.46
N PHE A 214 49.78 -7.80 -2.98
CA PHE A 214 49.62 -9.07 -3.66
C PHE A 214 50.18 -9.08 -5.08
N LYS A 215 51.40 -9.56 -5.33
CA LYS A 215 52.41 -10.09 -4.37
C LYS A 215 51.89 -11.17 -3.41
N ALA A 216 51.85 -12.40 -3.87
CA ALA A 216 51.32 -13.47 -3.06
C ALA A 216 52.09 -13.62 -1.76
N LYS A 217 51.37 -13.77 -0.64
CA LYS A 217 49.92 -13.61 -0.62
C LYS A 217 49.57 -12.15 -0.39
N GLY A 218 50.52 -11.41 0.16
CA GLY A 218 50.35 -9.98 0.36
C GLY A 218 50.26 -9.49 1.78
N ALA A 219 51.13 -8.55 2.19
CA ALA A 219 52.25 -8.06 1.38
C ALA A 219 53.28 -7.40 2.28
N LEU A 220 54.49 -7.23 1.75
CA LEU A 220 55.43 -6.31 2.37
C LEU A 220 54.96 -4.91 2.09
N ALA A 221 55.22 -4.00 3.02
CA ALA A 221 54.86 -2.60 2.89
C ALA A 221 55.53 -1.80 3.98
N PRO A 222 56.60 -1.08 3.62
CA PRO A 222 57.34 -0.25 4.57
C PRO A 222 56.47 0.86 5.12
N ALA A 223 56.63 2.06 4.57
CA ALA A 223 55.70 3.14 4.83
C ALA A 223 54.55 2.99 3.84
N LEU A 224 54.64 1.95 3.02
CA LEU A 224 53.76 1.77 1.88
C LEU A 224 52.30 1.69 2.29
N ILE A 225 52.04 1.16 3.47
CA ILE A 225 50.69 1.19 3.99
C ILE A 225 50.31 2.63 4.30
N SER A 226 51.17 3.31 5.05
CA SER A 226 50.95 4.72 5.39
C SER A 226 50.98 5.57 4.15
N GLN A 227 51.84 5.17 3.22
CA GLN A 227 51.96 5.80 1.93
C GLN A 227 50.62 5.80 1.24
N HIS A 228 50.22 4.60 0.84
CA HIS A 228 49.02 4.36 0.06
C HIS A 228 47.81 4.92 0.79
N LEU A 229 47.86 4.88 2.10
CA LEU A 229 46.73 5.33 2.87
C LEU A 229 46.61 6.84 2.76
N ALA A 230 47.59 7.53 3.31
CA ALA A 230 47.51 8.96 3.47
C ALA A 230 47.48 9.70 2.15
N ASN A 231 48.34 9.28 1.23
CA ASN A 231 48.45 10.03 -0.01
C ASN A 231 47.13 9.93 -0.76
N ALA A 232 46.48 8.78 -0.63
CA ALA A 232 45.14 8.64 -1.16
C ALA A 232 44.18 9.39 -0.26
N ALA A 233 44.43 9.35 1.04
CA ALA A 233 43.57 10.03 1.96
C ALA A 233 43.60 11.53 1.71
N THR A 234 44.80 12.04 1.42
CA THR A 234 44.94 13.43 1.06
C THR A 234 44.26 13.69 -0.27
N THR A 235 44.40 12.73 -1.17
CA THR A 235 43.79 12.83 -2.48
C THR A 235 42.29 12.87 -2.30
N ALA A 236 41.82 12.08 -1.35
CA ALA A 236 40.41 12.06 -1.02
C ALA A 236 40.03 13.41 -0.46
N PHE A 237 40.96 14.04 0.25
CA PHE A 237 40.68 15.37 0.76
C PHE A 237 40.53 16.34 -0.38
N GLU A 238 41.24 16.11 -1.47
CA GLU A 238 41.18 17.05 -2.58
C GLU A 238 39.83 17.04 -3.26
N ARG A 239 39.29 15.86 -3.56
CA ARG A 239 37.99 15.79 -4.20
C ARG A 239 36.93 16.34 -3.29
N SER A 240 37.15 16.18 -1.99
CA SER A 240 36.28 16.81 -1.03
C SER A 240 36.55 18.30 -1.06
N ARG A 241 35.48 19.07 -0.93
CA ARG A 241 35.58 20.51 -0.74
C ARG A 241 34.20 21.07 -0.52
N GLY A 242 33.28 20.66 -1.37
CA GLY A 242 31.90 21.12 -1.30
C GLY A 242 31.78 22.44 -2.00
N ASN A 243 32.94 23.05 -2.26
CA ASN A 243 33.05 24.28 -3.03
C ASN A 243 32.09 25.35 -2.54
N PHE A 244 30.82 25.09 -2.79
CA PHE A 244 29.78 26.07 -2.69
C PHE A 244 29.63 26.59 -1.27
N ASP A 245 29.46 27.89 -1.18
CA ASP A 245 29.46 28.58 0.10
C ASP A 245 28.29 28.16 0.96
N ALA A 246 28.51 28.12 2.26
CA ALA A 246 27.45 27.75 3.18
C ALA A 246 26.33 28.77 3.12
N ASN A 247 26.54 29.91 3.74
CA ASN A 247 25.48 30.88 3.93
C ASN A 247 24.94 31.39 2.60
N ALA A 248 25.78 31.38 1.59
CA ALA A 248 25.37 31.91 0.31
C ALA A 248 24.26 31.06 -0.32
N VAL A 249 24.46 29.75 -0.36
CA VAL A 249 23.53 28.90 -1.09
C VAL A 249 22.17 28.93 -0.45
N VAL A 250 22.12 29.04 0.88
CA VAL A 250 20.84 29.10 1.53
C VAL A 250 20.27 30.48 1.28
N SER A 251 21.13 31.49 1.25
CA SER A 251 20.65 32.86 1.11
C SER A 251 19.94 33.02 -0.21
N SER A 252 20.47 32.34 -1.22
CA SER A 252 19.95 32.47 -2.56
C SER A 252 18.65 31.71 -2.73
N VAL A 253 18.65 30.46 -2.32
CA VAL A 253 17.48 29.63 -2.53
C VAL A 253 16.34 30.23 -1.70
N LEU A 254 16.69 30.76 -0.52
CA LEU A 254 15.70 31.47 0.28
C LEU A 254 15.25 32.71 -0.41
N THR A 255 16.14 33.33 -1.17
CA THR A 255 15.76 34.54 -1.85
C THR A 255 14.69 34.22 -2.87
N ILE A 256 14.96 33.20 -3.67
CA ILE A 256 14.04 32.84 -4.74
C ILE A 256 12.72 32.40 -4.16
N LEU A 257 12.78 31.71 -3.02
CA LEU A 257 11.56 31.29 -2.39
C LEU A 257 10.76 32.50 -1.93
N GLY A 258 11.38 33.38 -1.15
CA GLY A 258 10.64 34.46 -0.55
C GLY A 258 10.09 35.43 -1.57
N ARG A 259 10.85 35.68 -2.62
CA ARG A 259 10.37 36.56 -3.67
C ARG A 259 9.35 35.85 -4.53
N LEU A 260 9.39 34.52 -4.54
CA LEU A 260 8.31 33.77 -5.14
C LEU A 260 7.06 34.00 -4.31
N TRP A 261 7.27 34.19 -3.02
CA TRP A 261 6.17 34.32 -2.08
C TRP A 261 5.64 35.73 -2.20
N SER A 262 6.41 36.59 -2.84
CA SER A 262 6.11 38.00 -2.86
C SER A 262 4.84 38.30 -3.62
N PRO A 263 3.91 39.00 -2.97
CA PRO A 263 2.76 39.59 -3.64
C PRO A 263 3.18 40.88 -4.32
N SER A 264 3.93 41.73 -3.62
CA SER A 264 4.52 42.91 -4.23
C SER A 264 5.61 42.47 -5.19
N THR A 265 6.09 43.38 -6.02
CA THR A 265 6.78 42.98 -7.24
C THR A 265 8.03 42.16 -7.01
N PRO A 266 8.04 40.98 -7.61
CA PRO A 266 9.19 40.11 -7.84
C PRO A 266 10.22 40.83 -8.68
N LYS A 267 9.75 41.71 -9.56
CA LYS A 267 10.53 42.39 -10.60
C LYS A 267 11.45 41.42 -11.39
N GLU A 268 12.75 41.72 -11.47
CA GLU A 268 13.64 40.88 -12.25
C GLU A 268 13.74 39.47 -11.67
N LEU A 269 13.68 39.36 -10.35
CA LEU A 269 13.46 38.06 -9.73
C LEU A 269 12.07 37.67 -10.13
N ASP A 270 11.85 36.42 -10.51
CA ASP A 270 10.53 36.04 -10.95
C ASP A 270 10.35 34.54 -11.00
N PRO A 271 9.09 34.10 -10.94
CA PRO A 271 8.83 32.73 -11.39
C PRO A 271 9.20 32.68 -12.85
N SER A 272 9.72 31.56 -13.34
CA SER A 272 10.01 31.46 -14.76
C SER A 272 9.94 30.01 -15.22
N ALA A 273 10.71 29.69 -16.25
CA ALA A 273 10.68 28.35 -16.81
C ALA A 273 11.54 27.42 -15.97
N ARG A 274 12.75 27.17 -16.43
CA ARG A 274 13.66 26.27 -15.75
C ARG A 274 14.35 27.04 -14.64
N LEU A 275 14.02 28.32 -14.55
CA LEU A 275 14.39 29.08 -13.38
C LEU A 275 13.77 28.41 -12.18
N ARG A 276 12.58 27.86 -12.38
CA ARG A 276 11.86 27.23 -11.29
C ARG A 276 11.32 25.88 -11.72
N ASN A 277 10.32 25.40 -10.98
CA ASN A 277 9.74 24.05 -11.07
C ASN A 277 10.62 23.05 -11.80
N THR A 278 11.84 22.92 -11.33
CA THR A 278 12.79 21.98 -11.91
C THR A 278 12.67 20.63 -11.25
N ASN A 279 11.44 20.16 -11.12
CA ASN A 279 11.12 18.83 -10.58
C ASN A 279 11.68 18.62 -9.19
N GLY A 280 11.66 19.67 -8.38
CA GLY A 280 12.18 19.60 -7.03
C GLY A 280 12.06 20.90 -6.29
N ILE A 281 12.42 22.00 -6.94
CA ILE A 281 12.34 23.28 -6.27
C ILE A 281 10.87 23.60 -6.10
N ASP A 282 10.05 23.06 -6.99
CA ASP A 282 8.61 23.13 -6.86
C ASP A 282 8.12 22.28 -5.71
N GLN A 283 8.88 21.24 -5.39
CA GLN A 283 8.58 20.48 -4.19
C GLN A 283 8.85 21.38 -3.00
N LEU A 284 9.82 22.29 -3.15
CA LEU A 284 10.04 23.32 -2.16
C LEU A 284 8.92 24.34 -2.18
N ARG A 285 8.32 24.52 -3.35
CA ARG A 285 7.16 25.36 -3.45
C ARG A 285 6.14 24.73 -2.55
N SER A 286 6.24 23.41 -2.42
CA SER A 286 5.44 22.70 -1.46
C SER A 286 6.11 22.63 -0.09
N ASN A 287 7.36 23.09 0.05
CA ASN A 287 7.99 22.93 1.36
C ASN A 287 8.02 24.28 2.05
N LEU A 288 7.26 25.22 1.50
CA LEU A 288 7.16 26.58 2.06
C LEU A 288 6.95 26.67 3.58
N ALA A 289 7.05 25.55 4.28
CA ALA A 289 7.01 25.52 5.73
C ALA A 289 8.20 26.24 6.37
N LEU A 290 9.32 26.27 5.66
CA LEU A 290 10.56 26.85 6.20
C LEU A 290 10.49 28.36 6.12
N PHE A 291 9.27 28.85 6.01
CA PHE A 291 9.00 30.27 6.11
C PHE A 291 9.45 30.67 7.49
N ILE A 292 9.85 31.93 7.60
CA ILE A 292 10.44 32.58 8.78
C ILE A 292 11.91 32.72 8.49
N ALA A 293 12.43 31.78 7.71
CA ALA A 293 13.81 31.86 7.31
C ALA A 293 14.01 33.14 6.52
N TYR A 294 13.03 33.50 5.72
CA TYR A 294 13.11 34.75 4.99
C TYR A 294 13.03 35.92 5.98
N GLN A 295 12.27 35.70 7.05
CA GLN A 295 11.98 36.75 8.01
C GLN A 295 13.25 37.23 8.67
N ASP A 296 13.89 36.33 9.40
CA ASP A 296 15.14 36.67 10.04
C ASP A 296 16.17 36.95 8.97
N MET A 297 16.02 36.35 7.79
CA MET A 297 17.00 36.59 6.74
C MET A 297 17.11 38.07 6.48
N VAL A 298 15.99 38.74 6.25
CA VAL A 298 16.09 40.18 6.12
C VAL A 298 16.44 40.79 7.48
N LYS A 299 16.00 40.15 8.54
CA LYS A 299 16.23 40.74 9.85
C LYS A 299 17.66 40.54 10.32
N GLN A 300 18.17 39.32 10.23
CA GLN A 300 19.53 39.02 10.65
C GLN A 300 20.51 39.75 9.76
N ARG A 301 20.06 40.06 8.55
CA ARG A 301 20.94 40.57 7.55
C ARG A 301 20.29 41.76 6.86
N GLY A 302 19.66 41.53 5.71
CA GLY A 302 19.00 42.59 4.99
C GLY A 302 18.63 42.17 3.58
N ARG A 303 19.20 42.85 2.59
CA ARG A 303 19.02 42.47 1.20
C ARG A 303 19.55 41.07 0.94
N ALA A 304 18.83 40.31 0.14
CA ALA A 304 19.18 38.93 -0.10
C ALA A 304 19.63 38.71 -1.54
N GLU A 305 20.64 39.46 -1.97
CA GLU A 305 21.13 39.29 -3.34
C GLU A 305 21.65 37.89 -3.59
N VAL A 306 21.33 37.37 -4.75
CA VAL A 306 21.58 35.97 -5.08
C VAL A 306 23.04 35.85 -5.51
N ILE A 307 23.67 37.00 -5.73
CA ILE A 307 25.10 37.19 -5.99
C ILE A 307 25.78 36.11 -6.86
N PHE A 308 25.70 34.83 -6.49
CA PHE A 308 26.24 33.81 -7.39
C PHE A 308 25.07 33.39 -8.28
N SER A 309 24.04 34.21 -8.22
CA SER A 309 22.79 34.07 -8.96
C SER A 309 22.86 33.18 -10.18
N ASP A 310 23.48 33.69 -11.24
CA ASP A 310 23.41 33.07 -12.55
C ASP A 310 21.92 33.07 -12.92
N GLU A 311 21.49 32.23 -13.85
CA GLU A 311 20.08 32.21 -14.20
C GLU A 311 19.74 30.82 -14.68
N GLU A 312 20.65 30.22 -15.42
CA GLU A 312 20.70 28.77 -15.54
C GLU A 312 20.66 28.25 -14.13
N LEU A 313 21.80 28.38 -13.47
CA LEU A 313 21.87 28.23 -12.03
C LEU A 313 21.10 29.41 -11.46
N SER A 314 20.34 29.21 -10.40
CA SER A 314 20.15 27.92 -9.78
C SER A 314 18.80 27.86 -9.08
N SER A 315 17.93 26.87 -9.34
CA SER A 315 17.97 25.87 -10.42
C SER A 315 19.24 25.03 -10.60
N THR A 316 19.33 24.37 -11.74
CA THR A 316 20.51 23.60 -12.10
C THR A 316 20.93 22.60 -11.04
N ILE A 317 21.43 23.13 -9.93
CA ILE A 317 22.11 22.31 -8.94
C ILE A 317 21.92 22.77 -7.49
N ILE A 318 22.05 24.06 -7.24
CA ILE A 318 22.10 24.54 -5.86
C ILE A 318 20.83 24.19 -5.07
N PRO A 319 19.63 24.54 -5.58
CA PRO A 319 18.46 24.11 -4.82
C PRO A 319 18.40 22.60 -4.68
N TRP A 320 18.89 21.90 -5.69
CA TRP A 320 19.01 20.46 -5.60
C TRP A 320 19.94 20.11 -4.46
N PHE A 321 20.89 21.00 -4.22
CA PHE A 321 21.95 20.70 -3.29
C PHE A 321 21.51 21.23 -1.92
N ILE A 322 20.23 21.51 -1.78
CA ILE A 322 19.70 21.98 -0.50
C ILE A 322 19.79 20.85 0.50
N GLU A 323 19.89 21.23 1.77
CA GLU A 323 20.23 20.32 2.85
C GLU A 323 19.25 19.18 3.11
N ALA A 324 17.97 19.51 3.19
CA ALA A 324 17.02 18.53 3.70
C ALA A 324 17.03 17.32 2.79
N MET A 325 17.25 17.57 1.50
CA MET A 325 17.39 16.48 0.55
C MET A 325 18.71 15.73 0.74
N SER A 326 19.72 16.40 1.29
CA SER A 326 20.93 15.69 1.68
C SER A 326 20.76 15.12 3.10
N GLU A 327 19.65 15.50 3.74
CA GLU A 327 19.19 14.94 5.01
C GLU A 327 20.23 14.58 6.09
N VAL A 328 20.84 15.62 6.67
CA VAL A 328 21.68 15.45 7.85
C VAL A 328 20.80 15.57 9.08
N SER A 329 21.38 16.05 10.18
CA SER A 329 20.67 16.84 11.18
C SER A 329 19.41 16.26 11.81
N PRO A 330 18.93 16.91 12.88
CA PRO A 330 17.52 16.88 13.24
C PRO A 330 16.76 17.84 12.33
N PHE A 331 17.17 17.91 11.07
CA PHE A 331 16.57 18.87 10.16
C PHE A 331 15.13 18.48 10.00
N LYS A 332 14.90 17.17 10.08
CA LYS A 332 13.58 16.54 10.05
C LYS A 332 12.71 16.96 8.84
N LEU A 333 11.65 16.19 8.57
CA LEU A 333 10.77 16.51 7.44
C LEU A 333 9.45 15.76 7.57
N ARG A 334 8.35 16.38 7.15
CA ARG A 334 7.02 15.84 7.41
C ARG A 334 5.91 16.65 6.75
N PRO A 335 4.69 16.09 6.72
CA PRO A 335 3.51 16.93 6.46
C PRO A 335 3.21 17.94 7.57
N ILE A 336 1.94 18.29 7.73
CA ILE A 336 1.54 19.51 8.41
C ILE A 336 1.55 19.44 9.93
N ASN A 337 0.46 18.93 10.46
CA ASN A 337 0.04 19.19 11.83
C ASN A 337 0.67 18.30 12.88
N GLU A 338 1.48 17.35 12.46
CA GLU A 338 2.02 16.38 13.38
C GLU A 338 2.93 17.08 14.38
N THR A 339 3.62 18.10 13.91
CA THR A 339 4.39 18.96 14.79
C THR A 339 3.45 19.76 15.67
N THR A 340 2.26 20.02 15.18
CA THR A 340 1.29 20.71 16.01
C THR A 340 0.58 19.69 16.89
N SER A 341 0.73 18.42 16.55
CA SER A 341 -0.05 17.38 17.21
C SER A 341 0.37 17.22 18.67
N TYR A 342 1.32 18.05 19.08
CA TYR A 342 1.56 18.29 20.49
C TYR A 342 1.24 19.72 20.87
N ILE A 343 0.04 20.20 20.52
CA ILE A 343 -0.41 21.48 21.03
C ILE A 343 -1.69 21.33 21.86
N GLY A 344 -1.61 21.74 23.12
CA GLY A 344 -2.80 21.77 23.96
C GLY A 344 -3.68 22.90 23.52
N GLN A 345 -4.95 22.87 23.92
CA GLN A 345 -5.85 23.96 23.57
C GLN A 345 -7.10 23.95 24.42
N THR A 346 -7.35 25.07 25.10
CA THR A 346 -8.53 25.21 25.93
C THR A 346 -9.06 26.62 25.83
N SER A 347 -10.17 26.79 25.14
CA SER A 347 -10.79 28.10 25.06
C SER A 347 -11.25 28.54 26.42
N ALA A 348 -11.68 27.57 27.23
CA ALA A 348 -12.34 27.87 28.48
C ALA A 348 -13.36 28.98 28.26
N ILE A 349 -13.35 29.95 29.16
CA ILE A 349 -13.96 31.27 29.00
C ILE A 349 -15.48 31.23 28.70
N ASP A 350 -16.12 32.40 28.73
CA ASP A 350 -17.54 32.42 29.01
C ASP A 350 -18.31 33.71 28.70
N HIS A 351 -19.61 33.53 28.42
CA HIS A 351 -20.62 34.59 28.24
C HIS A 351 -20.26 35.62 27.17
N MET A 352 -19.06 36.17 27.26
CA MET A 352 -18.57 37.19 26.33
C MET A 352 -18.56 36.79 24.85
N GLY A 353 -18.29 35.53 24.49
CA GLY A 353 -17.77 34.51 25.37
C GLY A 353 -16.25 34.48 25.43
N GLN A 354 -15.63 35.09 24.44
CA GLN A 354 -14.25 34.82 24.07
C GLN A 354 -13.15 35.04 25.12
N PRO A 355 -13.15 36.18 25.81
CA PRO A 355 -11.84 36.47 26.37
C PRO A 355 -11.72 36.69 27.87
N SER A 356 -10.81 35.95 28.49
CA SER A 356 -10.20 36.25 29.78
C SER A 356 -9.27 35.11 30.10
N HIS A 357 -9.66 33.92 29.65
CA HIS A 357 -8.84 32.72 29.83
C HIS A 357 -9.00 31.71 28.70
N VAL A 358 -7.97 31.62 27.85
CA VAL A 358 -7.85 30.62 26.78
C VAL A 358 -6.43 30.06 26.77
N VAL A 359 -6.24 28.88 27.34
CA VAL A 359 -4.90 28.36 27.56
C VAL A 359 -4.47 27.40 26.44
N VAL A 360 -3.15 27.22 26.25
CA VAL A 360 -2.65 26.06 25.51
C VAL A 360 -1.48 25.43 26.24
N TYR A 361 -1.07 24.27 25.77
CA TYR A 361 -0.09 23.45 26.47
C TYR A 361 0.32 22.26 25.61
N GLU A 362 0.81 21.22 26.26
CA GLU A 362 1.29 20.03 25.57
C GLU A 362 1.14 18.77 26.42
N ASP A 363 0.80 17.65 25.78
CA ASP A 363 0.73 16.36 26.46
C ASP A 363 2.15 15.86 26.72
N TRP A 364 2.37 15.15 27.83
CA TRP A 364 3.72 14.77 28.20
C TRP A 364 3.99 13.51 29.04
N GLN A 365 5.29 13.24 29.14
CA GLN A 365 5.88 12.06 29.75
C GLN A 365 5.76 11.99 31.24
N PHE A 366 5.81 10.76 31.75
CA PHE A 366 6.43 10.42 33.03
C PHE A 366 6.77 8.93 33.08
N ALA A 367 7.59 8.47 32.15
CA ALA A 367 8.24 7.19 32.34
C ALA A 367 9.17 7.42 33.50
N LYS A 368 8.80 6.87 34.66
CA LYS A 368 9.38 7.33 35.91
C LYS A 368 10.86 7.05 35.97
N GLU A 369 11.28 6.01 35.25
CA GLU A 369 12.61 5.46 35.43
C GLU A 369 13.69 6.48 35.14
N ILE A 370 14.65 6.55 36.06
CA ILE A 370 15.76 7.49 36.02
C ILE A 370 16.93 6.77 36.64
N THR A 371 18.14 7.11 36.23
CA THR A 371 19.30 6.27 36.52
C THR A 371 20.51 7.04 37.03
N ALA A 372 21.43 6.30 37.64
CA ALA A 372 22.67 6.86 38.15
C ALA A 372 23.78 5.82 38.07
N PHE A 373 25.03 6.26 38.17
CA PHE A 373 26.16 5.37 37.87
C PHE A 373 27.51 5.81 38.43
N THR A 374 28.42 4.84 38.56
CA THR A 374 29.84 5.13 38.71
C THR A 374 30.47 5.41 37.34
N PRO A 375 31.54 6.20 37.30
CA PRO A 375 32.22 6.52 36.05
C PRO A 375 33.50 5.73 35.83
N VAL A 376 33.43 4.41 35.77
CA VAL A 376 34.64 3.61 35.64
C VAL A 376 35.34 3.92 34.31
N LYS A 377 36.66 3.96 34.36
CA LYS A 377 37.50 4.33 33.24
C LYS A 377 38.73 3.45 33.16
N LEU A 378 38.77 2.54 32.19
CA LEU A 378 39.84 1.54 32.14
C LEU A 378 41.19 2.22 31.91
N ALA A 379 41.17 3.39 31.30
CA ALA A 379 42.40 4.14 31.11
C ALA A 379 42.16 5.64 31.00
N ASN A 380 43.02 6.39 31.68
CA ASN A 380 42.96 7.83 31.68
C ASN A 380 43.22 8.43 30.31
N ASN A 381 42.48 9.48 29.99
CA ASN A 381 42.62 10.23 28.76
C ASN A 381 41.66 11.40 28.69
N SER A 382 40.37 11.13 28.73
CA SER A 382 39.37 12.17 28.51
C SER A 382 38.12 11.96 29.34
N ASN A 383 37.16 11.21 28.80
CA ASN A 383 35.93 10.95 29.51
C ASN A 383 35.24 9.71 28.99
N GLN A 384 36.01 8.83 28.36
CA GLN A 384 35.48 7.61 27.77
C GLN A 384 34.96 6.68 28.85
N ARG A 385 34.34 7.25 29.87
CA ARG A 385 34.10 6.54 31.10
C ARG A 385 32.98 5.53 30.95
N PHE A 386 33.30 4.28 31.24
CA PHE A 386 32.27 3.27 31.37
C PHE A 386 31.44 3.58 32.59
N LEU A 387 30.15 3.30 32.50
CA LEU A 387 29.28 3.49 33.62
C LEU A 387 28.30 2.33 33.70
N ASP A 388 27.96 1.95 34.92
CA ASP A 388 26.93 0.96 35.13
C ASP A 388 25.88 1.58 36.01
N VAL A 389 24.63 1.26 35.76
CA VAL A 389 23.53 1.87 36.48
C VAL A 389 23.64 1.44 37.92
N GLU A 390 22.87 2.06 38.80
CA GLU A 390 22.91 1.70 40.20
C GLU A 390 21.51 1.34 40.57
N PRO A 391 21.09 0.15 40.14
CA PRO A 391 19.68 -0.23 40.10
C PRO A 391 19.05 -0.17 41.45
N GLY A 392 19.83 -0.47 42.49
CA GLY A 392 19.26 -0.63 43.82
C GLY A 392 18.60 0.64 44.27
N ILE A 393 19.19 1.78 43.93
CA ILE A 393 18.54 3.03 44.18
C ILE A 393 17.71 3.39 42.96
N SER A 394 18.27 3.09 41.79
CA SER A 394 17.75 3.63 40.55
C SER A 394 16.33 3.19 40.33
N ASP A 395 16.02 1.97 40.76
CA ASP A 395 14.69 1.50 40.60
C ASP A 395 13.78 2.20 41.60
N ARG A 396 14.15 2.19 42.87
CA ARG A 396 13.21 2.64 43.87
C ARG A 396 12.96 4.13 43.77
N MET A 397 13.97 4.89 43.38
CA MET A 397 13.74 6.31 43.19
C MET A 397 12.74 6.48 42.07
N SER A 398 12.90 5.66 41.04
CA SER A 398 11.94 5.68 39.95
C SER A 398 10.60 5.20 40.47
N ALA A 399 10.65 4.24 41.36
CA ALA A 399 9.42 3.74 41.95
C ALA A 399 8.82 4.85 42.76
N THR A 400 9.69 5.68 43.33
CA THR A 400 9.23 6.78 44.16
C THR A 400 8.47 7.76 43.28
N LEU A 401 8.86 7.80 42.02
CA LEU A 401 8.25 8.73 41.09
C LEU A 401 6.94 8.16 40.54
N ALA A 402 6.67 6.88 40.78
CA ALA A 402 5.53 6.23 40.14
C ALA A 402 4.18 6.90 40.42
N PRO A 403 3.85 7.15 41.70
CA PRO A 403 2.60 7.86 41.92
C PRO A 403 2.62 9.23 41.29
N ILE A 404 3.81 9.79 41.22
CA ILE A 404 3.95 11.20 40.91
C ILE A 404 3.48 11.44 39.51
N GLY A 405 3.56 10.41 38.67
CA GLY A 405 3.06 10.55 37.31
C GLY A 405 1.55 10.66 37.30
N ASN A 406 0.89 9.93 38.19
CA ASN A 406 -0.54 10.07 38.34
C ASN A 406 -0.84 11.44 38.92
N THR A 407 0.08 11.92 39.73
CA THR A 407 0.04 13.27 40.24
C THR A 407 0.38 14.19 39.08
N PHE A 408 -0.09 15.43 39.13
CA PHE A 408 0.33 16.44 38.17
C PHE A 408 0.06 16.02 36.74
N ALA A 409 -1.03 15.29 36.54
CA ALA A 409 -1.48 15.00 35.19
C ALA A 409 -1.65 16.33 34.49
N VAL A 410 -0.63 16.70 33.71
CA VAL A 410 -0.47 18.08 33.32
C VAL A 410 -1.68 18.56 32.53
N SER A 411 -2.25 17.66 31.75
CA SER A 411 -3.46 17.98 31.01
C SER A 411 -4.54 18.33 32.00
N ALA A 412 -4.75 17.42 32.95
CA ALA A 412 -5.72 17.66 34.00
C ALA A 412 -5.25 18.85 34.80
N PHE A 413 -3.94 19.00 34.89
CA PHE A 413 -3.40 20.12 35.62
C PHE A 413 -3.78 21.44 34.97
N VAL A 414 -3.91 21.45 33.66
CA VAL A 414 -4.27 22.67 32.97
C VAL A 414 -5.64 23.11 33.45
N LYS A 415 -6.46 22.12 33.77
CA LYS A 415 -7.84 22.38 34.10
C LYS A 415 -7.86 23.34 35.26
N ASN A 416 -6.82 23.27 36.08
CA ASN A 416 -6.69 24.15 37.23
C ASN A 416 -6.92 25.60 36.87
N ARG A 417 -6.06 26.16 36.03
CA ARG A 417 -6.25 27.57 35.74
C ARG A 417 -7.51 27.78 34.96
N THR A 418 -7.89 26.75 34.19
CA THR A 418 -9.09 26.91 33.39
C THR A 418 -10.19 27.09 34.38
N ALA A 419 -10.11 26.33 35.47
CA ALA A 419 -11.14 26.38 36.50
C ALA A 419 -11.18 27.74 37.15
N VAL A 420 -10.05 28.42 37.13
CA VAL A 420 -9.94 29.73 37.76
C VAL A 420 -10.80 30.74 37.00
N TYR A 421 -11.15 30.42 35.76
CA TYR A 421 -11.70 31.40 34.83
C TYR A 421 -12.96 32.07 35.36
N GLU A 422 -13.78 31.31 36.09
CA GLU A 422 -15.08 31.81 36.50
C GLU A 422 -14.84 32.86 37.55
N ALA A 423 -13.69 32.73 38.20
CA ALA A 423 -13.15 33.81 38.97
C ALA A 423 -12.40 34.73 38.03
N VAL A 424 -12.69 36.02 38.09
CA VAL A 424 -13.72 36.51 38.98
C VAL A 424 -14.80 37.19 38.16
N SER A 425 -16.05 36.90 38.48
CA SER A 425 -17.19 37.61 37.92
C SER A 425 -17.16 39.07 38.41
N GLN A 426 -17.69 40.01 37.64
CA GLN A 426 -18.53 39.74 36.49
C GLN A 426 -17.92 40.22 35.18
N ARG A 427 -18.69 40.11 34.10
CA ARG A 427 -18.16 40.31 32.75
C ARG A 427 -17.66 41.73 32.51
N GLY A 428 -16.55 41.83 31.78
CA GLY A 428 -15.91 43.10 31.51
C GLY A 428 -16.71 43.94 30.54
N THR A 429 -16.35 43.88 29.26
CA THR A 429 -15.22 43.07 28.80
C THR A 429 -14.23 43.90 27.98
N VAL A 430 -14.74 44.95 27.36
CA VAL A 430 -13.96 45.76 26.44
C VAL A 430 -12.83 46.54 27.12
N ASN A 431 -13.05 46.92 28.38
CA ASN A 431 -12.17 47.88 29.03
C ASN A 431 -10.75 47.39 29.24
N SER A 432 -10.55 46.08 29.34
CA SER A 432 -9.21 45.58 29.61
C SER A 432 -8.95 44.19 29.07
N ASN A 433 -9.15 44.00 27.76
CA ASN A 433 -8.81 42.72 27.14
C ASN A 433 -9.70 41.62 27.80
N GLY A 434 -9.50 40.32 27.59
CA GLY A 434 -8.43 39.67 26.85
C GLY A 434 -7.32 39.35 27.83
N ALA A 435 -6.47 38.40 27.45
CA ALA A 435 -5.32 38.01 28.26
C ALA A 435 -4.48 37.04 27.45
N GLU A 436 -3.23 36.85 27.85
CA GLU A 436 -2.39 35.85 27.21
C GLU A 436 -3.02 34.50 27.35
N MET A 437 -3.20 34.08 28.61
CA MET A 437 -3.97 32.90 28.96
C MET A 437 -3.26 31.61 28.58
N THR A 438 -2.55 31.70 27.47
CA THR A 438 -2.37 30.61 26.53
C THR A 438 -1.08 29.82 26.72
N LEU A 439 0.05 30.51 26.68
CA LEU A 439 1.36 29.85 26.76
C LEU A 439 1.65 29.40 28.17
N GLY A 440 2.49 28.39 28.26
CA GLY A 440 2.97 27.85 29.52
C GLY A 440 3.82 26.68 29.08
N PHE A 441 4.62 26.93 28.05
CA PHE A 441 5.19 25.84 27.26
C PHE A 441 6.24 25.08 28.02
N PRO A 442 5.99 23.78 28.18
CA PRO A 442 6.96 22.81 28.68
C PRO A 442 8.18 22.78 27.79
N SER A 443 7.94 23.00 26.51
CA SER A 443 8.99 22.82 25.52
C SER A 443 10.05 23.90 25.67
N VAL A 444 9.61 25.15 25.78
CA VAL A 444 10.53 26.27 25.82
C VAL A 444 11.39 26.20 27.07
N VAL A 445 10.84 25.64 28.14
CA VAL A 445 11.57 25.53 29.38
C VAL A 445 12.64 24.47 29.24
N GLU A 446 12.24 23.33 28.71
CA GLU A 446 13.15 22.20 28.65
C GLU A 446 14.29 22.47 27.70
N ARG A 447 14.02 23.24 26.65
CA ARG A 447 15.03 23.50 25.62
C ARG A 447 16.22 24.25 26.20
N ASP A 448 15.95 25.09 27.19
CA ASP A 448 16.98 25.93 27.78
C ASP A 448 17.47 25.31 29.09
N TYR A 449 16.55 24.68 29.80
CA TYR A 449 16.88 24.08 31.07
C TYR A 449 17.80 22.89 30.87
N ALA A 450 17.81 22.34 29.67
CA ALA A 450 18.71 21.26 29.35
C ALA A 450 20.16 21.69 29.46
N LEU A 451 20.41 22.96 29.16
CA LEU A 451 21.74 23.53 29.31
C LEU A 451 21.85 24.21 30.66
N ASP A 452 20.80 24.06 31.46
CA ASP A 452 20.71 24.67 32.78
C ASP A 452 20.91 26.17 32.72
N ARG A 453 20.52 26.75 31.59
CA ARG A 453 20.59 28.19 31.42
C ARG A 453 19.57 28.89 32.30
N ASP A 454 18.53 28.15 32.69
CA ASP A 454 17.32 28.70 33.29
C ASP A 454 16.58 29.59 32.31
N PRO A 455 15.55 29.02 31.67
CA PRO A 455 14.69 29.65 30.66
C PRO A 455 13.99 30.88 31.18
N MET A 456 13.74 30.88 32.49
CA MET A 456 12.87 31.86 33.08
C MET A 456 13.39 33.28 32.84
N VAL A 457 14.72 33.45 32.78
CA VAL A 457 15.27 34.75 32.45
C VAL A 457 14.99 35.11 30.98
N ALA A 458 14.98 34.11 30.12
CA ALA A 458 14.72 34.31 28.71
C ALA A 458 13.28 34.76 28.51
N ILE A 459 12.43 34.32 29.43
CA ILE A 459 11.01 34.63 29.36
C ILE A 459 10.75 36.13 29.32
N ALA A 460 11.28 36.85 30.30
CA ALA A 460 11.10 38.28 30.37
C ALA A 460 11.78 38.94 29.19
N ALA A 461 12.84 38.29 28.70
CA ALA A 461 13.55 38.79 27.54
C ALA A 461 12.62 38.81 26.34
N LEU A 462 11.68 37.88 26.31
CA LEU A 462 10.62 37.99 25.32
C LEU A 462 9.48 38.87 25.78
N ARG A 463 9.44 39.21 27.06
CA ARG A 463 8.44 40.19 27.46
C ARG A 463 8.75 41.52 26.81
N THR A 464 9.96 42.00 27.01
CA THR A 464 10.33 43.28 26.41
C THR A 464 10.75 43.07 24.96
N GLY A 465 10.92 41.81 24.59
CA GLY A 465 11.32 41.48 23.23
C GLY A 465 12.80 41.58 22.99
N ILE A 466 13.36 42.76 23.24
CA ILE A 466 14.77 42.99 22.98
C ILE A 466 15.62 42.11 23.89
N VAL A 467 16.73 41.62 23.36
CA VAL A 467 17.70 40.89 24.17
C VAL A 467 18.44 41.91 25.03
N ASP A 468 18.87 41.50 26.21
CA ASP A 468 19.49 42.42 27.15
C ASP A 468 21.01 42.41 26.97
N GLU A 469 21.44 41.92 25.80
CA GLU A 469 22.85 41.89 25.39
C GLU A 469 23.81 41.42 26.48
N SER A 470 23.60 40.20 26.95
CA SER A 470 24.56 39.57 27.85
C SER A 470 25.68 39.01 26.99
N LEU A 471 26.58 39.89 26.57
CA LEU A 471 27.56 39.55 25.55
C LEU A 471 28.47 38.38 25.95
N GLU A 472 28.09 37.21 25.46
CA GLU A 472 28.90 36.01 25.54
C GLU A 472 28.31 34.97 24.59
N ALA A 473 29.17 34.33 23.81
CA ALA A 473 28.72 33.46 22.73
C ALA A 473 27.89 32.30 23.25
N ARG A 474 28.12 31.89 24.49
CA ARG A 474 27.22 30.92 25.10
C ARG A 474 26.30 31.55 26.12
N ALA A 475 26.19 32.86 26.08
CA ALA A 475 25.19 33.53 26.89
C ALA A 475 24.10 34.10 26.02
N SER A 476 24.37 35.25 25.43
CA SER A 476 23.33 36.04 24.80
C SER A 476 22.60 35.29 23.68
N ASN A 477 23.35 34.74 22.73
CA ASN A 477 22.73 34.14 21.55
C ASN A 477 21.88 32.94 21.93
N ASP A 478 22.29 32.26 23.00
CA ASP A 478 21.55 31.10 23.46
C ASP A 478 20.16 31.52 23.90
N LEU A 479 20.05 32.71 24.47
CA LEU A 479 18.74 33.21 24.78
C LEU A 479 17.96 33.29 23.50
N LYS A 480 18.58 33.93 22.53
CA LYS A 480 17.93 34.12 21.25
C LYS A 480 17.74 32.77 20.60
N ARG A 481 18.58 31.80 20.98
CA ARG A 481 18.50 30.47 20.40
C ARG A 481 17.14 29.88 20.73
N SER A 482 16.59 30.31 21.86
CA SER A 482 15.28 29.87 22.28
C SER A 482 14.20 30.69 21.61
N MET A 483 14.45 31.99 21.45
CA MET A 483 13.37 32.89 21.12
C MET A 483 12.85 32.49 19.76
N PHE A 484 13.75 31.95 18.95
CA PHE A 484 13.41 31.59 17.59
C PHE A 484 12.33 30.53 17.66
N ASN A 485 12.62 29.50 18.44
CA ASN A 485 11.74 28.36 18.60
C ASN A 485 10.43 28.84 19.12
N TYR A 486 10.51 29.91 19.89
CA TYR A 486 9.38 30.40 20.59
C TYR A 486 8.41 30.90 19.53
N TYR A 487 8.92 31.70 18.60
CA TYR A 487 8.10 32.14 17.47
C TYR A 487 7.71 30.96 16.65
N ALA A 488 8.62 30.01 16.57
CA ALA A 488 8.43 28.86 15.74
C ALA A 488 7.27 28.09 16.29
N ALA A 489 7.01 28.29 17.58
CA ALA A 489 5.91 27.59 18.19
C ALA A 489 4.60 27.95 17.52
N VAL A 490 4.10 29.15 17.79
CA VAL A 490 2.72 29.45 17.51
C VAL A 490 2.40 29.28 16.03
N MET A 491 3.34 29.64 15.17
CA MET A 491 3.09 29.61 13.74
C MET A 491 2.61 28.26 13.29
N HIS A 492 3.25 27.22 13.80
CA HIS A 492 2.89 25.91 13.33
C HIS A 492 1.46 25.55 13.64
N TYR A 493 0.96 25.87 14.83
CA TYR A 493 -0.40 25.40 15.08
C TYR A 493 -1.30 26.57 14.72
N ALA A 494 -0.67 27.63 14.23
CA ALA A 494 -1.40 28.67 13.53
C ALA A 494 -1.61 28.26 12.09
N VAL A 495 -0.99 27.15 11.69
CA VAL A 495 -1.23 26.63 10.36
C VAL A 495 -2.61 26.03 10.31
N ALA A 496 -2.81 24.94 11.06
CA ALA A 496 -4.14 24.41 11.23
C ALA A 496 -4.91 25.52 11.90
N HIS A 497 -6.11 25.80 11.41
CA HIS A 497 -6.80 26.99 11.84
C HIS A 497 -5.91 28.22 11.68
N ASN A 498 -5.82 28.76 10.47
CA ASN A 498 -6.44 28.21 9.27
C ASN A 498 -5.41 28.31 8.16
N PRO A 499 -5.50 27.46 7.13
CA PRO A 499 -4.63 27.64 5.97
C PRO A 499 -4.78 28.97 5.23
N GLU A 500 -5.45 29.94 5.86
CA GLU A 500 -5.50 31.30 5.34
C GLU A 500 -4.09 31.87 5.30
N VAL A 501 -3.78 32.62 4.26
CA VAL A 501 -2.41 33.10 4.05
C VAL A 501 -2.40 34.48 3.48
N VAL A 502 -1.21 35.09 3.48
CA VAL A 502 -0.83 36.29 2.71
C VAL A 502 -1.79 37.49 2.82
N VAL A 503 -1.42 38.65 3.41
CA VAL A 503 -0.14 39.27 3.85
C VAL A 503 0.45 40.02 2.66
N SER A 504 1.48 40.81 2.93
CA SER A 504 2.22 41.47 1.89
C SER A 504 3.60 41.70 2.40
N GLU A 505 4.50 42.11 1.52
CA GLU A 505 5.71 42.72 1.99
C GLU A 505 5.22 44.01 2.63
N HIS A 506 5.81 44.40 3.76
CA HIS A 506 5.33 45.56 4.46
C HIS A 506 6.44 46.57 4.58
N GLN A 507 6.76 47.20 3.46
CA GLN A 507 7.94 48.06 3.35
C GLN A 507 7.92 49.25 4.29
N GLY A 508 6.72 49.72 4.64
CA GLY A 508 6.59 50.92 5.44
C GLY A 508 7.25 52.08 4.72
N VAL A 509 7.99 52.89 5.47
CA VAL A 509 8.76 53.97 4.87
C VAL A 509 10.24 53.62 4.80
N ALA A 510 10.64 52.57 5.51
CA ALA A 510 12.04 52.15 5.54
C ALA A 510 12.16 50.74 6.12
N ALA A 511 12.80 49.84 5.38
CA ALA A 511 13.31 50.08 4.04
C ALA A 511 13.11 48.81 3.23
N GLU A 512 12.82 48.95 1.93
CA GLU A 512 12.41 47.78 1.17
C GLU A 512 13.59 46.90 0.83
N GLN A 513 13.97 46.07 1.78
CA GLN A 513 14.90 45.00 1.51
C GLN A 513 14.11 43.71 1.54
N GLY A 514 12.80 43.86 1.72
CA GLY A 514 11.89 42.74 1.88
C GLY A 514 11.40 42.62 3.31
N SER A 515 10.13 42.30 3.47
CA SER A 515 9.51 42.23 4.79
C SER A 515 8.09 41.69 4.68
N LEU A 516 7.94 40.37 4.65
CA LEU A 516 6.62 39.79 4.44
C LEU A 516 6.37 38.56 5.29
N TYR A 517 5.47 38.69 6.26
CA TYR A 517 5.10 37.55 7.10
C TYR A 517 3.90 36.81 6.53
N LEU A 518 2.90 36.52 7.36
CA LEU A 518 1.72 35.78 6.90
C LEU A 518 0.44 36.32 7.56
N VAL A 519 -0.72 35.97 7.01
CA VAL A 519 -1.98 36.51 7.52
C VAL A 519 -2.94 35.34 7.69
N TRP A 520 -3.99 35.52 8.49
CA TRP A 520 -4.91 34.42 8.75
C TRP A 520 -6.34 34.89 8.88
N ASN A 521 -7.12 34.74 7.81
CA ASN A 521 -8.52 35.14 7.85
C ASN A 521 -9.36 34.33 8.82
N VAL A 522 -8.99 33.07 9.04
CA VAL A 522 -9.80 32.11 9.81
C VAL A 522 -11.30 32.34 9.62
N ARG A 523 -12.09 32.15 10.66
CA ARG A 523 -13.52 32.41 10.59
C ARG A 523 -14.05 32.58 12.01
N THR A 524 -15.03 33.46 12.19
CA THR A 524 -15.27 34.00 13.53
C THR A 524 -16.70 34.13 13.98
N GLU A 525 -16.84 34.28 15.30
CA GLU A 525 -18.05 34.77 15.91
C GLU A 525 -18.16 36.27 15.69
N LEU A 526 -19.38 36.80 15.65
CA LEU A 526 -19.62 38.22 15.38
C LEU A 526 -19.50 39.14 16.59
N ARG A 527 -18.38 39.09 17.31
CA ARG A 527 -18.12 40.08 18.34
C ARG A 527 -16.62 40.17 18.58
N ILE A 528 -16.11 41.39 18.69
CA ILE A 528 -14.67 41.58 18.83
C ILE A 528 -14.23 42.55 19.92
N PRO A 529 -14.37 42.13 21.19
CA PRO A 529 -13.68 42.87 22.25
C PRO A 529 -12.27 42.32 22.42
N VAL A 530 -11.79 41.64 21.38
CA VAL A 530 -10.46 41.04 21.38
C VAL A 530 -9.75 41.34 20.07
N GLY A 531 -8.52 41.86 20.18
CA GLY A 531 -7.73 42.24 19.03
C GLY A 531 -7.92 43.69 18.62
N TYR A 532 -6.83 44.45 18.51
CA TYR A 532 -6.93 45.85 18.13
C TYR A 532 -7.48 45.95 16.72
N ASN A 533 -7.16 44.94 15.92
CA ASN A 533 -7.67 44.86 14.57
C ASN A 533 -9.13 44.44 14.64
N ALA A 534 -10.01 45.42 14.59
CA ALA A 534 -11.43 45.20 14.84
C ALA A 534 -12.00 44.23 13.83
N ILE A 535 -11.43 44.26 12.64
CA ILE A 535 -11.83 43.46 11.48
C ILE A 535 -12.62 42.18 11.75
N GLU A 536 -13.76 42.32 12.41
CA GLU A 536 -14.66 41.21 12.67
C GLU A 536 -15.34 40.74 11.40
N GLY A 537 -15.42 41.65 10.42
CA GLY A 537 -16.24 41.46 9.24
C GLY A 537 -16.10 40.08 8.62
N GLY A 538 -17.06 39.22 8.93
CA GLY A 538 -16.94 37.81 8.60
C GLY A 538 -15.89 37.21 9.51
N SER A 539 -14.66 37.70 9.38
CA SER A 539 -13.56 37.22 10.21
C SER A 539 -12.36 38.16 10.22
N ILE A 540 -11.48 37.94 11.19
CA ILE A 540 -10.28 38.72 11.37
C ILE A 540 -9.38 38.34 10.20
N ARG A 541 -8.45 39.17 9.73
CA ARG A 541 -7.83 38.81 8.45
C ARG A 541 -6.51 37.98 8.40
N THR A 542 -5.62 37.92 9.41
CA THR A 542 -5.41 38.84 10.52
C THR A 542 -3.90 39.04 10.64
N PRO A 543 -3.46 40.21 11.10
CA PRO A 543 -2.01 40.49 11.19
C PRO A 543 -1.16 39.56 12.05
N GLU A 544 -1.67 39.01 13.14
CA GLU A 544 -0.79 38.24 14.02
C GLU A 544 -1.39 36.87 14.34
N PRO A 545 -0.54 35.84 14.43
CA PRO A 545 -1.00 34.45 14.61
C PRO A 545 -1.86 34.14 15.84
N LEU A 546 -1.58 34.77 16.97
CA LEU A 546 -2.22 34.40 18.22
C LEU A 546 -3.72 34.67 18.20
N GLU A 547 -4.12 35.72 17.50
CA GLU A 547 -5.52 36.11 17.49
C GLU A 547 -6.39 35.02 16.89
N ALA A 548 -5.82 34.29 15.95
CA ALA A 548 -6.55 33.18 15.36
C ALA A 548 -6.97 32.26 16.49
N ILE A 549 -6.00 31.92 17.31
CA ILE A 549 -6.25 31.05 18.44
C ILE A 549 -7.18 31.76 19.39
N ALA A 550 -7.04 33.07 19.48
CA ALA A 550 -7.88 33.85 20.37
C ALA A 550 -9.32 33.76 19.91
N TYR A 551 -9.51 33.63 18.60
CA TYR A 551 -10.84 33.45 18.08
C TYR A 551 -11.14 31.98 17.85
N ASN A 552 -10.19 31.12 18.16
CA ASN A 552 -10.35 29.69 17.95
C ASN A 552 -11.22 28.99 18.99
N LYS A 553 -11.80 27.87 18.57
CA LYS A 553 -12.48 26.95 19.47
C LYS A 553 -11.49 26.22 20.37
N PRO A 554 -11.94 25.75 21.55
CA PRO A 554 -11.08 25.01 22.49
C PRO A 554 -10.50 23.75 21.88
N ILE A 555 -11.24 23.15 20.94
CA ILE A 555 -10.85 21.97 20.17
C ILE A 555 -10.36 20.80 21.03
N GLN A 556 -9.60 21.07 22.09
CA GLN A 556 -9.10 20.07 23.01
C GLN A 556 -8.09 19.18 22.30
N PRO A 557 -6.86 19.17 22.80
CA PRO A 557 -5.77 18.53 22.05
C PRO A 557 -5.96 17.05 21.81
N SER A 558 -5.54 16.59 20.63
CA SER A 558 -5.32 15.18 20.40
C SER A 558 -4.18 14.83 21.34
N GLU A 559 -2.95 15.02 20.84
CA GLU A 559 -1.78 15.11 21.71
C GLU A 559 -1.47 13.92 22.60
N VAL A 560 -0.34 13.29 22.31
CA VAL A 560 0.03 12.06 22.99
C VAL A 560 1.50 12.00 23.37
N LEU A 561 2.30 12.93 22.86
CA LEU A 561 3.75 12.78 22.96
C LEU A 561 4.28 12.75 24.39
N GLN A 562 5.15 11.78 24.61
CA GLN A 562 5.75 11.56 25.92
C GLN A 562 6.98 10.65 25.78
N ALA A 563 8.14 11.17 26.16
CA ALA A 563 9.40 10.53 25.83
C ALA A 563 9.67 9.32 26.69
N LYS A 564 10.93 8.89 26.68
CA LYS A 564 11.34 7.70 27.39
C LYS A 564 12.83 7.71 27.63
N VAL A 565 13.24 7.24 28.79
CA VAL A 565 14.66 7.14 29.10
C VAL A 565 15.29 6.07 28.23
N LEU A 566 16.50 6.35 27.76
CA LEU A 566 17.25 5.37 27.00
C LEU A 566 17.81 4.26 27.90
N ASP A 567 17.91 3.06 27.34
CA ASP A 567 18.27 1.85 28.07
C ASP A 567 19.67 1.86 28.69
N LEU A 568 20.57 2.60 28.06
CA LEU A 568 21.89 2.91 28.61
C LEU A 568 22.67 1.71 29.15
N ALA A 569 22.29 1.22 30.32
CA ALA A 569 23.15 0.31 31.08
C ALA A 569 23.42 -0.96 30.31
N ASN A 570 22.46 -1.33 29.47
CA ASN A 570 22.55 -2.54 28.68
C ASN A 570 23.64 -2.45 27.62
N HIS A 571 24.10 -1.23 27.35
CA HIS A 571 25.12 -1.01 26.34
C HIS A 571 26.42 -0.49 26.95
N THR A 572 26.30 0.33 27.97
CA THR A 572 27.48 0.90 28.61
C THR A 572 28.03 -0.15 29.56
N THR A 573 27.29 -1.23 29.71
CA THR A 573 27.86 -2.42 30.30
C THR A 573 28.97 -2.88 29.37
N SER A 574 28.86 -2.47 28.11
CA SER A 574 29.95 -2.70 27.17
C SER A 574 30.68 -1.40 26.85
N ILE A 575 29.96 -0.36 26.43
CA ILE A 575 30.65 0.79 25.83
C ILE A 575 30.31 2.17 26.42
N HIS A 576 31.34 2.99 26.48
CA HIS A 576 31.31 4.39 26.90
C HIS A 576 30.35 5.30 26.13
N ILE A 577 29.72 6.21 26.86
CA ILE A 577 28.93 7.29 26.27
C ILE A 577 29.67 8.61 26.51
N TRP A 578 29.35 9.64 25.73
CA TRP A 578 30.11 10.89 25.76
C TRP A 578 29.34 12.22 25.98
N PRO A 579 28.01 12.18 26.14
CA PRO A 579 27.42 13.40 26.71
C PRO A 579 28.00 13.68 28.06
N TRP A 580 28.38 12.61 28.75
CA TRP A 580 29.15 12.74 29.97
C TRP A 580 30.38 13.55 29.58
N HIS A 581 30.74 14.57 30.36
CA HIS A 581 30.16 14.93 31.66
C HIS A 581 28.69 15.33 31.68
N GLU A 582 28.41 16.61 31.53
CA GLU A 582 27.03 17.10 31.53
C GLU A 582 26.13 16.57 32.64
N ALA A 583 25.96 15.26 32.68
CA ALA A 583 24.96 14.62 33.54
C ALA A 583 25.24 14.91 35.00
N SER A 584 26.50 15.28 35.29
CA SER A 584 26.92 15.88 36.55
C SER A 584 27.13 14.89 37.69
N THR A 585 27.19 15.42 38.91
CA THR A 585 27.90 14.74 40.00
C THR A 585 27.20 13.52 40.65
N GLU A 586 26.12 13.61 41.44
CA GLU A 586 25.23 14.75 41.64
C GLU A 586 24.26 14.41 42.78
N PHE A 587 24.59 14.74 44.03
CA PHE A 587 23.74 14.28 45.15
C PHE A 587 23.52 15.20 46.37
N ALA A 588 22.57 16.11 46.18
CA ALA A 588 21.87 16.82 47.25
C ALA A 588 20.87 15.83 47.89
N TYR A 589 20.36 16.04 49.11
CA TYR A 589 20.33 17.29 49.84
C TYR A 589 20.11 17.08 51.33
N GLU A 590 20.67 17.96 52.14
CA GLU A 590 20.45 17.93 53.57
C GLU A 590 19.30 18.83 53.98
N ASP A 591 18.08 18.34 53.86
CA ASP A 591 16.95 19.19 54.14
C ASP A 591 16.53 19.14 55.60
N ALA A 592 17.18 19.94 56.42
CA ALA A 592 16.79 20.07 57.81
C ALA A 592 15.45 20.81 57.91
N TYR A 593 14.68 20.52 58.93
CA TYR A 593 13.48 21.31 59.20
C TYR A 593 13.22 21.37 60.69
N SER A 594 12.71 22.52 61.12
CA SER A 594 12.35 22.74 62.51
C SER A 594 10.94 22.26 62.81
N VAL A 595 10.70 21.95 64.08
CA VAL A 595 9.37 21.75 64.57
C VAL A 595 9.22 22.56 65.83
N THR A 596 8.61 23.73 65.70
CA THR A 596 8.54 24.64 66.82
C THR A 596 7.45 24.16 67.77
N ILE A 597 7.74 23.08 68.47
CA ILE A 597 6.87 22.67 69.57
C ILE A 597 7.09 23.76 70.59
N ARG A 598 6.14 23.96 71.48
CA ARG A 598 6.06 25.18 72.26
C ARG A 598 7.39 25.63 72.83
N ASN A 599 7.74 26.85 72.46
CA ASN A 599 8.97 27.57 72.82
C ASN A 599 10.25 26.73 72.73
N LYS A 600 10.31 25.80 71.79
CA LYS A 600 11.51 25.00 71.55
C LYS A 600 11.66 24.58 70.10
N ARG A 601 12.89 24.29 69.70
CA ARG A 601 13.23 24.18 68.29
C ARG A 601 13.17 22.75 67.77
N TYR A 602 14.12 21.94 68.20
CA TYR A 602 14.18 20.52 67.84
C TYR A 602 14.25 20.26 66.34
N THR A 603 15.05 21.06 65.65
CA THR A 603 15.27 20.88 64.23
C THR A 603 15.96 19.55 63.96
N ALA A 604 15.60 18.90 62.86
CA ALA A 604 16.22 17.64 62.50
C ALA A 604 16.62 17.63 61.04
N GLU A 605 17.49 16.71 60.64
CA GLU A 605 18.01 16.67 59.29
C GLU A 605 18.36 15.24 58.94
N VAL A 606 18.66 14.97 57.67
CA VAL A 606 19.01 13.61 57.29
C VAL A 606 19.87 13.54 56.04
N LYS A 607 20.76 12.56 55.99
CA LYS A 607 21.83 12.49 55.00
C LYS A 607 21.48 11.72 53.72
N GLU A 608 20.47 12.20 53.01
CA GLU A 608 20.05 11.62 51.72
C GLU A 608 20.13 10.10 51.59
N PHE A 609 21.32 9.52 51.61
CA PHE A 609 21.48 8.16 51.09
C PHE A 609 20.72 7.11 51.87
N GLU A 610 20.61 7.29 53.18
CA GLU A 610 19.98 6.28 54.00
C GLU A 610 18.46 6.42 53.94
N LEU A 611 17.98 7.48 53.30
CA LEU A 611 16.56 7.55 53.00
C LEU A 611 16.27 6.40 52.07
N LEU A 612 17.27 6.06 51.27
CA LEU A 612 17.16 4.94 50.35
C LEU A 612 17.44 3.66 51.11
N GLY A 613 17.93 3.81 52.33
CA GLY A 613 18.18 2.68 53.22
C GLY A 613 19.54 2.07 52.96
N LEU A 614 20.21 2.60 51.95
CA LEU A 614 21.53 2.13 51.58
C LEU A 614 22.56 2.69 52.55
N GLY A 615 23.66 1.97 52.72
CA GLY A 615 24.78 2.43 53.52
C GLY A 615 26.12 1.97 52.97
N GLN A 616 27.11 2.84 53.06
CA GLN A 616 26.94 4.15 53.67
C GLN A 616 26.82 5.24 52.61
N ARG A 617 27.48 6.35 52.87
CA ARG A 617 27.52 7.45 51.93
C ARG A 617 28.14 6.94 50.64
N ARG A 618 27.59 7.36 49.51
CA ARG A 618 28.18 7.03 48.22
C ARG A 618 28.93 8.27 47.74
N GLU A 619 30.06 8.06 47.08
CA GLU A 619 30.86 9.19 46.68
C GLU A 619 30.60 9.65 45.25
N ARG A 620 30.30 8.71 44.37
CA ARG A 620 30.52 8.93 42.95
C ARG A 620 29.39 8.40 42.10
N VAL A 621 28.27 8.12 42.73
CA VAL A 621 27.08 7.74 42.00
C VAL A 621 26.67 8.96 41.19
N ARG A 622 26.14 8.75 39.99
CA ARG A 622 25.91 9.88 39.10
C ARG A 622 24.54 9.89 38.46
N ILE A 623 23.61 10.56 39.13
CA ILE A 623 22.28 10.76 38.62
C ILE A 623 22.37 11.65 37.39
N LEU A 624 21.44 11.48 36.46
CA LEU A 624 21.34 12.36 35.31
C LEU A 624 20.82 13.70 35.78
N LYS A 625 20.29 14.47 34.85
CA LYS A 625 19.54 15.66 35.21
C LYS A 625 18.24 15.63 34.45
N PRO A 626 17.28 14.85 34.95
CA PRO A 626 16.06 14.59 34.18
C PRO A 626 15.34 15.88 33.88
N THR A 627 14.80 15.95 32.68
CA THR A 627 14.22 17.19 32.20
C THR A 627 12.73 17.12 32.29
N VAL A 628 12.05 17.70 31.31
CA VAL A 628 10.61 17.54 31.17
C VAL A 628 9.89 17.98 32.41
N ALA A 629 9.98 17.13 33.43
CA ALA A 629 9.19 17.28 34.62
C ALA A 629 9.43 18.62 35.25
N HIS A 630 10.64 19.13 35.08
CA HIS A 630 10.98 20.40 35.67
C HIS A 630 10.01 21.43 35.16
N ALA A 631 9.74 21.37 33.86
CA ALA A 631 8.87 22.35 33.25
C ALA A 631 7.47 22.23 33.81
N ILE A 632 7.05 20.99 34.08
CA ILE A 632 5.70 20.79 34.54
C ILE A 632 5.57 21.39 35.92
N ILE A 633 6.44 20.96 36.82
CA ILE A 633 6.33 21.38 38.19
C ILE A 633 6.55 22.87 38.33
N GLN A 634 7.41 23.42 37.49
CA GLN A 634 7.60 24.85 37.52
C GLN A 634 6.32 25.52 37.10
N MET A 635 5.70 24.98 36.07
CA MET A 635 4.51 25.62 35.53
C MET A 635 3.43 25.59 36.59
N TRP A 636 3.46 24.52 37.36
CA TRP A 636 2.52 24.28 38.43
C TRP A 636 2.72 25.30 39.53
N TYR A 637 3.98 25.55 39.81
CA TYR A 637 4.40 26.45 40.86
C TYR A 637 4.01 27.89 40.52
N SER A 638 4.44 28.31 39.35
CA SER A 638 4.20 29.66 38.90
C SER A 638 2.72 29.88 38.71
N TRP A 639 2.03 28.88 38.21
CA TRP A 639 0.61 29.04 38.03
C TRP A 639 -0.10 29.16 39.36
N PHE A 640 0.41 28.49 40.39
CA PHE A 640 -0.17 28.74 41.69
C PHE A 640 0.06 30.17 42.07
N VAL A 641 1.20 30.71 41.65
CA VAL A 641 1.45 32.10 41.97
C VAL A 641 0.37 32.93 41.30
N GLU A 642 0.04 32.62 40.05
CA GLU A 642 -0.99 33.37 39.36
C GLU A 642 -2.29 33.23 40.13
N ASP A 643 -2.47 32.04 40.69
CA ASP A 643 -3.71 31.69 41.35
C ASP A 643 -3.92 32.56 42.56
N ASP A 644 -3.07 32.36 43.55
CA ASP A 644 -3.28 33.05 44.80
C ASP A 644 -3.17 34.56 44.62
N ARG A 645 -2.36 35.02 43.66
CA ARG A 645 -2.34 36.46 43.46
C ARG A 645 -3.73 36.91 43.03
N THR A 646 -4.26 36.24 42.01
CA THR A 646 -5.56 36.64 41.47
C THR A 646 -6.64 36.60 42.53
N LEU A 647 -6.71 35.49 43.25
CA LEU A 647 -7.78 35.30 44.20
C LEU A 647 -7.67 36.30 45.34
N ALA A 648 -6.44 36.52 45.81
CA ALA A 648 -6.26 37.41 46.93
C ALA A 648 -6.66 38.82 46.53
N ALA A 649 -6.34 39.19 45.29
CA ALA A 649 -6.73 40.51 44.81
C ALA A 649 -8.24 40.59 44.74
N ALA A 650 -8.83 39.46 44.39
CA ALA A 650 -10.27 39.39 44.22
C ALA A 650 -10.95 39.69 45.54
N ARG A 651 -10.49 39.06 46.60
CA ARG A 651 -11.08 39.37 47.89
C ARG A 651 -10.70 40.78 48.32
N ARG A 652 -9.56 41.28 47.84
CA ARG A 652 -9.17 42.63 48.20
C ARG A 652 -10.23 43.59 47.71
N THR A 653 -10.82 43.28 46.56
CA THR A 653 -11.98 44.05 46.13
C THR A 653 -12.69 43.38 44.95
N SER A 654 -13.76 42.65 45.25
CA SER A 654 -14.68 42.19 44.22
C SER A 654 -15.93 41.46 44.76
N ARG A 655 -16.81 42.12 45.53
CA ARG A 655 -16.66 43.47 46.06
C ARG A 655 -17.51 43.75 47.32
N ASP A 656 -18.83 43.47 47.39
CA ASP A 656 -19.70 42.44 46.75
C ASP A 656 -19.32 41.06 47.28
N ASP A 657 -19.97 40.71 48.39
CA ASP A 657 -19.61 39.58 49.26
C ASP A 657 -19.75 38.21 48.62
N ALA A 658 -20.74 38.06 47.74
CA ALA A 658 -21.12 36.75 47.25
C ALA A 658 -19.93 36.09 46.55
N GLU A 659 -19.07 36.92 46.00
CA GLU A 659 -17.90 36.42 45.30
C GLU A 659 -16.73 36.17 46.23
N LYS A 660 -16.55 37.02 47.25
CA LYS A 660 -15.32 36.94 48.04
C LYS A 660 -15.23 35.59 48.75
N LEU A 661 -16.30 35.19 49.41
CA LEU A 661 -16.28 33.92 50.09
C LEU A 661 -16.05 32.84 49.07
N ALA A 662 -16.63 33.02 47.89
CA ALA A 662 -16.45 32.03 46.85
C ALA A 662 -14.96 31.84 46.64
N ILE A 663 -14.28 32.94 46.34
CA ILE A 663 -12.88 32.78 46.03
C ILE A 663 -12.15 32.36 47.29
N ASP A 664 -12.54 32.87 48.45
CA ASP A 664 -11.71 32.55 49.60
C ASP A 664 -12.07 31.14 49.99
N GLY A 665 -13.27 30.73 49.56
CA GLY A 665 -13.65 29.35 49.73
C GLY A 665 -12.81 28.58 48.74
N ARG A 666 -12.80 29.06 47.51
CA ARG A 666 -12.09 28.42 46.42
C ARG A 666 -10.67 28.18 46.87
N ARG A 667 -10.08 29.26 47.39
CA ARG A 667 -8.70 29.29 47.81
C ARG A 667 -8.42 28.07 48.65
N MET A 668 -9.29 27.84 49.63
CA MET A 668 -9.03 26.81 50.59
C MET A 668 -8.81 25.48 49.90
N GLN A 669 -9.77 25.05 49.07
CA GLN A 669 -9.64 23.66 48.65
C GLN A 669 -8.50 23.56 47.67
N ASN A 670 -8.14 24.69 47.07
CA ASN A 670 -7.01 24.65 46.16
C ASN A 670 -5.84 24.15 46.97
N ALA A 671 -5.60 24.80 48.09
CA ALA A 671 -4.52 24.38 48.96
C ALA A 671 -4.83 22.99 49.45
N VAL A 672 -6.09 22.75 49.77
CA VAL A 672 -6.45 21.47 50.33
C VAL A 672 -6.11 20.43 49.29
N THR A 673 -6.34 20.79 48.03
CA THR A 673 -6.10 19.84 46.96
C THR A 673 -4.63 19.48 47.01
N LEU A 674 -3.78 20.50 47.04
CA LEU A 674 -2.36 20.22 46.96
C LEU A 674 -1.97 19.43 48.17
N LEU A 675 -2.62 19.72 49.30
CA LEU A 675 -2.27 19.06 50.52
C LEU A 675 -2.32 17.59 50.26
N ARG A 676 -3.46 17.18 49.71
CA ARG A 676 -3.72 15.77 49.58
C ARG A 676 -2.65 15.18 48.70
N LYS A 677 -2.39 15.82 47.56
CA LYS A 677 -1.50 15.17 46.63
C LYS A 677 -0.09 15.14 47.18
N ILE A 678 0.23 16.05 48.08
CA ILE A 678 1.58 16.05 48.61
C ILE A 678 1.84 14.79 49.43
N GLU A 679 0.82 14.23 50.08
CA GLU A 679 1.10 12.98 50.79
C GLU A 679 1.46 11.90 49.80
N MET A 680 0.86 11.93 48.63
CA MET A 680 1.18 10.96 47.60
C MET A 680 2.60 11.16 47.13
N ILE A 681 3.10 12.37 47.29
CA ILE A 681 4.46 12.61 46.88
C ILE A 681 5.38 11.83 47.79
N GLY A 682 4.96 11.65 49.03
CA GLY A 682 5.85 11.13 50.05
C GLY A 682 5.51 9.81 50.70
N THR A 683 4.60 9.84 51.66
CA THR A 683 4.37 8.70 52.52
C THR A 683 3.63 7.64 51.72
N THR A 684 4.38 6.98 50.85
CA THR A 684 3.86 5.91 49.99
C THR A 684 5.03 5.40 49.18
N GLY A 685 6.23 5.61 49.69
CA GLY A 685 7.43 5.35 48.95
C GLY A 685 7.89 6.65 48.37
N ILE A 686 9.02 7.15 48.84
CA ILE A 686 9.82 6.45 49.83
C ILE A 686 10.04 7.37 51.02
N GLY A 687 9.28 8.45 51.08
CA GLY A 687 9.51 9.49 52.06
C GLY A 687 8.99 9.07 53.42
N ALA A 688 8.33 7.92 53.46
CA ALA A 688 7.95 7.34 54.74
C ALA A 688 9.22 7.08 55.52
N SER A 689 10.28 6.77 54.79
CA SER A 689 11.58 6.64 55.41
C SER A 689 11.97 7.98 56.01
N ALA A 690 11.58 9.06 55.33
CA ALA A 690 11.97 10.39 55.76
C ALA A 690 11.28 10.72 57.06
N VAL A 691 9.98 10.50 57.13
CA VAL A 691 9.28 10.80 58.36
C VAL A 691 9.78 9.88 59.46
N HIS A 692 10.18 8.67 59.07
CA HIS A 692 10.66 7.70 60.04
C HIS A 692 11.90 8.21 60.72
N LEU A 693 12.88 8.58 59.91
CA LEU A 693 14.13 9.05 60.45
C LEU A 693 13.94 10.37 61.17
N ALA A 694 13.00 11.17 60.70
CA ALA A 694 12.77 12.45 61.36
C ALA A 694 12.26 12.20 62.77
N GLN A 695 11.36 11.24 62.90
CA GLN A 695 10.83 10.88 64.20
C GLN A 695 11.97 10.37 65.08
N SER A 696 12.87 9.62 64.47
CA SER A 696 13.98 9.07 65.22
C SER A 696 14.83 10.20 65.79
N ARG A 697 15.21 11.12 64.91
CA ARG A 697 16.12 12.18 65.29
C ARG A 697 15.47 13.04 66.34
N ILE A 698 14.18 13.25 66.22
CA ILE A 698 13.54 14.20 67.10
C ILE A 698 13.35 13.60 68.48
N VAL A 699 12.87 12.37 68.55
CA VAL A 699 12.66 11.77 69.86
C VAL A 699 13.99 11.55 70.55
N ASP A 700 14.98 11.13 69.78
CA ASP A 700 16.29 10.91 70.36
C ASP A 700 16.84 12.24 70.84
N GLN A 701 16.48 13.32 70.16
CA GLN A 701 16.85 14.64 70.63
C GLN A 701 16.14 14.95 71.94
N MET A 702 14.93 14.43 72.09
CA MET A 702 14.19 14.64 73.33
C MET A 702 14.99 14.00 74.44
N ALA A 703 15.41 12.77 74.20
CA ALA A 703 16.15 12.04 75.20
C ALA A 703 17.48 12.71 75.50
N GLY A 704 18.07 13.30 74.47
CA GLY A 704 19.41 13.86 74.60
C GLY A 704 19.42 15.18 75.34
N ARG A 705 18.35 15.94 75.17
CA ARG A 705 18.17 17.17 75.92
C ARG A 705 17.60 16.76 77.27
N GLY A 706 17.27 15.48 77.37
CA GLY A 706 16.77 14.92 78.60
C GLY A 706 15.43 14.26 78.40
N LEU A 707 14.37 14.99 78.72
CA LEU A 707 13.02 14.45 78.69
C LEU A 707 12.50 14.08 77.29
N ILE A 708 11.85 12.93 77.21
CA ILE A 708 11.06 12.56 76.05
C ILE A 708 9.64 12.83 76.46
N ASP A 709 9.52 13.54 77.55
CA ASP A 709 8.28 13.69 78.27
C ASP A 709 7.18 14.28 77.41
N ASP A 710 7.47 15.42 76.80
CA ASP A 710 6.47 16.15 76.04
C ASP A 710 6.30 15.50 74.67
N SER A 711 7.20 14.59 74.35
CA SER A 711 7.29 14.07 72.99
C SER A 711 6.15 13.13 72.68
N SER A 712 4.96 13.70 72.51
CA SER A 712 3.85 12.97 71.93
C SER A 712 3.93 13.11 70.42
N ASP A 713 4.95 13.83 69.95
CA ASP A 713 4.94 14.34 68.60
C ASP A 713 5.26 13.29 67.54
N LEU A 714 4.51 12.21 67.57
CA LEU A 714 4.39 11.35 66.42
C LEU A 714 2.93 11.38 66.00
N HIS A 715 2.20 12.33 66.59
CA HIS A 715 0.74 12.32 66.48
C HIS A 715 0.16 13.15 65.33
N VAL A 716 -0.65 14.14 65.67
CA VAL A 716 -1.70 14.59 64.79
C VAL A 716 -1.44 15.81 63.91
N GLY A 717 -2.05 15.76 62.73
CA GLY A 717 -2.31 16.92 61.89
C GLY A 717 -1.24 17.98 61.77
N ILE A 718 -1.25 18.94 62.69
CA ILE A 718 -0.40 20.11 62.60
C ILE A 718 1.04 19.69 62.45
N ASN A 719 1.50 18.89 63.41
CA ASN A 719 2.82 18.33 63.29
C ASN A 719 2.87 17.35 62.14
N ARG A 720 1.74 16.73 61.83
CA ARG A 720 1.73 15.74 60.79
C ARG A 720 1.74 16.40 59.43
N HIS A 721 0.95 17.46 59.26
CA HIS A 721 1.03 18.22 58.03
C HIS A 721 2.43 18.71 57.87
N ARG A 722 2.99 19.19 58.97
CA ARG A 722 4.36 19.65 59.01
C ARG A 722 5.23 18.59 58.37
N ILE A 723 5.39 17.49 59.09
CA ILE A 723 6.35 16.47 58.72
C ILE A 723 6.01 15.80 57.39
N ARG A 724 4.73 15.63 57.09
CA ARG A 724 4.40 14.92 55.87
C ARG A 724 4.68 15.75 54.65
N ILE A 725 4.18 16.98 54.67
CA ILE A 725 4.35 17.84 53.51
C ILE A 725 5.83 18.06 53.35
N TRP A 726 6.52 18.15 54.49
CA TRP A 726 7.94 18.27 54.46
C TRP A 726 8.54 17.07 53.77
N ALA A 727 7.93 15.91 53.97
CA ALA A 727 8.53 14.68 53.50
C ALA A 727 8.42 14.56 52.00
N GLY A 728 7.21 14.75 51.50
CA GLY A 728 7.01 14.58 50.09
C GLY A 728 7.79 15.65 49.38
N LEU A 729 7.82 16.84 49.99
CA LEU A 729 8.57 17.93 49.43
C LEU A 729 10.05 17.57 49.44
N ALA A 730 10.43 16.75 50.41
CA ALA A 730 11.83 16.44 50.60
C ALA A 730 12.33 15.45 49.58
N VAL A 731 11.56 14.39 49.34
CA VAL A 731 11.98 13.41 48.36
C VAL A 731 11.98 14.12 47.02
N LEU A 732 11.09 15.10 46.94
CA LEU A 732 11.01 15.98 45.81
C LEU A 732 12.28 16.83 45.72
N GLN A 733 12.88 17.14 46.86
CA GLN A 733 14.18 17.81 46.87
C GLN A 733 15.23 16.86 46.36
N MET A 734 15.13 15.61 46.77
CA MET A 734 16.06 14.59 46.31
C MET A 734 15.82 14.37 44.84
N MET A 735 14.58 14.56 44.43
CA MET A 735 14.31 14.66 43.02
C MET A 735 15.05 15.87 42.54
N GLY A 736 15.65 15.79 41.35
CA GLY A 736 16.59 16.80 40.90
C GLY A 736 15.90 18.05 40.44
N LEU A 737 14.58 18.07 40.53
CA LEU A 737 13.81 19.19 40.05
C LEU A 737 13.23 20.01 41.20
N LEU A 738 12.94 21.28 40.88
CA LEU A 738 12.48 22.32 41.81
C LEU A 738 13.42 22.50 42.98
N SER A 739 13.93 23.71 43.12
CA SER A 739 15.06 23.96 44.01
C SER A 739 14.70 23.77 45.45
N ARG A 740 14.18 24.82 46.07
CA ARG A 740 14.29 24.95 47.49
C ARG A 740 13.48 26.14 47.92
N SER A 741 13.59 27.22 47.17
CA SER A 741 12.79 28.40 47.42
C SER A 741 11.34 28.02 47.22
N GLU A 742 11.13 27.10 46.28
CA GLU A 742 9.79 26.64 45.96
C GLU A 742 9.23 25.96 47.17
N ALA A 743 10.11 25.33 47.92
CA ALA A 743 9.70 24.60 49.10
C ALA A 743 9.15 25.54 50.16
N GLU A 744 9.96 26.53 50.52
CA GLU A 744 9.59 27.47 51.55
C GLU A 744 8.38 28.29 51.13
N ALA A 745 8.32 28.61 49.85
CA ALA A 745 7.17 29.33 49.33
C ALA A 745 5.95 28.44 49.40
N LEU A 746 6.16 27.15 49.24
CA LEU A 746 5.05 26.22 49.19
C LEU A 746 4.44 26.09 50.56
N THR A 747 5.29 25.87 51.54
CA THR A 747 4.80 25.77 52.90
C THR A 747 4.22 27.12 53.31
N LYS A 748 4.75 28.16 52.70
CA LYS A 748 4.19 29.50 52.88
C LYS A 748 2.78 29.54 52.36
N VAL A 749 2.51 28.77 51.32
CA VAL A 749 1.18 28.75 50.75
C VAL A 749 0.25 28.01 51.68
N LEU A 750 0.65 26.81 52.06
CA LEU A 750 -0.24 25.98 52.86
C LEU A 750 -0.51 26.59 54.22
N GLY A 751 0.47 27.35 54.71
CA GLY A 751 0.45 27.78 56.10
C GLY A 751 -0.70 28.70 56.42
N ASP A 752 -1.12 29.49 55.43
CA ASP A 752 -2.27 30.36 55.61
C ASP A 752 -3.52 29.63 55.19
N SER A 753 -3.37 28.41 54.70
CA SER A 753 -4.44 27.79 53.94
C SER A 753 -4.64 26.30 54.16
N ASN A 754 -5.32 25.93 55.24
CA ASN A 754 -5.57 26.83 56.34
C ASN A 754 -4.31 26.92 57.24
N ALA A 755 -3.59 25.82 57.52
CA ALA A 755 -3.98 24.43 57.27
C ALA A 755 -4.97 23.98 58.33
N LEU A 756 -5.77 22.98 57.99
CA LEU A 756 -6.80 22.53 58.90
C LEU A 756 -7.04 21.05 58.84
N GLY A 757 -7.53 20.59 57.70
CA GLY A 757 -7.98 19.23 57.60
C GLY A 757 -9.15 19.03 58.55
N MET A 758 -9.06 18.04 59.43
CA MET A 758 -7.88 17.19 59.57
C MET A 758 -7.92 16.05 58.58
N VAL A 759 -7.34 16.29 57.40
CA VAL A 759 -7.49 15.40 56.27
C VAL A 759 -6.82 14.05 56.51
N VAL A 760 -5.77 14.02 57.32
CA VAL A 760 -5.05 12.78 57.55
C VAL A 760 -5.95 11.79 58.28
N ALA A 761 -5.93 10.54 57.83
CA ALA A 761 -5.17 10.14 56.66
N GLY B 1 -32.65 22.24 -25.61
CA GLY B 1 -32.59 23.21 -24.54
C GLY B 1 -33.92 23.89 -24.27
N PHE B 2 -34.17 24.24 -23.01
CA PHE B 2 -35.42 24.89 -22.64
C PHE B 2 -35.23 25.76 -21.41
N ASN B 3 -36.34 26.27 -20.90
CA ASN B 3 -36.30 27.12 -19.73
C ASN B 3 -37.45 26.94 -18.74
N LEU B 4 -37.22 27.42 -17.53
CA LEU B 4 -38.05 27.14 -16.37
C LEU B 4 -37.79 28.19 -15.30
N LYS B 5 -38.79 28.45 -14.47
CA LYS B 5 -38.62 29.39 -13.37
C LYS B 5 -37.81 28.75 -12.24
N VAL B 6 -37.09 29.57 -11.48
CA VAL B 6 -36.28 29.05 -10.39
C VAL B 6 -37.09 28.78 -9.14
N LYS B 7 -37.90 29.76 -8.73
CA LYS B 7 -38.72 29.60 -7.53
C LYS B 7 -39.75 28.51 -7.75
N ASP B 8 -40.16 28.34 -9.00
CA ASP B 8 -41.32 27.51 -9.30
C ASP B 8 -40.89 26.26 -10.06
N LEU B 9 -39.61 25.94 -10.01
CA LEU B 9 -39.09 24.84 -10.83
C LEU B 9 -39.74 23.51 -10.48
N ASN B 10 -40.12 23.35 -9.21
CA ASN B 10 -40.88 22.19 -8.80
C ASN B 10 -42.28 22.24 -9.39
N GLY B 11 -42.78 23.44 -9.61
CA GLY B 11 -44.04 23.59 -10.31
C GLY B 11 -43.78 23.58 -11.80
N SER B 12 -42.51 23.66 -12.16
CA SER B 12 -42.12 23.69 -13.56
C SER B 12 -41.53 22.36 -13.97
N ALA B 13 -40.21 22.28 -14.03
CA ALA B 13 -39.56 21.03 -14.37
C ALA B 13 -39.54 20.13 -13.15
N ARG B 14 -40.73 19.73 -12.73
CA ARG B 14 -40.94 19.04 -11.47
C ARG B 14 -40.18 17.73 -11.39
N GLY B 15 -40.01 17.09 -12.53
CA GLY B 15 -39.26 15.86 -12.54
C GLY B 15 -37.79 16.12 -12.33
N LEU B 16 -37.35 17.32 -12.71
CA LEU B 16 -35.94 17.60 -12.74
C LEU B 16 -35.41 18.04 -11.40
N THR B 17 -36.31 18.11 -10.42
CA THR B 17 -36.03 18.77 -9.16
C THR B 17 -35.32 17.90 -8.14
N GLN B 18 -34.83 16.74 -8.59
CA GLN B 18 -34.06 15.82 -7.74
C GLN B 18 -34.87 15.26 -6.59
N ALA B 19 -35.74 16.09 -6.02
CA ALA B 19 -36.69 15.61 -5.05
C ALA B 19 -37.55 14.56 -5.75
N PHE B 20 -37.72 14.75 -7.06
CA PHE B 20 -38.44 13.80 -7.90
C PHE B 20 -37.71 12.48 -8.04
N ALA B 21 -36.38 12.50 -7.88
CA ALA B 21 -35.62 11.27 -7.99
C ALA B 21 -36.07 10.35 -6.88
N ILE B 22 -36.56 10.96 -5.82
CA ILE B 22 -37.23 10.24 -4.77
C ILE B 22 -38.72 10.44 -5.01
N GLY B 23 -39.56 9.64 -4.36
CA GLY B 23 -40.99 9.66 -4.63
C GLY B 23 -41.62 10.89 -4.01
N GLU B 24 -40.79 11.74 -3.43
CA GLU B 24 -41.25 12.94 -2.77
C GLU B 24 -42.06 13.83 -3.71
N LEU B 25 -43.17 14.33 -3.16
CA LEU B 25 -43.94 15.40 -3.78
C LEU B 25 -44.42 16.26 -2.63
N LYS B 26 -45.41 15.76 -1.91
CA LYS B 26 -45.81 16.29 -0.62
C LYS B 26 -46.24 17.75 -0.60
N ASN B 27 -46.69 18.18 0.57
CA ASN B 27 -46.79 19.60 0.86
C ASN B 27 -45.39 20.17 0.90
N GLN B 28 -44.44 19.31 1.25
CA GLN B 28 -43.07 19.74 1.49
C GLN B 28 -42.14 19.38 0.34
N LEU B 29 -41.17 20.25 0.08
CA LEU B 29 -40.20 20.02 -0.96
C LEU B 29 -38.97 19.36 -0.39
N SER B 30 -39.15 18.14 0.09
CA SER B 30 -38.07 17.36 0.68
C SER B 30 -37.37 18.16 1.78
N VAL B 31 -36.08 17.94 1.91
CA VAL B 31 -35.16 18.71 2.75
C VAL B 31 -35.63 18.85 4.20
N GLY B 32 -34.94 19.71 4.95
CA GLY B 32 -35.03 19.76 6.40
C GLY B 32 -33.60 20.01 6.82
N ALA B 33 -33.12 19.28 7.83
CA ALA B 33 -31.72 19.34 8.19
C ALA B 33 -31.31 18.12 8.99
N LEU B 34 -30.07 17.68 8.80
CA LEU B 34 -29.53 16.64 9.66
C LEU B 34 -28.01 16.56 9.51
N GLN B 35 -27.46 15.38 9.28
CA GLN B 35 -26.12 15.09 9.80
C GLN B 35 -24.96 14.80 8.86
N LEU B 36 -24.64 13.52 8.73
CA LEU B 36 -23.26 13.08 8.52
C LEU B 36 -22.62 13.48 7.20
N PRO B 37 -21.48 14.19 7.28
CA PRO B 37 -20.83 14.79 6.13
C PRO B 37 -19.62 14.05 5.58
N LEU B 38 -19.52 14.02 4.26
CA LEU B 38 -18.33 13.60 3.55
C LEU B 38 -18.56 13.84 2.06
N GLN B 39 -17.73 14.66 1.45
CA GLN B 39 -17.87 14.91 0.01
C GLN B 39 -17.67 13.59 -0.71
N PHE B 40 -18.56 13.26 -1.63
CA PHE B 40 -18.68 11.87 -2.04
C PHE B 40 -17.66 11.46 -3.09
N THR B 41 -16.95 12.44 -3.64
CA THR B 41 -15.67 12.29 -4.37
C THR B 41 -15.42 11.14 -5.38
N ARG B 42 -14.38 11.35 -6.17
CA ARG B 42 -13.87 10.43 -7.21
C ARG B 42 -14.94 9.79 -8.09
N THR B 43 -15.41 10.52 -9.08
CA THR B 43 -16.38 9.95 -10.02
C THR B 43 -15.77 9.16 -11.18
N PHE B 44 -16.54 8.19 -11.65
CA PHE B 44 -16.17 7.45 -12.84
C PHE B 44 -16.09 8.36 -14.06
N SER B 45 -15.12 8.09 -14.93
CA SER B 45 -14.54 9.11 -15.80
C SER B 45 -15.41 9.60 -16.96
N ALA B 46 -14.77 9.83 -18.10
CA ALA B 46 -15.41 10.45 -19.25
C ALA B 46 -15.51 9.50 -20.42
N SER B 47 -16.68 8.89 -20.58
CA SER B 47 -16.88 7.97 -21.68
C SER B 47 -17.19 8.72 -22.97
N MET B 48 -17.41 10.03 -22.88
CA MET B 48 -17.73 10.78 -24.09
C MET B 48 -16.52 10.78 -25.00
N THR B 49 -16.75 11.15 -26.25
CA THR B 49 -15.78 11.00 -27.33
C THR B 49 -15.01 9.69 -27.23
N SER B 50 -13.73 9.72 -27.59
CA SER B 50 -12.85 8.56 -27.54
C SER B 50 -13.32 7.43 -28.45
N GLU B 51 -14.05 7.77 -29.50
CA GLU B 51 -14.47 6.78 -30.47
C GLU B 51 -13.28 6.23 -31.23
N LEU B 52 -13.31 4.94 -31.54
CA LEU B 52 -12.25 4.30 -32.30
C LEU B 52 -12.64 2.89 -32.74
N LEU B 53 -11.97 2.36 -33.75
CA LEU B 53 -12.15 0.97 -34.12
C LEU B 53 -11.50 0.04 -33.09
N TRP B 54 -12.05 -1.16 -32.96
CA TRP B 54 -11.32 -2.24 -32.32
C TRP B 54 -11.32 -3.49 -33.19
N GLU B 55 -10.31 -4.33 -32.99
CA GLU B 55 -10.18 -5.56 -33.74
C GLU B 55 -10.52 -6.79 -32.94
N VAL B 56 -11.58 -7.48 -33.34
CA VAL B 56 -11.87 -8.80 -32.80
C VAL B 56 -10.74 -9.68 -33.24
N GLY B 57 -10.52 -9.71 -34.54
CA GLY B 57 -9.37 -10.33 -35.16
C GLY B 57 -9.02 -11.73 -34.71
N LYS B 58 -7.92 -11.81 -33.98
CA LYS B 58 -7.26 -13.07 -33.65
C LYS B 58 -8.09 -13.98 -32.77
N GLY B 59 -7.86 -15.29 -32.92
CA GLY B 59 -8.57 -16.28 -32.14
C GLY B 59 -7.92 -16.43 -30.78
N ASN B 60 -6.84 -15.66 -30.57
CA ASN B 60 -6.15 -15.63 -29.29
C ASN B 60 -7.06 -15.04 -28.23
N ILE B 61 -8.13 -14.40 -28.70
CA ILE B 61 -9.29 -13.99 -27.91
C ILE B 61 -9.02 -13.26 -26.61
N ASP B 62 -9.32 -11.97 -26.62
CA ASP B 62 -9.36 -11.19 -25.40
C ASP B 62 -10.80 -11.02 -24.98
N PRO B 63 -11.20 -11.70 -23.91
CA PRO B 63 -12.56 -11.60 -23.38
C PRO B 63 -12.88 -10.17 -22.98
N VAL B 64 -11.87 -9.48 -22.49
CA VAL B 64 -12.06 -8.18 -21.91
C VAL B 64 -12.68 -7.25 -22.92
N MET B 65 -12.01 -7.14 -24.07
CA MET B 65 -12.47 -6.23 -25.09
C MET B 65 -13.83 -6.66 -25.58
N TYR B 66 -14.02 -7.96 -25.66
CA TYR B 66 -15.27 -8.46 -26.17
C TYR B 66 -16.38 -8.05 -25.24
N ALA B 67 -16.07 -8.00 -23.94
CA ALA B 67 -17.08 -7.61 -22.96
C ALA B 67 -17.53 -6.20 -23.23
N ARG B 68 -16.52 -5.38 -23.48
CA ARG B 68 -16.70 -3.98 -23.71
C ARG B 68 -17.61 -3.86 -24.91
N LEU B 69 -17.37 -4.74 -25.87
CA LEU B 69 -18.19 -4.78 -27.05
C LEU B 69 -19.61 -5.18 -26.73
N PHE B 70 -19.77 -6.06 -25.75
CA PHE B 70 -21.10 -6.56 -25.50
C PHE B 70 -21.94 -5.45 -24.95
N PHE B 71 -21.38 -4.71 -24.00
CA PHE B 71 -22.14 -3.60 -23.46
C PHE B 71 -22.39 -2.62 -24.58
N GLN B 72 -21.41 -2.51 -25.46
CA GLN B 72 -21.41 -1.51 -26.50
C GLN B 72 -22.59 -1.70 -27.42
N TYR B 73 -22.61 -2.85 -28.08
CA TYR B 73 -23.69 -3.21 -28.95
C TYR B 73 -24.99 -3.26 -28.19
N ALA B 74 -24.93 -3.65 -26.93
CA ALA B 74 -26.15 -3.85 -26.18
C ALA B 74 -26.91 -2.55 -26.10
N GLN B 75 -26.23 -1.50 -25.69
CA GLN B 75 -26.88 -0.21 -25.69
C GLN B 75 -27.20 0.17 -27.12
N ALA B 76 -26.31 -0.18 -28.02
CA ALA B 76 -26.46 0.25 -29.40
C ALA B 76 -27.39 -0.65 -30.21
N GLY B 77 -27.75 -1.80 -29.66
CA GLY B 77 -28.38 -2.84 -30.45
C GLY B 77 -29.89 -2.82 -30.52
N GLY B 78 -30.44 -3.95 -30.97
CA GLY B 78 -31.87 -4.14 -31.02
C GLY B 78 -32.44 -4.87 -29.82
N ALA B 79 -31.63 -5.10 -28.80
CA ALA B 79 -32.11 -5.86 -27.64
C ALA B 79 -31.44 -5.47 -26.33
N LEU B 80 -32.10 -4.60 -25.57
CA LEU B 80 -31.70 -4.35 -24.20
C LEU B 80 -32.12 -5.54 -23.36
N SER B 81 -31.39 -5.82 -22.29
CA SER B 81 -30.17 -5.11 -21.94
C SER B 81 -29.03 -6.07 -22.13
N VAL B 82 -27.88 -5.77 -21.52
CA VAL B 82 -26.78 -6.70 -21.60
C VAL B 82 -27.21 -7.98 -20.93
N ASP B 83 -28.05 -7.84 -19.91
CA ASP B 83 -28.37 -8.95 -19.01
C ASP B 83 -28.97 -10.11 -19.78
N GLU B 84 -30.04 -9.80 -20.49
CA GLU B 84 -30.71 -10.80 -21.29
C GLU B 84 -29.76 -11.31 -22.36
N LEU B 85 -28.90 -10.43 -22.84
CA LEU B 85 -27.93 -10.82 -23.87
C LEU B 85 -26.94 -11.84 -23.35
N VAL B 86 -26.63 -11.75 -22.06
CA VAL B 86 -25.69 -12.66 -21.48
C VAL B 86 -26.40 -13.97 -21.28
N ASN B 87 -27.67 -13.89 -20.90
CA ASN B 87 -28.45 -15.11 -20.80
C ASN B 87 -28.45 -15.83 -22.14
N GLN B 88 -28.73 -15.07 -23.18
CA GLN B 88 -28.85 -15.62 -24.53
C GLN B 88 -27.52 -16.19 -24.95
N PHE B 89 -26.45 -15.54 -24.51
CA PHE B 89 -25.13 -16.04 -24.81
C PHE B 89 -24.88 -17.37 -24.14
N THR B 90 -25.31 -17.49 -22.90
CA THR B 90 -25.12 -18.74 -22.17
C THR B 90 -25.92 -19.83 -22.84
N GLU B 91 -27.08 -19.45 -23.36
CA GLU B 91 -27.95 -20.38 -24.05
C GLU B 91 -27.22 -20.90 -25.26
N TYR B 92 -26.66 -19.97 -26.01
CA TYR B 92 -25.94 -20.29 -27.22
C TYR B 92 -24.74 -21.15 -26.90
N HIS B 93 -24.14 -20.87 -25.75
CA HIS B 93 -22.93 -21.55 -25.35
C HIS B 93 -23.26 -22.98 -25.02
N GLN B 94 -24.48 -23.19 -24.53
CA GLN B 94 -24.95 -24.54 -24.34
C GLN B 94 -25.15 -25.19 -25.67
N SER B 95 -25.86 -24.48 -26.55
CA SER B 95 -26.31 -25.01 -27.80
C SER B 95 -25.13 -25.35 -28.68
N THR B 96 -23.99 -24.78 -28.33
CA THR B 96 -22.80 -24.95 -29.12
C THR B 96 -21.79 -25.78 -28.35
N ALA B 97 -21.14 -25.15 -27.39
CA ALA B 97 -20.07 -25.79 -26.64
C ALA B 97 -20.56 -26.99 -25.87
N CYS B 98 -21.81 -26.95 -25.43
CA CYS B 98 -22.32 -28.03 -24.62
C CYS B 98 -23.09 -29.00 -25.50
N ASN B 99 -22.92 -28.88 -26.81
CA ASN B 99 -23.67 -29.70 -27.75
C ASN B 99 -22.70 -30.38 -28.73
N PRO B 100 -22.09 -31.48 -28.29
CA PRO B 100 -20.90 -32.10 -28.87
C PRO B 100 -21.03 -32.52 -30.33
N GLU B 101 -22.21 -32.93 -30.75
CA GLU B 101 -22.36 -33.53 -32.08
C GLU B 101 -21.94 -32.53 -33.14
N ILE B 102 -22.10 -31.26 -32.80
CA ILE B 102 -21.72 -30.17 -33.67
C ILE B 102 -20.25 -30.27 -34.02
N TRP B 103 -19.46 -30.51 -32.99
CA TRP B 103 -18.02 -30.41 -33.11
C TRP B 103 -17.48 -31.50 -34.02
N ARG B 104 -18.15 -32.65 -34.02
CA ARG B 104 -17.80 -33.75 -34.91
C ARG B 104 -17.89 -33.22 -36.33
N LYS B 105 -19.01 -32.55 -36.59
CA LYS B 105 -19.27 -31.95 -37.89
C LYS B 105 -18.27 -30.86 -38.21
N LEU B 106 -17.78 -30.18 -37.19
CA LEU B 106 -16.85 -29.09 -37.43
C LEU B 106 -15.51 -29.60 -37.88
N THR B 107 -15.02 -30.61 -37.17
CA THR B 107 -13.75 -31.21 -37.56
C THR B 107 -13.93 -31.83 -38.93
N ALA B 108 -15.16 -32.30 -39.17
CA ALA B 108 -15.51 -32.88 -40.44
C ALA B 108 -15.41 -31.84 -41.55
N TYR B 109 -15.73 -30.60 -41.22
CA TYR B 109 -15.61 -29.52 -42.19
C TYR B 109 -14.17 -29.09 -42.32
N ILE B 110 -13.38 -29.38 -41.30
CA ILE B 110 -11.98 -29.05 -41.34
C ILE B 110 -11.29 -30.16 -42.10
N THR B 111 -10.65 -31.06 -41.38
CA THR B 111 -9.85 -32.10 -42.02
C THR B 111 -10.70 -33.32 -42.28
N GLY B 112 -11.96 -33.24 -41.88
CA GLY B 112 -12.83 -34.40 -41.90
C GLY B 112 -13.08 -35.06 -43.23
N SER B 113 -12.92 -36.38 -43.24
CA SER B 113 -13.20 -37.22 -44.39
C SER B 113 -13.20 -38.66 -43.94
N SER B 114 -12.01 -39.16 -43.60
CA SER B 114 -11.87 -40.51 -43.07
C SER B 114 -10.59 -40.66 -42.27
N ASN B 115 -10.66 -41.50 -41.23
CA ASN B 115 -9.53 -41.89 -40.42
C ASN B 115 -8.77 -40.65 -39.96
N ARG B 116 -9.55 -39.69 -39.46
CA ARG B 116 -9.05 -38.44 -38.93
C ARG B 116 -8.15 -38.70 -37.73
N ALA B 117 -7.16 -37.84 -37.47
CA ALA B 117 -6.93 -36.61 -38.20
C ALA B 117 -5.84 -36.77 -39.26
N ILE B 118 -6.09 -37.67 -40.21
CA ILE B 118 -5.22 -37.93 -41.36
C ILE B 118 -3.75 -37.94 -40.94
N LYS B 119 -3.45 -38.85 -40.01
CA LYS B 119 -2.12 -39.02 -39.41
C LYS B 119 -1.41 -37.70 -39.09
N ALA B 120 -0.10 -37.65 -39.31
CA ALA B 120 0.73 -36.52 -38.87
C ALA B 120 0.73 -35.34 -39.85
N ASP B 121 0.09 -35.50 -40.99
CA ASP B 121 0.12 -34.47 -42.04
C ASP B 121 -0.58 -33.17 -41.66
N ALA B 122 -0.13 -32.07 -42.27
CA ALA B 122 -0.70 -30.75 -42.01
C ALA B 122 -2.06 -30.58 -42.67
N VAL B 123 -2.08 -29.81 -43.77
CA VAL B 123 -3.30 -29.54 -44.54
C VAL B 123 -4.37 -28.84 -43.70
N GLY B 124 -4.40 -27.51 -43.79
CA GLY B 124 -5.38 -26.71 -43.07
C GLY B 124 -6.22 -25.88 -44.02
N LYS B 125 -6.95 -26.56 -44.89
CA LYS B 125 -7.72 -25.93 -45.95
C LYS B 125 -8.87 -25.08 -45.40
N VAL B 126 -8.58 -23.89 -44.91
CA VAL B 126 -9.62 -23.12 -44.24
C VAL B 126 -9.33 -21.62 -44.16
N PRO B 127 -10.36 -20.79 -44.43
CA PRO B 127 -10.53 -19.39 -44.02
C PRO B 127 -11.46 -19.29 -42.80
N PRO B 128 -11.12 -18.39 -41.87
CA PRO B 128 -11.55 -18.57 -40.47
C PRO B 128 -13.02 -18.67 -39.96
N THR B 129 -14.17 -18.11 -40.40
CA THR B 129 -14.65 -17.49 -41.65
C THR B 129 -15.42 -18.56 -42.41
N ALA B 130 -14.74 -19.48 -43.08
CA ALA B 130 -15.48 -20.60 -43.67
C ALA B 130 -16.07 -21.40 -42.53
N ILE B 131 -15.35 -21.43 -41.43
CA ILE B 131 -15.84 -22.03 -40.21
C ILE B 131 -17.06 -21.25 -39.77
N LEU B 132 -16.93 -19.93 -39.89
CA LEU B 132 -17.95 -19.02 -39.43
C LEU B 132 -19.23 -19.22 -40.20
N GLU B 133 -19.11 -19.54 -41.48
CA GLU B 133 -20.29 -19.77 -42.28
C GLU B 133 -20.93 -21.06 -41.82
N GLN B 134 -20.09 -22.07 -41.56
CA GLN B 134 -20.58 -23.36 -41.14
C GLN B 134 -21.31 -23.28 -39.81
N LEU B 135 -20.82 -22.42 -38.94
CA LEU B 135 -21.50 -22.22 -37.67
C LEU B 135 -22.73 -21.36 -37.88
N ARG B 136 -22.70 -20.54 -38.92
CA ARG B 136 -23.85 -19.71 -39.22
C ARG B 136 -24.97 -20.61 -39.70
N THR B 137 -24.59 -21.72 -40.31
CA THR B 137 -25.56 -22.72 -40.72
C THR B 137 -26.23 -23.28 -39.48
N LEU B 138 -25.50 -23.26 -38.39
CA LEU B 138 -26.04 -23.70 -37.11
C LEU B 138 -26.90 -22.61 -36.51
N ALA B 139 -27.07 -22.66 -35.20
CA ALA B 139 -28.08 -21.83 -34.59
C ALA B 139 -27.73 -20.37 -34.76
N PRO B 140 -28.65 -19.63 -35.39
CA PRO B 140 -28.52 -18.19 -35.60
C PRO B 140 -28.51 -17.43 -34.30
N SER B 141 -27.74 -16.35 -34.24
CA SER B 141 -27.91 -15.39 -33.19
C SER B 141 -28.56 -14.16 -33.78
N GLU B 142 -29.41 -13.49 -33.00
CA GLU B 142 -29.87 -12.17 -33.36
C GLU B 142 -28.67 -11.25 -33.38
N HIS B 143 -27.68 -11.62 -32.57
CA HIS B 143 -26.50 -10.82 -32.36
C HIS B 143 -25.29 -11.74 -32.38
N GLU B 144 -24.76 -11.98 -33.57
CA GLU B 144 -23.75 -13.01 -33.74
C GLU B 144 -22.55 -12.78 -32.83
N LEU B 145 -21.89 -11.64 -32.97
CA LEU B 145 -20.78 -11.22 -32.10
C LEU B 145 -20.01 -12.40 -31.55
N PHE B 146 -20.56 -12.99 -30.50
CA PHE B 146 -19.96 -14.18 -29.88
C PHE B 146 -19.88 -15.31 -30.87
N HIS B 147 -20.76 -15.27 -31.86
CA HIS B 147 -20.74 -16.26 -32.90
C HIS B 147 -19.40 -16.18 -33.59
N HIS B 148 -18.84 -14.99 -33.66
CA HIS B 148 -17.44 -14.87 -34.07
C HIS B 148 -16.55 -15.44 -32.98
N ILE B 149 -16.87 -15.09 -31.74
CA ILE B 149 -15.99 -15.40 -30.63
C ILE B 149 -15.86 -16.89 -30.43
N THR B 150 -16.93 -17.62 -30.69
CA THR B 150 -16.86 -19.06 -30.58
C THR B 150 -15.89 -19.60 -31.62
N THR B 151 -15.90 -18.98 -32.79
CA THR B 151 -14.97 -19.36 -33.83
C THR B 151 -13.57 -19.04 -33.35
N ASP B 152 -13.46 -17.96 -32.61
CA ASP B 152 -12.17 -17.48 -32.14
C ASP B 152 -11.62 -18.54 -31.20
N PHE B 153 -12.55 -19.12 -30.46
CA PHE B 153 -12.24 -20.22 -29.57
C PHE B 153 -11.79 -21.42 -30.34
N VAL B 154 -12.40 -21.65 -31.49
CA VAL B 154 -12.00 -22.78 -32.29
C VAL B 154 -10.58 -22.55 -32.75
N CYS B 155 -10.26 -21.31 -33.04
CA CYS B 155 -8.93 -20.96 -33.48
C CYS B 155 -7.92 -21.15 -32.37
N HIS B 156 -8.31 -20.78 -31.16
CA HIS B 156 -7.35 -20.68 -30.07
C HIS B 156 -6.77 -22.03 -29.73
N VAL B 157 -7.59 -23.06 -29.84
CA VAL B 157 -7.16 -24.41 -29.49
C VAL B 157 -6.64 -25.10 -30.73
N LEU B 158 -7.10 -24.65 -31.89
CA LEU B 158 -6.56 -25.18 -33.13
C LEU B 158 -5.32 -24.42 -33.55
N SER B 159 -5.04 -23.32 -32.87
CA SER B 159 -3.81 -22.58 -33.11
C SER B 159 -2.53 -23.43 -32.88
N PRO B 160 -2.44 -24.19 -31.77
CA PRO B 160 -1.23 -25.01 -31.63
C PRO B 160 -1.04 -25.99 -32.77
N LEU B 161 -2.14 -26.47 -33.31
CA LEU B 161 -2.09 -27.40 -34.42
C LEU B 161 -2.07 -26.61 -35.73
N GLY B 162 -1.67 -27.25 -36.82
CA GLY B 162 -1.57 -26.58 -38.10
C GLY B 162 -2.88 -26.16 -38.73
N PHE B 163 -3.56 -25.21 -38.08
CA PHE B 163 -4.77 -24.61 -38.64
C PHE B 163 -4.79 -23.13 -38.35
N ILE B 164 -3.61 -22.54 -38.31
CA ILE B 164 -3.44 -21.11 -38.17
C ILE B 164 -3.57 -20.51 -39.56
N LEU B 165 -3.70 -21.39 -40.54
CA LEU B 165 -3.76 -21.03 -41.95
C LEU B 165 -4.81 -19.96 -42.27
N PRO B 166 -6.05 -20.12 -41.75
CA PRO B 166 -7.10 -19.15 -42.08
C PRO B 166 -6.81 -17.70 -41.71
N ASP B 167 -6.09 -17.47 -40.61
CA ASP B 167 -5.94 -16.15 -39.97
C ASP B 167 -6.17 -14.90 -40.82
N ALA B 168 -7.34 -14.29 -40.69
CA ALA B 168 -7.64 -13.01 -41.30
C ALA B 168 -7.72 -11.93 -40.22
N ALA B 169 -8.74 -11.08 -40.27
CA ALA B 169 -8.93 -10.07 -39.22
C ALA B 169 -10.40 -9.63 -39.10
N TYR B 170 -10.78 -9.15 -37.93
CA TYR B 170 -12.16 -8.77 -37.62
C TYR B 170 -12.18 -7.43 -36.89
N VAL B 171 -13.10 -6.54 -37.24
CA VAL B 171 -13.05 -5.17 -36.72
C VAL B 171 -14.44 -4.68 -36.35
N TYR B 172 -14.51 -3.81 -35.33
CA TYR B 172 -15.79 -3.24 -34.94
C TYR B 172 -15.63 -1.90 -34.24
N ARG B 173 -16.56 -0.99 -34.49
CA ARG B 173 -16.55 0.35 -33.89
C ARG B 173 -17.01 0.39 -32.45
N VAL B 174 -16.61 1.46 -31.79
CA VAL B 174 -17.14 1.82 -30.49
C VAL B 174 -18.60 2.16 -30.51
N GLY B 175 -18.93 3.02 -29.55
CA GLY B 175 -20.23 3.64 -29.42
C GLY B 175 -20.15 4.47 -28.16
N ARG B 176 -20.45 5.75 -28.29
CA ARG B 176 -20.45 6.68 -27.18
C ARG B 176 -21.44 6.28 -26.10
N THR B 177 -21.04 6.43 -24.84
CA THR B 177 -21.91 6.12 -23.69
C THR B 177 -21.92 7.33 -22.77
N ALA B 178 -22.98 7.50 -21.98
CA ALA B 178 -23.18 8.73 -21.24
C ALA B 178 -22.37 8.87 -19.94
N THR B 179 -23.02 9.42 -18.92
CA THR B 179 -22.35 10.01 -17.75
C THR B 179 -21.44 9.17 -16.81
N TYR B 180 -21.72 7.90 -16.53
CA TYR B 180 -22.73 7.10 -17.18
C TYR B 180 -23.72 6.62 -16.11
N PRO B 181 -24.97 6.36 -16.52
CA PRO B 181 -26.18 6.38 -15.69
C PRO B 181 -26.52 5.23 -14.75
N ASN B 182 -27.68 4.64 -15.07
CA ASN B 182 -28.51 3.81 -14.19
C ASN B 182 -27.87 2.57 -13.64
N PHE B 183 -28.27 2.21 -12.42
CA PHE B 183 -27.68 1.07 -11.78
C PHE B 183 -28.08 -0.19 -12.53
N TYR B 184 -29.20 -0.18 -13.24
CA TYR B 184 -29.48 -1.34 -14.09
C TYR B 184 -28.36 -1.53 -15.08
N ALA B 185 -27.81 -0.40 -15.53
CA ALA B 185 -26.69 -0.51 -16.44
C ALA B 185 -25.55 -1.15 -15.69
N LEU B 186 -25.45 -0.86 -14.41
CA LEU B 186 -24.41 -1.45 -13.60
C LEU B 186 -24.66 -2.95 -13.51
N VAL B 187 -25.93 -3.32 -13.57
CA VAL B 187 -26.31 -4.72 -13.47
C VAL B 187 -25.78 -5.40 -14.70
N ASP B 188 -25.92 -4.69 -15.80
CA ASP B 188 -25.38 -5.18 -17.05
C ASP B 188 -23.89 -5.32 -16.90
N CYS B 189 -23.30 -4.37 -16.19
CA CYS B 189 -21.87 -4.31 -16.03
C CYS B 189 -21.34 -5.41 -15.14
N VAL B 190 -22.18 -5.92 -14.26
CA VAL B 190 -21.71 -6.90 -13.32
C VAL B 190 -21.92 -8.27 -13.90
N ARG B 191 -23.01 -8.45 -14.64
CA ARG B 191 -23.15 -9.71 -15.32
C ARG B 191 -22.09 -9.82 -16.39
N ALA B 192 -21.78 -8.70 -17.01
CA ALA B 192 -20.69 -8.66 -17.96
C ALA B 192 -19.40 -8.91 -17.22
N SER B 193 -19.37 -8.48 -15.97
CA SER B 193 -18.19 -8.68 -15.15
C SER B 193 -18.01 -10.16 -14.96
N ASP B 194 -19.12 -10.87 -14.89
CA ASP B 194 -19.09 -12.31 -14.87
C ASP B 194 -18.58 -12.81 -16.21
N LEU B 195 -18.99 -12.14 -17.29
CA LEU B 195 -18.68 -12.61 -18.63
C LEU B 195 -17.18 -12.62 -18.80
N ARG B 196 -16.53 -11.76 -18.03
CA ARG B 196 -15.09 -11.64 -18.05
C ARG B 196 -14.49 -12.97 -17.68
N ARG B 197 -15.23 -13.72 -16.89
CA ARG B 197 -14.72 -14.95 -16.33
C ARG B 197 -15.70 -16.07 -16.65
N MET B 198 -16.92 -15.68 -17.03
CA MET B 198 -17.84 -16.61 -17.64
C MET B 198 -17.25 -17.08 -18.94
N LEU B 199 -16.49 -16.19 -19.58
CA LEU B 199 -15.97 -16.51 -20.88
C LEU B 199 -14.54 -16.96 -20.81
N THR B 200 -13.72 -16.25 -20.05
CA THR B 200 -12.27 -16.45 -20.16
C THR B 200 -11.85 -17.86 -19.81
N ALA B 201 -12.63 -18.53 -18.97
CA ALA B 201 -12.27 -19.88 -18.54
C ALA B 201 -12.27 -20.80 -19.74
N LEU B 202 -13.12 -20.50 -20.70
CA LEU B 202 -13.11 -21.22 -21.96
C LEU B 202 -12.16 -20.54 -22.93
N SER B 203 -12.00 -19.24 -22.77
CA SER B 203 -11.05 -18.49 -23.56
C SER B 203 -9.64 -18.87 -23.19
N SER B 204 -9.49 -19.37 -21.96
CA SER B 204 -8.19 -19.70 -21.44
C SER B 204 -8.18 -21.14 -20.97
N VAL B 205 -7.19 -21.50 -20.17
CA VAL B 205 -6.92 -22.89 -19.80
C VAL B 205 -6.68 -23.63 -21.10
N ASP B 206 -7.75 -24.00 -21.79
CA ASP B 206 -7.63 -24.48 -23.15
C ASP B 206 -6.71 -25.68 -23.22
N SER B 207 -5.69 -25.59 -24.07
CA SER B 207 -4.70 -26.65 -24.18
C SER B 207 -3.43 -26.24 -24.89
N LYS B 208 -2.30 -26.42 -24.21
CA LYS B 208 -1.00 -26.48 -24.86
C LYS B 208 -0.70 -27.97 -25.04
N MET B 209 -1.32 -28.76 -24.17
CA MET B 209 -1.21 -30.21 -24.20
C MET B 209 -1.80 -30.75 -25.48
N LEU B 210 -1.31 -31.90 -25.90
CA LEU B 210 -1.69 -32.53 -27.16
C LEU B 210 -1.12 -31.77 -28.35
N GLN B 211 -0.16 -32.38 -29.03
CA GLN B 211 0.43 -31.79 -30.21
C GLN B 211 0.64 -32.84 -31.32
N ALA B 212 -0.43 -33.28 -31.98
CA ALA B 212 -1.81 -32.92 -31.63
C ALA B 212 -2.30 -33.86 -30.54
N THR B 213 -1.45 -34.85 -30.23
CA THR B 213 -1.50 -35.63 -29.00
C THR B 213 -0.05 -35.91 -28.69
N PHE B 214 0.68 -36.22 -29.75
CA PHE B 214 2.10 -36.52 -29.72
C PHE B 214 2.45 -37.65 -28.75
N LYS B 215 2.61 -38.90 -29.21
CA LYS B 215 2.44 -39.41 -30.59
C LYS B 215 3.20 -38.65 -31.67
N ALA B 216 4.48 -38.96 -31.83
CA ALA B 216 5.30 -38.23 -32.80
C ALA B 216 4.73 -38.35 -34.21
N LYS B 217 4.67 -37.23 -34.92
CA LYS B 217 4.96 -35.92 -34.35
C LYS B 217 3.69 -35.34 -33.75
N GLY B 218 2.55 -35.85 -34.21
CA GLY B 218 1.26 -35.46 -33.68
C GLY B 218 0.33 -34.68 -34.59
N ALA B 219 -0.90 -35.17 -34.81
CA ALA B 219 -1.36 -36.48 -34.34
C ALA B 219 -2.58 -36.92 -35.13
N LEU B 220 -2.89 -38.20 -35.06
CA LEU B 220 -4.20 -38.66 -35.50
C LEU B 220 -5.21 -38.22 -34.46
N ALA B 221 -6.42 -37.93 -34.91
CA ALA B 221 -7.51 -37.51 -34.05
C ALA B 221 -8.81 -37.53 -34.83
N PRO B 222 -9.63 -38.56 -34.60
CA PRO B 222 -10.92 -38.69 -35.27
C PRO B 222 -11.86 -37.56 -34.89
N ALA B 223 -12.77 -37.82 -33.97
CA ALA B 223 -13.54 -36.76 -33.36
C ALA B 223 -12.73 -36.20 -32.22
N LEU B 224 -11.53 -36.77 -32.03
CA LEU B 224 -10.71 -36.51 -30.87
C LEU B 224 -10.36 -35.05 -30.72
N ILE B 225 -10.23 -34.34 -31.83
CA ILE B 225 -10.06 -32.90 -31.75
C ILE B 225 -11.34 -32.28 -31.22
N SER B 226 -12.46 -32.62 -31.84
CA SER B 226 -13.76 -32.12 -31.41
C SER B 226 -14.08 -32.61 -30.02
N GLN B 227 -13.64 -33.83 -29.76
CA GLN B 227 -13.78 -34.45 -28.46
C GLN B 227 -13.14 -33.58 -27.41
N HIS B 228 -11.82 -33.53 -27.47
CA HIS B 228 -10.98 -32.84 -26.52
C HIS B 228 -11.38 -31.39 -26.42
N LEU B 229 -11.83 -30.84 -27.54
CA LEU B 229 -12.17 -29.44 -27.56
C LEU B 229 -13.43 -29.22 -26.75
N ALA B 230 -14.53 -29.77 -27.24
CA ALA B 230 -15.84 -29.47 -26.70
C ALA B 230 -16.01 -29.97 -25.28
N ASN B 231 -15.56 -31.18 -25.02
CA ASN B 231 -15.80 -31.76 -23.71
C ASN B 231 -15.07 -30.94 -22.66
N ALA B 232 -13.91 -30.42 -23.06
CA ALA B 232 -13.20 -29.48 -22.21
C ALA B 232 -13.91 -28.16 -22.25
N ALA B 233 -14.41 -27.80 -23.43
CA ALA B 233 -15.11 -26.54 -23.57
C ALA B 233 -16.35 -26.53 -22.69
N THR B 234 -17.04 -27.66 -22.66
CA THR B 234 -18.20 -27.79 -21.79
C THR B 234 -17.75 -27.75 -20.34
N THR B 235 -16.61 -28.39 -20.09
CA THR B 235 -16.05 -28.43 -18.76
C THR B 235 -15.72 -27.01 -18.34
N ALA B 236 -15.22 -26.24 -19.31
CA ALA B 236 -14.91 -24.86 -19.07
C ALA B 236 -16.20 -24.12 -18.79
N PHE B 237 -17.28 -24.56 -19.43
CA PHE B 237 -18.56 -23.94 -19.15
C PHE B 237 -18.98 -24.20 -17.72
N GLU B 238 -18.58 -25.35 -17.19
CA GLU B 238 -18.99 -25.70 -15.84
C GLU B 238 -18.35 -24.80 -14.80
N ARG B 239 -17.04 -24.59 -14.91
CA ARG B 239 -16.37 -23.73 -13.93
C ARG B 239 -16.89 -22.32 -14.06
N SER B 240 -17.26 -21.95 -15.27
CA SER B 240 -17.92 -20.67 -15.46
C SER B 240 -19.31 -20.76 -14.87
N ARG B 241 -19.73 -19.68 -14.24
CA ARG B 241 -21.10 -19.53 -13.77
C ARG B 241 -21.28 -18.14 -13.22
N GLY B 242 -20.34 -17.75 -12.37
CA GLY B 242 -20.36 -16.45 -11.73
C GLY B 242 -21.25 -16.51 -10.52
N ASN B 243 -22.04 -17.59 -10.45
CA ASN B 243 -22.88 -17.90 -9.31
C ASN B 243 -23.73 -16.71 -8.88
N PHE B 244 -23.03 -15.73 -8.34
CA PHE B 244 -23.64 -14.65 -7.60
C PHE B 244 -24.57 -13.83 -8.48
N ASP B 245 -25.71 -13.48 -7.91
CA ASP B 245 -26.77 -12.84 -8.65
C ASP B 245 -26.37 -11.45 -9.11
N ALA B 246 -26.86 -11.07 -10.28
CA ALA B 246 -26.56 -9.77 -10.82
C ALA B 246 -27.11 -8.69 -9.91
N ASN B 247 -28.41 -8.47 -9.99
CA ASN B 247 -29.03 -7.34 -9.32
C ASN B 247 -28.84 -7.40 -7.81
N ALA B 248 -28.72 -8.61 -7.29
CA ALA B 248 -28.61 -8.76 -5.85
C ALA B 248 -27.32 -8.15 -5.32
N VAL B 249 -26.19 -8.49 -5.95
CA VAL B 249 -24.91 -8.09 -5.40
C VAL B 249 -24.77 -6.58 -5.42
N VAL B 250 -25.32 -5.94 -6.43
CA VAL B 250 -25.24 -4.49 -6.49
C VAL B 250 -26.21 -3.95 -5.46
N SER B 251 -27.35 -4.62 -5.30
CA SER B 251 -28.37 -4.11 -4.39
C SER B 251 -27.83 -4.06 -2.98
N SER B 252 -27.02 -5.05 -2.66
CA SER B 252 -26.51 -5.16 -1.30
C SER B 252 -25.39 -4.19 -1.05
N VAL B 253 -24.42 -4.14 -1.95
CA VAL B 253 -23.28 -3.28 -1.73
C VAL B 253 -23.78 -1.84 -1.73
N LEU B 254 -24.77 -1.56 -2.57
CA LEU B 254 -25.39 -0.24 -2.57
C LEU B 254 -26.13 -0.02 -1.26
N THR B 255 -26.66 -1.09 -0.70
CA THR B 255 -27.38 -0.93 0.55
C THR B 255 -26.42 -0.46 1.62
N ILE B 256 -25.30 -1.16 1.73
CA ILE B 256 -24.34 -0.88 2.76
C ILE B 256 -23.77 0.51 2.56
N LEU B 257 -23.58 0.88 1.30
CA LEU B 257 -23.08 2.21 1.04
C LEU B 257 -24.08 3.26 1.50
N GLY B 258 -25.32 3.15 1.02
CA GLY B 258 -26.28 4.20 1.29
C GLY B 258 -26.61 4.34 2.75
N ARG B 259 -26.68 3.22 3.45
CA ARG B 259 -26.95 3.27 4.87
C ARG B 259 -25.71 3.71 5.63
N LEU B 260 -24.54 3.52 5.03
CA LEU B 260 -23.34 4.13 5.57
C LEU B 260 -23.49 5.63 5.45
N TRP B 261 -24.18 6.05 4.40
CA TRP B 261 -24.31 7.46 4.09
C TRP B 261 -25.36 8.03 5.00
N SER B 262 -26.11 7.15 5.63
CA SER B 262 -27.27 7.56 6.39
C SER B 262 -26.90 8.38 7.60
N PRO B 263 -27.48 9.57 7.72
CA PRO B 263 -27.43 10.35 8.94
C PRO B 263 -28.46 9.82 9.93
N SER B 264 -29.67 9.57 9.47
CA SER B 264 -30.68 8.88 10.29
C SER B 264 -30.25 7.45 10.49
N THR B 265 -30.91 6.75 11.41
CA THR B 265 -30.31 5.54 11.98
C THR B 265 -30.03 4.45 10.97
N PRO B 266 -28.77 4.05 10.93
CA PRO B 266 -28.25 2.83 10.30
C PRO B 266 -28.89 1.60 10.95
N LYS B 267 -29.22 1.74 12.23
CA LYS B 267 -29.67 0.64 13.11
C LYS B 267 -28.81 -0.62 12.98
N GLU B 268 -29.41 -1.78 12.73
CA GLU B 268 -28.65 -3.02 12.65
C GLU B 268 -27.64 -3.01 11.52
N LEU B 269 -28.00 -2.37 10.41
CA LEU B 269 -27.01 -2.04 9.39
C LEU B 269 -26.10 -1.02 10.05
N ASP B 270 -24.80 -1.15 9.87
CA ASP B 270 -23.91 -0.20 10.54
C ASP B 270 -22.52 -0.23 9.98
N PRO B 271 -21.78 0.86 10.17
CA PRO B 271 -20.34 0.74 10.03
C PRO B 271 -19.86 -0.24 11.07
N SER B 272 -18.85 -1.05 10.77
CA SER B 272 -18.35 -1.96 11.79
C SER B 272 -16.87 -2.27 11.54
N ALA B 273 -16.44 -3.45 11.96
CA ALA B 273 -15.05 -3.81 11.82
C ALA B 273 -14.77 -4.29 10.42
N ARG B 274 -14.73 -5.60 10.25
CA ARG B 274 -14.45 -6.20 8.96
C ARG B 274 -15.73 -6.23 8.15
N LEU B 275 -16.80 -5.76 8.77
CA LEU B 275 -18.00 -5.48 8.02
C LEU B 275 -17.66 -4.47 6.96
N ARG B 276 -16.75 -3.56 7.30
CA ARG B 276 -16.37 -2.51 6.39
C ARG B 276 -14.86 -2.36 6.33
N ASN B 277 -14.42 -1.19 5.87
CA ASN B 277 -13.02 -0.87 5.55
C ASN B 277 -12.12 -2.09 5.38
N THR B 278 -12.53 -2.98 4.49
CA THR B 278 -11.76 -4.18 4.20
C THR B 278 -10.75 -3.93 3.10
N ASN B 279 -10.03 -2.82 3.23
CA ASN B 279 -8.96 -2.44 2.31
C ASN B 279 -9.43 -2.34 0.87
N GLY B 280 -10.64 -1.84 0.69
CA GLY B 280 -11.21 -1.70 -0.63
C GLY B 280 -12.61 -1.12 -0.61
N ILE B 281 -13.45 -1.62 0.28
CA ILE B 281 -14.81 -1.10 0.34
C ILE B 281 -14.72 0.32 0.87
N ASP B 282 -13.69 0.58 1.65
CA ASP B 282 -13.38 1.92 2.10
C ASP B 282 -12.89 2.78 0.94
N GLN B 283 -12.30 2.14 -0.06
CA GLN B 283 -11.98 2.86 -1.27
C GLN B 283 -13.28 3.25 -1.94
N LEU B 284 -14.32 2.42 -1.75
CA LEU B 284 -15.65 2.78 -2.18
C LEU B 284 -16.22 3.88 -1.30
N ARG B 285 -15.78 3.90 -0.06
CA ARG B 285 -16.16 4.99 0.82
C ARG B 285 -15.62 6.22 0.17
N SER B 286 -14.53 6.05 -0.56
CA SER B 286 -14.00 7.12 -1.39
C SER B 286 -14.64 7.12 -2.78
N ASN B 287 -15.45 6.13 -3.13
CA ASN B 287 -15.96 6.16 -4.49
C ASN B 287 -17.42 6.58 -4.47
N LEU B 288 -17.85 7.11 -3.32
CA LEU B 288 -19.22 7.59 -3.14
C LEU B 288 -19.79 8.47 -4.26
N ALA B 289 -19.07 8.57 -5.37
CA ALA B 289 -19.55 9.26 -6.56
C ALA B 289 -20.76 8.57 -7.19
N LEU B 290 -20.87 7.26 -7.01
CA LEU B 290 -21.92 6.48 -7.62
C LEU B 290 -23.22 6.66 -6.86
N PHE B 291 -23.26 7.74 -6.10
CA PHE B 291 -24.47 8.19 -5.45
C PHE B 291 -25.45 8.45 -6.56
N ILE B 292 -26.73 8.29 -6.24
CA ILE B 292 -27.91 8.36 -7.12
C ILE B 292 -28.34 6.94 -7.34
N ALA B 293 -27.38 6.04 -7.31
CA ALA B 293 -27.72 4.63 -7.45
C ALA B 293 -28.63 4.24 -6.31
N TYR B 294 -28.38 4.80 -5.13
CA TYR B 294 -29.24 4.54 -4.00
C TYR B 294 -30.60 5.17 -4.26
N GLN B 295 -30.58 6.30 -4.96
CA GLN B 295 -31.77 7.10 -5.17
C GLN B 295 -32.80 6.33 -5.95
N ASP B 296 -32.45 6.00 -7.19
CA ASP B 296 -33.35 5.21 -8.00
C ASP B 296 -33.51 3.84 -7.37
N MET B 297 -32.51 3.38 -6.62
CA MET B 297 -32.63 2.07 -6.01
C MET B 297 -33.89 2.01 -5.17
N VAL B 298 -34.07 2.98 -4.29
CA VAL B 298 -35.33 2.99 -3.56
C VAL B 298 -36.46 3.35 -4.52
N LYS B 299 -36.15 4.16 -5.53
CA LYS B 299 -37.21 4.60 -6.41
C LYS B 299 -37.62 3.52 -7.40
N GLN B 300 -36.65 2.90 -8.07
CA GLN B 300 -36.94 1.85 -9.03
C GLN B 300 -37.54 0.66 -8.32
N ARG B 301 -37.25 0.54 -7.04
CA ARG B 301 -37.61 -0.64 -6.30
C ARG B 301 -38.22 -0.23 -4.97
N GLY B 302 -37.42 -0.22 -3.91
CA GLY B 302 -37.90 0.16 -2.60
C GLY B 302 -36.92 -0.20 -1.51
N ARG B 303 -37.34 -1.06 -0.59
CA ARG B 303 -36.44 -1.57 0.44
C ARG B 303 -35.28 -2.31 -0.17
N ALA B 304 -34.09 -2.11 0.41
CA ALA B 304 -32.89 -2.68 -0.15
C ALA B 304 -32.32 -3.75 0.77
N GLU B 305 -33.11 -4.76 1.10
CA GLU B 305 -32.62 -5.83 1.97
C GLU B 305 -31.44 -6.56 1.35
N VAL B 306 -30.46 -6.86 2.19
CA VAL B 306 -29.19 -7.37 1.74
C VAL B 306 -29.34 -8.88 1.50
N ILE B 307 -30.47 -9.40 1.98
CA ILE B 307 -30.95 -10.78 1.76
C ILE B 307 -29.88 -11.89 1.75
N PHE B 308 -28.86 -11.79 0.91
CA PHE B 308 -27.78 -12.78 0.99
C PHE B 308 -26.76 -12.19 1.93
N SER B 309 -27.21 -11.16 2.63
CA SER B 309 -26.45 -10.41 3.63
C SER B 309 -25.24 -11.10 4.19
N ASP B 310 -25.49 -12.09 5.06
CA ASP B 310 -24.45 -12.67 5.89
C ASP B 310 -23.89 -11.51 6.72
N GLU B 311 -22.69 -11.64 7.26
CA GLU B 311 -22.14 -10.56 8.04
C GLU B 311 -20.62 -10.62 7.94
N GLU B 312 -20.10 -11.84 7.95
CA GLU B 312 -18.79 -12.08 7.39
C GLU B 312 -18.83 -11.47 6.01
N LEU B 313 -19.51 -12.17 5.12
CA LEU B 313 -19.91 -11.61 3.84
C LEU B 313 -20.93 -10.53 4.18
N SER B 314 -20.92 -9.39 3.49
CA SER B 314 -19.93 -9.10 2.49
C SER B 314 -19.74 -7.59 2.37
N SER B 315 -18.52 -7.05 2.44
CA SER B 315 -17.25 -7.67 2.87
C SER B 315 -16.82 -8.97 2.18
N THR B 316 -15.85 -9.64 2.79
CA THR B 316 -15.38 -10.94 2.32
C THR B 316 -15.00 -10.93 0.85
N ILE B 317 -16.01 -10.81 -0.01
CA ILE B 317 -15.84 -11.07 -1.43
C ILE B 317 -16.70 -10.19 -2.34
N ILE B 318 -17.97 -10.06 -2.02
CA ILE B 318 -18.90 -9.43 -2.93
C ILE B 318 -18.52 -8.00 -3.29
N PRO B 319 -18.30 -7.11 -2.29
CA PRO B 319 -17.84 -5.79 -2.68
C PRO B 319 -16.54 -5.84 -3.45
N TRP B 320 -15.69 -6.81 -3.11
CA TRP B 320 -14.48 -7.02 -3.88
C TRP B 320 -14.86 -7.38 -5.30
N PHE B 321 -16.01 -8.00 -5.44
CA PHE B 321 -16.39 -8.57 -6.71
C PHE B 321 -17.22 -7.50 -7.44
N ILE B 322 -17.14 -6.27 -6.96
CA ILE B 322 -17.85 -5.18 -7.61
C ILE B 322 -17.25 -4.93 -8.98
N GLU B 323 -18.07 -4.41 -9.88
CA GLU B 323 -17.75 -4.32 -11.30
C GLU B 323 -16.56 -3.46 -11.66
N ALA B 324 -16.50 -2.26 -11.13
CA ALA B 324 -15.54 -1.29 -11.62
C ALA B 324 -14.14 -1.84 -11.43
N MET B 325 -13.96 -2.59 -10.35
CA MET B 325 -12.70 -3.27 -10.10
C MET B 325 -12.47 -4.42 -11.08
N SER B 326 -13.56 -5.00 -11.59
CA SER B 326 -13.44 -5.97 -12.67
C SER B 326 -13.39 -5.25 -14.02
N GLU B 327 -13.63 -3.95 -13.98
CA GLU B 327 -13.44 -3.02 -15.10
C GLU B 327 -13.83 -3.50 -16.51
N VAL B 328 -15.13 -3.65 -16.74
CA VAL B 328 -15.64 -3.90 -18.08
C VAL B 328 -15.93 -2.56 -18.73
N SER B 329 -16.92 -2.52 -19.62
CA SER B 329 -17.79 -1.35 -19.82
C SER B 329 -17.12 -0.01 -20.15
N PRO B 330 -17.94 0.96 -20.57
CA PRO B 330 -17.64 2.38 -20.36
C PRO B 330 -17.94 2.75 -18.92
N PHE B 331 -17.67 1.82 -18.00
CA PHE B 331 -18.02 2.04 -16.61
C PHE B 331 -17.20 3.21 -16.14
N LYS B 332 -16.00 3.31 -16.70
CA LYS B 332 -15.04 4.40 -16.49
C LYS B 332 -14.73 4.68 -15.00
N LEU B 333 -13.65 5.40 -14.73
CA LEU B 333 -13.27 5.71 -13.35
C LEU B 333 -12.27 6.86 -13.33
N ARG B 334 -12.34 7.71 -12.31
CA ARG B 334 -11.57 8.95 -12.29
C ARG B 334 -11.72 9.73 -10.99
N PRO B 335 -10.86 10.73 -10.76
CA PRO B 335 -11.17 11.76 -9.76
C PRO B 335 -12.38 12.63 -10.10
N ILE B 336 -12.37 13.87 -9.63
CA ILE B 336 -13.59 14.66 -9.49
C ILE B 336 -14.08 15.32 -10.76
N ASN B 337 -13.49 16.47 -11.04
CA ASN B 337 -14.10 17.49 -11.89
C ASN B 337 -13.88 17.31 -13.38
N GLU B 338 -13.11 16.29 -13.74
CA GLU B 338 -12.74 16.12 -15.13
C GLU B 338 -13.97 15.85 -15.96
N THR B 339 -14.92 15.13 -15.37
CA THR B 339 -16.22 14.94 -15.97
C THR B 339 -16.96 16.25 -16.00
N THR B 340 -16.68 17.13 -15.04
CA THR B 340 -17.31 18.43 -15.08
C THR B 340 -16.52 19.33 -16.00
N SER B 341 -15.31 18.91 -16.35
CA SER B 341 -14.39 19.79 -17.09
C SER B 341 -14.90 20.06 -18.48
N TYR B 342 -16.05 19.49 -18.79
CA TYR B 342 -16.83 19.94 -19.93
C TYR B 342 -18.15 20.55 -19.48
N ILE B 343 -18.10 21.50 -18.55
CA ILE B 343 -19.29 22.28 -18.22
C ILE B 343 -19.09 23.76 -18.52
N GLY B 344 -19.92 24.31 -19.38
CA GLY B 344 -19.90 25.74 -19.64
C GLY B 344 -20.50 26.46 -18.45
N GLN B 345 -20.24 27.74 -18.33
CA GLN B 345 -20.82 28.51 -17.24
C GLN B 345 -20.76 30.00 -17.48
N THR B 346 -21.91 30.64 -17.44
CA THR B 346 -21.99 32.08 -17.64
C THR B 346 -23.06 32.66 -16.74
N SER B 347 -22.64 33.36 -15.70
CA SER B 347 -23.60 34.01 -14.83
C SER B 347 -24.33 35.08 -15.57
N ALA B 348 -23.64 35.72 -16.51
CA ALA B 348 -24.16 36.90 -17.17
C ALA B 348 -24.76 37.81 -16.13
N ILE B 349 -25.95 38.32 -16.43
CA ILE B 349 -26.89 38.94 -15.48
C ILE B 349 -26.31 40.15 -14.71
N ASP B 350 -27.17 40.85 -13.98
CA ASP B 350 -26.88 42.25 -13.69
C ASP B 350 -27.68 42.94 -12.57
N HIS B 351 -27.04 43.94 -11.97
CA HIS B 351 -27.63 44.86 -10.98
C HIS B 351 -28.27 44.18 -9.77
N MET B 352 -29.14 43.21 -10.03
CA MET B 352 -29.84 42.47 -8.99
C MET B 352 -28.96 41.75 -7.95
N GLY B 353 -27.79 41.22 -8.33
CA GLY B 353 -27.35 41.04 -9.69
C GLY B 353 -27.78 39.72 -10.30
N GLN B 354 -28.16 38.78 -9.43
CA GLN B 354 -28.18 37.36 -9.76
C GLN B 354 -29.07 36.88 -10.91
N PRO B 355 -30.35 37.33 -10.95
CA PRO B 355 -31.18 36.44 -11.76
C PRO B 355 -31.95 37.04 -12.93
N SER B 356 -31.78 36.42 -14.11
CA SER B 356 -32.69 36.50 -15.24
C SER B 356 -32.05 35.69 -16.35
N HIS B 357 -30.72 35.70 -16.38
CA HIS B 357 -29.97 34.93 -17.35
C HIS B 357 -28.61 34.46 -16.82
N VAL B 358 -28.53 33.15 -16.53
CA VAL B 358 -27.30 32.44 -16.15
C VAL B 358 -27.21 31.13 -16.90
N VAL B 359 -26.42 31.08 -17.97
CA VAL B 359 -26.43 29.94 -18.86
C VAL B 359 -25.30 28.95 -18.54
N VAL B 360 -25.45 27.68 -18.94
CA VAL B 360 -24.30 26.77 -19.04
C VAL B 360 -24.36 26.00 -20.34
N TYR B 361 -23.28 25.28 -20.62
CA TYR B 361 -23.08 24.65 -21.90
C TYR B 361 -21.84 23.78 -21.88
N GLU B 362 -21.29 23.51 -23.06
CA GLU B 362 -20.13 22.64 -23.20
C GLU B 362 -19.27 23.04 -24.41
N ASP B 363 -17.96 22.92 -24.26
CA ASP B 363 -17.04 23.13 -25.37
C ASP B 363 -17.10 21.94 -26.32
N TRP B 364 -16.93 22.17 -27.63
CA TRP B 364 -17.12 21.09 -28.60
C TRP B 364 -16.38 21.10 -29.93
N GLN B 365 -16.55 19.97 -30.60
CA GLN B 365 -15.90 19.58 -31.85
C GLN B 365 -16.34 20.36 -33.06
N PHE B 366 -15.44 20.41 -34.03
CA PHE B 366 -15.78 20.39 -35.46
C PHE B 366 -14.58 19.95 -36.30
N ALA B 367 -14.07 18.76 -36.04
CA ALA B 367 -13.19 18.13 -37.00
C ALA B 367 -14.08 17.85 -38.18
N LYS B 368 -13.91 18.64 -39.24
CA LYS B 368 -14.93 18.74 -40.27
C LYS B 368 -15.13 17.41 -40.98
N GLU B 369 -14.08 16.60 -41.01
CA GLU B 369 -14.04 15.45 -41.89
C GLU B 369 -15.17 14.48 -41.58
N ILE B 370 -15.83 14.04 -42.64
CA ILE B 370 -16.96 13.14 -42.58
C ILE B 370 -16.89 12.30 -43.84
N THR B 371 -17.40 11.08 -43.78
CA THR B 371 -17.10 10.11 -44.81
C THR B 371 -18.30 9.34 -45.32
N ALA B 372 -18.13 8.71 -46.48
CA ALA B 372 -19.19 7.91 -47.08
C ALA B 372 -18.56 6.76 -47.89
N PHE B 373 -19.35 5.75 -48.23
CA PHE B 373 -18.78 4.52 -48.78
C PHE B 373 -19.76 3.62 -49.53
N THR B 374 -19.21 2.77 -50.39
CA THR B 374 -19.93 1.61 -50.90
C THR B 374 -19.87 0.47 -49.87
N PRO B 375 -20.88 -0.41 -49.88
CA PRO B 375 -20.92 -1.54 -48.96
C PRO B 375 -20.50 -2.87 -49.59
N VAL B 376 -19.29 -2.97 -50.11
CA VAL B 376 -18.89 -4.19 -50.79
C VAL B 376 -18.88 -5.37 -49.82
N LYS B 377 -19.33 -6.51 -50.31
CA LYS B 377 -19.51 -7.73 -49.54
C LYS B 377 -19.04 -8.95 -50.31
N LEU B 378 -17.90 -9.52 -49.93
CA LEU B 378 -17.31 -10.60 -50.73
C LEU B 378 -18.21 -11.83 -50.72
N ALA B 379 -19.04 -11.95 -49.69
CA ALA B 379 -19.99 -13.05 -49.64
C ALA B 379 -21.21 -12.72 -48.80
N ASN B 380 -22.38 -13.10 -49.32
CA ASN B 380 -23.64 -12.89 -48.65
C ASN B 380 -23.74 -13.67 -47.35
N ASN B 381 -24.35 -13.03 -46.36
CA ASN B 381 -24.61 -13.63 -45.07
C ASN B 381 -25.35 -12.68 -44.13
N SER B 382 -24.74 -11.55 -43.83
CA SER B 382 -25.30 -10.66 -42.82
C SER B 382 -25.04 -9.19 -43.14
N ASN B 383 -23.91 -8.67 -42.70
CA ASN B 383 -23.58 -7.28 -42.94
C ASN B 383 -22.08 -7.04 -42.84
N GLN B 384 -21.30 -8.11 -42.98
CA GLN B 384 -19.85 -8.03 -42.86
C GLN B 384 -19.26 -7.19 -43.97
N ARG B 385 -19.96 -6.12 -44.33
CA ARG B 385 -19.69 -5.43 -45.58
C ARG B 385 -18.42 -4.62 -45.51
N PHE B 386 -17.51 -4.91 -46.42
CA PHE B 386 -16.36 -4.05 -46.62
C PHE B 386 -16.84 -2.72 -47.16
N LEU B 387 -16.17 -1.66 -46.76
CA LEU B 387 -16.50 -0.35 -47.27
C LEU B 387 -15.21 0.41 -47.50
N ASP B 388 -15.20 1.22 -48.56
CA ASP B 388 -14.11 2.12 -48.79
C ASP B 388 -14.67 3.53 -48.86
N VAL B 389 -13.93 4.49 -48.34
CA VAL B 389 -14.40 5.85 -48.27
C VAL B 389 -14.58 6.36 -49.69
N GLU B 390 -15.22 7.49 -49.85
CA GLU B 390 -15.42 8.04 -51.17
C GLU B 390 -14.82 9.42 -51.13
N PRO B 391 -13.48 9.47 -51.15
CA PRO B 391 -12.73 10.66 -50.79
C PRO B 391 -13.08 11.84 -51.65
N GLY B 392 -13.41 11.58 -52.91
CA GLY B 392 -13.59 12.66 -53.86
C GLY B 392 -14.68 13.59 -53.43
N ILE B 393 -15.74 13.02 -52.85
CA ILE B 393 -16.75 13.86 -52.26
C ILE B 393 -16.39 14.08 -50.80
N SER B 394 -15.87 13.04 -50.18
CA SER B 394 -15.74 12.99 -48.74
C SER B 394 -14.87 14.11 -48.24
N ASP B 395 -13.86 14.43 -49.02
CA ASP B 395 -12.99 15.50 -48.63
C ASP B 395 -13.70 16.84 -48.80
N ARG B 396 -14.25 17.06 -49.98
CA ARG B 396 -14.75 18.41 -50.27
C ARG B 396 -15.95 18.75 -49.43
N MET B 397 -16.77 17.76 -49.12
CA MET B 397 -17.91 18.03 -48.25
C MET B 397 -17.36 18.43 -46.91
N SER B 398 -16.32 17.74 -46.48
CA SER B 398 -15.67 18.10 -45.23
C SER B 398 -15.04 19.47 -45.39
N ALA B 399 -14.51 19.72 -46.58
CA ALA B 399 -13.92 21.02 -46.84
C ALA B 399 -15.03 22.04 -46.78
N THR B 400 -16.22 21.63 -47.19
CA THR B 400 -17.36 22.51 -47.21
C THR B 400 -17.69 22.90 -45.78
N LEU B 401 -17.38 21.99 -44.87
CA LEU B 401 -17.70 22.22 -43.48
C LEU B 401 -16.62 23.08 -42.80
N ALA B 402 -15.50 23.28 -43.48
CA ALA B 402 -14.35 23.93 -42.84
C ALA B 402 -14.65 25.33 -42.29
N PRO B 403 -15.24 26.22 -43.10
CA PRO B 403 -15.59 27.51 -42.52
C PRO B 403 -16.57 27.35 -41.39
N ILE B 404 -17.41 26.33 -41.51
CA ILE B 404 -18.59 26.21 -40.67
C ILE B 404 -18.14 26.03 -39.24
N GLY B 405 -16.96 25.47 -39.06
CA GLY B 405 -16.45 25.32 -37.70
C GLY B 405 -16.11 26.66 -37.10
N ASN B 406 -15.58 27.56 -37.91
CA ASN B 406 -15.34 28.92 -37.46
C ASN B 406 -16.68 29.60 -37.21
N THR B 407 -17.67 29.20 -37.99
CA THR B 407 -19.04 29.61 -37.78
C THR B 407 -19.53 28.88 -36.54
N PHE B 408 -20.51 29.46 -35.86
CA PHE B 408 -21.19 28.77 -34.78
C PHE B 408 -20.23 28.32 -33.70
N ALA B 409 -19.19 29.12 -33.46
CA ALA B 409 -18.31 28.88 -32.33
C ALA B 409 -19.19 28.86 -31.09
N VAL B 410 -19.53 27.65 -30.66
CA VAL B 410 -20.67 27.48 -29.79
C VAL B 410 -20.46 28.24 -28.49
N SER B 411 -19.21 28.30 -28.04
CA SER B 411 -18.88 29.08 -26.86
C SER B 411 -19.24 30.52 -27.13
N ALA B 412 -18.70 31.03 -28.24
CA ALA B 412 -19.01 32.39 -28.65
C ALA B 412 -20.49 32.46 -28.93
N PHE B 413 -21.05 31.36 -29.41
CA PHE B 413 -22.46 31.32 -29.70
C PHE B 413 -23.28 31.53 -28.45
N VAL B 414 -22.78 31.05 -27.31
CA VAL B 414 -23.51 31.20 -26.07
C VAL B 414 -23.68 32.66 -25.78
N LYS B 415 -22.67 33.43 -26.19
CA LYS B 415 -22.62 34.83 -25.85
C LYS B 415 -23.89 35.48 -26.35
N ASN B 416 -24.42 34.92 -27.43
CA ASN B 416 -25.65 35.42 -28.03
C ASN B 416 -26.74 35.62 -27.00
N ARG B 417 -27.19 34.54 -26.36
CA ARG B 417 -28.28 34.73 -25.43
C ARG B 417 -27.81 35.51 -24.24
N THR B 418 -26.51 35.40 -23.94
CA THR B 418 -26.02 36.11 -22.78
C THR B 418 -26.21 37.55 -23.12
N ALA B 419 -25.96 37.89 -24.38
CA ALA B 419 -26.05 39.27 -24.83
C ALA B 419 -27.49 39.75 -24.74
N VAL B 420 -28.43 38.82 -24.82
CA VAL B 420 -29.84 39.14 -24.79
C VAL B 420 -30.22 39.67 -23.40
N TYR B 421 -29.38 39.40 -22.41
CA TYR B 421 -29.76 39.57 -21.01
C TYR B 421 -30.18 41.00 -20.69
N GLU B 422 -29.52 41.97 -21.33
CA GLU B 422 -29.73 43.37 -20.97
C GLU B 422 -31.12 43.73 -21.45
N ALA B 423 -31.57 42.99 -22.44
CA ALA B 423 -32.96 42.98 -22.80
C ALA B 423 -33.66 41.99 -21.88
N VAL B 424 -34.74 42.42 -21.25
CA VAL B 424 -35.19 43.78 -21.39
C VAL B 424 -35.19 44.44 -20.01
N SER B 425 -34.68 45.66 -19.96
CA SER B 425 -34.78 46.50 -18.77
C SER B 425 -36.25 46.85 -18.54
N GLN B 426 -36.65 47.08 -17.29
CA GLN B 426 -35.76 47.28 -16.17
C GLN B 426 -35.90 46.20 -15.09
N ARG B 427 -35.18 46.38 -13.99
CA ARG B 427 -35.03 45.33 -12.99
C ARG B 427 -36.35 44.93 -12.33
N GLY B 428 -36.50 43.64 -12.09
CA GLY B 428 -37.72 43.10 -11.53
C GLY B 428 -37.88 43.45 -10.07
N THR B 429 -37.47 42.55 -9.19
CA THR B 429 -36.92 41.26 -9.57
C THR B 429 -37.64 40.10 -8.90
N VAL B 430 -38.21 40.39 -7.72
CA VAL B 430 -38.83 39.37 -6.89
C VAL B 430 -40.08 38.77 -7.50
N ASN B 431 -40.81 39.56 -8.27
CA ASN B 431 -42.16 39.18 -8.70
C ASN B 431 -42.21 37.96 -9.61
N SER B 432 -41.14 37.68 -10.34
CA SER B 432 -41.19 36.56 -11.27
C SER B 432 -39.83 35.94 -11.54
N ASN B 433 -39.14 35.50 -10.49
CA ASN B 433 -37.88 34.78 -10.68
C ASN B 433 -36.89 35.75 -11.39
N GLY B 434 -35.71 35.34 -11.88
CA GLY B 434 -35.18 33.98 -11.94
C GLY B 434 -35.57 33.41 -13.28
N ALA B 435 -34.84 32.38 -13.71
CA ALA B 435 -35.11 31.69 -14.96
C ALA B 435 -34.21 30.47 -15.03
N GLU B 436 -34.56 29.52 -15.90
CA GLU B 436 -33.68 28.37 -16.12
C GLU B 436 -32.35 28.85 -16.61
N MET B 437 -32.38 29.52 -17.76
CA MET B 437 -31.23 30.25 -18.30
C MET B 437 -30.16 29.31 -18.83
N THR B 438 -30.04 28.18 -18.14
CA THR B 438 -28.79 27.48 -17.93
C THR B 438 -28.53 26.34 -18.90
N LEU B 439 -29.46 25.39 -18.97
CA LEU B 439 -29.30 24.21 -19.79
C LEU B 439 -29.48 24.52 -21.25
N GLY B 440 -28.87 23.70 -22.08
CA GLY B 440 -28.98 23.77 -23.52
C GLY B 440 -28.02 22.70 -24.00
N PHE B 441 -28.11 21.56 -23.34
CA PHE B 441 -27.03 20.59 -23.38
C PHE B 441 -26.92 19.92 -24.72
N PRO B 442 -25.76 20.06 -25.35
CA PRO B 442 -25.36 19.32 -26.53
C PRO B 442 -25.38 17.84 -26.26
N SER B 443 -25.04 17.49 -25.03
CA SER B 443 -24.83 16.10 -24.68
C SER B 443 -26.15 15.35 -24.69
N VAL B 444 -27.17 15.93 -24.07
CA VAL B 444 -28.45 15.25 -23.92
C VAL B 444 -29.08 15.04 -25.29
N VAL B 445 -28.80 15.95 -26.21
CA VAL B 445 -29.37 15.84 -27.54
C VAL B 445 -28.69 14.72 -28.29
N GLU B 446 -27.37 14.72 -28.24
CA GLU B 446 -26.61 13.76 -29.01
C GLU B 446 -26.85 12.34 -28.52
N ARG B 447 -27.07 12.19 -27.21
CA ARG B 447 -27.22 10.87 -26.63
C ARG B 447 -28.44 10.15 -27.19
N ASP B 448 -29.46 10.93 -27.52
CA ASP B 448 -30.72 10.38 -28.00
C ASP B 448 -30.78 10.46 -29.52
N TYR B 449 -30.21 11.53 -30.06
CA TYR B 449 -30.24 11.74 -31.49
C TYR B 449 -29.38 10.70 -32.19
N ALA B 450 -28.46 10.10 -31.45
CA ALA B 450 -27.64 9.03 -32.01
C ALA B 450 -28.50 7.84 -32.41
N LEU B 451 -29.58 7.62 -31.70
CA LEU B 451 -30.53 6.58 -32.04
C LEU B 451 -31.66 7.17 -32.88
N ASP B 452 -31.49 8.44 -33.23
CA ASP B 452 -32.48 9.16 -34.00
C ASP B 452 -33.85 9.13 -33.34
N ARG B 453 -33.85 9.03 -32.02
CA ARG B 453 -35.08 9.06 -31.26
C ARG B 453 -35.73 10.43 -31.31
N ASP B 454 -34.90 11.45 -31.58
CA ASP B 454 -35.26 12.85 -31.40
C ASP B 454 -35.48 13.17 -29.92
N PRO B 455 -34.45 13.72 -29.28
CA PRO B 455 -34.39 14.10 -27.87
C PRO B 455 -35.47 15.09 -27.49
N MET B 456 -35.85 15.90 -28.47
CA MET B 456 -36.70 17.05 -28.19
C MET B 456 -38.02 16.63 -27.55
N VAL B 457 -38.53 15.45 -27.91
CA VAL B 457 -39.72 14.95 -27.24
C VAL B 457 -39.44 14.58 -25.79
N ALA B 458 -38.23 14.09 -25.52
CA ALA B 458 -37.83 13.71 -24.18
C ALA B 458 -37.74 14.96 -23.30
N ILE B 459 -37.43 16.07 -23.95
CA ILE B 459 -37.27 17.32 -23.25
C ILE B 459 -38.52 17.70 -22.44
N ALA B 460 -39.65 17.75 -23.12
CA ALA B 460 -40.90 18.10 -22.47
C ALA B 460 -41.26 17.03 -21.44
N ALA B 461 -40.81 15.81 -21.72
CA ALA B 461 -41.05 14.71 -20.80
C ALA B 461 -40.36 15.00 -19.48
N LEU B 462 -39.25 15.72 -19.53
CA LEU B 462 -38.69 16.22 -18.29
C LEU B 462 -39.31 17.54 -17.86
N ARG B 463 -40.04 18.18 -18.74
CA ARG B 463 -40.76 19.35 -18.27
C ARG B 463 -41.80 18.94 -17.25
N THR B 464 -42.66 18.00 -17.64
CA THR B 464 -43.69 17.55 -16.71
C THR B 464 -43.10 16.51 -15.77
N GLY B 465 -41.89 16.05 -16.07
CA GLY B 465 -41.23 15.06 -15.27
C GLY B 465 -41.67 13.64 -15.55
N ILE B 466 -42.97 13.38 -15.43
CA ILE B 466 -43.50 12.04 -15.63
C ILE B 466 -43.28 11.60 -17.07
N VAL B 467 -42.98 10.32 -17.25
CA VAL B 467 -42.91 9.74 -18.59
C VAL B 467 -44.33 9.58 -19.10
N ASP B 468 -44.52 9.70 -20.41
CA ASP B 468 -45.85 9.66 -20.99
C ASP B 468 -46.22 8.24 -21.39
N GLU B 469 -45.49 7.28 -20.81
CA GLU B 469 -45.73 5.84 -20.99
C GLU B 469 -45.98 5.43 -22.44
N SER B 470 -45.00 5.69 -23.30
CA SER B 470 -45.04 5.17 -24.65
C SER B 470 -44.57 3.74 -24.61
N LEU B 471 -45.46 2.84 -24.19
CA LEU B 471 -45.07 1.47 -23.87
C LEU B 471 -44.46 0.73 -25.03
N GLU B 472 -43.13 0.71 -25.03
CA GLU B 472 -42.32 -0.10 -25.92
C GLU B 472 -40.90 -0.12 -25.41
N ALA B 473 -40.29 -1.31 -25.36
CA ALA B 473 -39.01 -1.48 -24.71
C ALA B 473 -37.92 -0.64 -25.35
N ARG B 474 -38.07 -0.33 -26.63
CA ARG B 474 -37.16 0.63 -27.26
C ARG B 474 -37.82 1.97 -27.46
N ALA B 475 -38.94 2.20 -26.80
CA ALA B 475 -39.53 3.53 -26.82
C ALA B 475 -39.40 4.16 -25.44
N SER B 476 -40.30 3.78 -24.55
CA SER B 476 -40.46 4.51 -23.31
C SER B 476 -39.18 4.57 -22.46
N ASN B 477 -38.58 3.42 -22.21
CA ASN B 477 -37.45 3.37 -21.28
C ASN B 477 -36.27 4.17 -21.83
N ASP B 478 -36.16 4.21 -23.16
CA ASP B 478 -35.09 4.94 -23.79
C ASP B 478 -35.20 6.42 -23.47
N LEU B 479 -36.44 6.91 -23.35
CA LEU B 479 -36.62 8.26 -22.92
C LEU B 479 -36.00 8.39 -21.56
N LYS B 480 -36.39 7.47 -20.69
CA LYS B 480 -35.92 7.49 -19.33
C LYS B 480 -34.43 7.22 -19.33
N ARG B 481 -33.96 6.54 -20.38
CA ARG B 481 -32.55 6.21 -20.48
C ARG B 481 -31.75 7.49 -20.52
N SER B 482 -32.37 8.53 -21.05
CA SER B 482 -31.76 9.84 -21.12
C SER B 482 -31.92 10.59 -19.82
N MET B 483 -33.08 10.44 -19.20
CA MET B 483 -33.46 11.34 -18.13
C MET B 483 -32.46 11.15 -17.01
N PHE B 484 -31.95 9.93 -16.91
CA PHE B 484 -31.05 9.58 -15.84
C PHE B 484 -29.82 10.44 -15.98
N ASN B 485 -29.28 10.43 -17.20
CA ASN B 485 -28.06 11.16 -17.52
C ASN B 485 -28.29 12.61 -17.25
N TYR B 486 -29.54 13.00 -17.43
CA TYR B 486 -29.90 14.37 -17.39
C TYR B 486 -29.68 14.81 -15.94
N TYR B 487 -30.20 14.02 -15.00
CA TYR B 487 -29.96 14.29 -13.59
C TYR B 487 -28.49 14.15 -13.31
N ALA B 488 -27.89 13.20 -14.00
CA ALA B 488 -26.51 12.86 -13.76
C ALA B 488 -25.69 14.06 -14.14
N ALA B 489 -26.26 14.89 -15.01
CA ALA B 489 -25.54 16.07 -15.43
C ALA B 489 -25.23 16.96 -14.26
N VAL B 490 -26.25 17.65 -13.75
CA VAL B 490 -26.02 18.78 -12.89
C VAL B 490 -25.23 18.39 -11.66
N MET B 491 -25.52 17.22 -11.12
CA MET B 491 -24.91 16.79 -9.88
C MET B 491 -23.41 16.85 -9.94
N HIS B 492 -22.86 16.41 -11.04
CA HIS B 492 -21.42 16.36 -11.13
C HIS B 492 -20.80 17.74 -11.02
N TYR B 493 -21.35 18.76 -11.67
CA TYR B 493 -20.64 20.02 -11.59
C TYR B 493 -21.28 20.78 -10.46
N ALA B 494 -22.23 20.12 -9.80
CA ALA B 494 -22.70 20.57 -8.51
C ALA B 494 -21.76 20.05 -7.44
N VAL B 495 -20.80 19.21 -7.83
CA VAL B 495 -19.79 18.77 -6.89
C VAL B 495 -18.84 19.91 -6.63
N ALA B 496 -18.09 20.29 -7.66
CA ALA B 496 -17.29 21.50 -7.56
C ALA B 496 -18.28 22.60 -7.34
N HIS B 497 -18.01 23.46 -6.38
CA HIS B 497 -19.02 24.41 -5.94
C HIS B 497 -20.31 23.68 -5.58
N ASN B 498 -20.39 23.11 -4.38
CA ASN B 498 -19.30 23.07 -3.42
C ASN B 498 -19.29 21.67 -2.84
N PRO B 499 -18.13 21.19 -2.35
CA PRO B 499 -18.12 19.92 -1.63
C PRO B 499 -19.01 19.87 -0.37
N GLU B 500 -19.88 20.85 -0.21
CA GLU B 500 -20.89 20.80 0.85
C GLU B 500 -21.79 19.61 0.62
N VAL B 501 -22.18 18.93 1.71
CA VAL B 501 -22.93 17.69 1.59
C VAL B 501 -23.95 17.58 2.68
N VAL B 502 -24.83 16.58 2.53
CA VAL B 502 -25.73 16.03 3.57
C VAL B 502 -26.56 17.07 4.35
N VAL B 503 -27.91 17.13 4.26
CA VAL B 503 -28.99 16.26 3.72
C VAL B 503 -29.40 15.28 4.82
N SER B 504 -30.49 14.58 4.57
CA SER B 504 -30.93 13.52 5.46
C SER B 504 -31.72 12.55 4.64
N GLU B 505 -32.01 11.41 5.22
CA GLU B 505 -33.09 10.61 4.69
C GLU B 505 -34.32 11.48 4.91
N HIS B 506 -35.23 11.50 3.95
CA HIS B 506 -36.39 12.37 4.08
C HIS B 506 -37.64 11.54 4.02
N GLN B 507 -37.90 10.83 5.11
CA GLN B 507 -38.95 9.83 5.18
C GLN B 507 -40.34 10.40 4.94
N GLY B 508 -40.53 11.66 5.30
CA GLY B 508 -41.84 12.28 5.23
C GLY B 508 -42.81 11.50 6.10
N VAL B 509 -44.01 11.26 5.59
CA VAL B 509 -44.98 10.43 6.29
C VAL B 509 -45.07 9.05 5.66
N ALA B 510 -44.52 8.90 4.45
CA ALA B 510 -44.57 7.63 3.73
C ALA B 510 -43.56 7.62 2.60
N ALA B 511 -42.67 6.62 2.55
CA ALA B 511 -42.56 5.59 3.59
C ALA B 511 -41.09 5.27 3.75
N GLU B 512 -40.66 4.96 4.97
CA GLU B 512 -39.23 4.86 5.22
C GLU B 512 -38.67 3.56 4.69
N GLN B 513 -38.38 3.56 3.39
CA GLN B 513 -37.61 2.49 2.80
C GLN B 513 -36.24 3.08 2.48
N GLY B 514 -36.06 4.33 2.88
CA GLY B 514 -34.86 5.08 2.56
C GLY B 514 -35.12 6.14 1.52
N SER B 515 -34.52 7.31 1.69
CA SER B 515 -34.76 8.44 0.81
C SER B 515 -33.84 9.59 1.17
N LEU B 516 -32.61 9.57 0.67
CA LEU B 516 -31.63 10.59 1.04
C LEU B 516 -30.77 11.06 -0.12
N TYR B 517 -30.97 12.30 -0.54
CA TYR B 517 -30.16 12.88 -1.60
C TYR B 517 -28.94 13.61 -1.03
N LEU B 518 -28.69 14.84 -1.47
CA LEU B 518 -27.53 15.60 -1.02
C LEU B 518 -27.88 17.08 -0.85
N VAL B 519 -27.03 17.83 -0.14
CA VAL B 519 -27.32 19.24 0.14
C VAL B 519 -26.06 20.04 -0.18
N TRP B 520 -26.20 21.35 -0.38
CA TRP B 520 -25.05 22.16 -0.75
C TRP B 520 -25.11 23.54 -0.13
N ASN B 521 -24.35 23.74 0.95
CA ASN B 521 -24.32 25.03 1.60
C ASN B 521 -23.71 26.13 0.74
N VAL B 522 -22.78 25.76 -0.13
CA VAL B 522 -21.96 26.72 -0.90
C VAL B 522 -21.66 27.99 -0.10
N ARG B 523 -21.64 29.14 -0.77
CA ARG B 523 -21.42 30.40 -0.07
C ARG B 523 -21.93 31.54 -0.95
N THR B 524 -22.50 32.58 -0.36
CA THR B 524 -23.38 33.44 -1.12
C THR B 524 -23.25 34.93 -0.92
N GLU B 525 -23.81 35.65 -1.89
CA GLU B 525 -24.11 37.07 -1.73
C GLU B 525 -25.34 37.23 -0.85
N LEU B 526 -25.43 38.35 -0.13
CA LEU B 526 -26.52 38.59 0.81
C LEU B 526 -27.81 39.13 0.20
N ARG B 527 -28.34 38.46 -0.82
CA ARG B 527 -29.67 38.80 -1.31
C ARG B 527 -30.28 37.59 -2.00
N ILE B 528 -31.55 37.31 -1.73
CA ILE B 528 -32.19 36.12 -2.28
C ILE B 528 -33.56 36.33 -2.90
N PRO B 529 -33.60 36.98 -4.07
CA PRO B 529 -34.84 36.93 -4.86
C PRO B 529 -34.82 35.69 -5.76
N VAL B 530 -33.98 34.73 -5.38
CA VAL B 530 -33.84 33.49 -6.12
C VAL B 530 -33.85 32.30 -5.17
N GLY B 531 -34.70 31.31 -5.47
CA GLY B 531 -34.86 30.13 -4.64
C GLY B 531 -35.94 30.28 -3.59
N TYR B 532 -36.88 29.34 -3.54
CA TYR B 532 -37.97 29.41 -2.56
C TYR B 532 -37.39 29.27 -1.18
N ASN B 533 -36.30 28.53 -1.09
CA ASN B 533 -35.61 28.36 0.17
C ASN B 533 -34.82 29.64 0.43
N ALA B 534 -35.42 30.51 1.24
CA ALA B 534 -34.90 31.85 1.45
C ALA B 534 -33.51 31.81 2.04
N ILE B 535 -33.28 30.77 2.82
CA ILE B 535 -32.04 30.51 3.56
C ILE B 535 -30.77 31.19 3.04
N GLU B 536 -30.80 32.51 2.98
CA GLU B 536 -29.66 33.31 2.59
C GLU B 536 -28.58 33.29 3.66
N GLY B 537 -29.01 33.02 4.89
CA GLY B 537 -28.18 33.19 6.08
C GLY B 537 -26.78 32.64 5.91
N GLY B 538 -25.84 33.54 5.61
CA GLY B 538 -24.52 33.13 5.21
C GLY B 538 -24.61 32.54 3.82
N SER B 539 -25.35 31.45 3.70
CA SER B 539 -25.55 30.78 2.42
C SER B 539 -26.74 29.84 2.40
N ILE B 540 -27.14 29.46 1.20
CA ILE B 540 -28.25 28.56 0.97
C ILE B 540 -27.74 27.21 1.44
N ARG B 541 -28.59 26.25 1.84
CA ARG B 541 -27.99 25.09 2.51
C ARG B 541 -27.62 23.81 1.70
N THR B 542 -28.19 23.47 0.54
CA THR B 542 -29.47 23.88 -0.03
C THR B 542 -30.12 22.61 -0.59
N PRO B 543 -31.47 22.56 -0.61
CA PRO B 543 -32.16 21.35 -1.07
C PRO B 543 -31.89 20.87 -2.50
N GLU B 544 -31.64 21.76 -3.45
CA GLU B 544 -31.53 21.29 -4.84
C GLU B 544 -30.26 21.81 -5.49
N PRO B 545 -29.62 20.99 -6.34
CA PRO B 545 -28.33 21.33 -6.94
C PRO B 545 -28.24 22.61 -7.78
N LEU B 546 -29.29 22.94 -8.51
CA LEU B 546 -29.21 24.03 -9.47
C LEU B 546 -29.01 25.38 -8.80
N GLU B 547 -29.58 25.54 -7.61
CA GLU B 547 -29.50 26.82 -6.94
C GLU B 547 -28.08 27.19 -6.61
N ALA B 548 -27.25 26.18 -6.37
CA ALA B 548 -25.85 26.45 -6.12
C ALA B 548 -25.32 27.23 -7.31
N ILE B 549 -25.59 26.70 -8.50
CA ILE B 549 -25.16 27.33 -9.71
C ILE B 549 -25.85 28.67 -9.84
N ALA B 550 -27.09 28.72 -9.38
CA ALA B 550 -27.85 29.96 -9.45
C ALA B 550 -27.19 31.01 -8.59
N TYR B 551 -26.56 30.57 -7.51
CA TYR B 551 -25.81 31.50 -6.68
C TYR B 551 -24.34 31.51 -7.05
N ASN B 552 -23.97 30.71 -8.04
CA ASN B 552 -22.58 30.60 -8.45
C ASN B 552 -22.07 31.76 -9.30
N LYS B 553 -20.77 31.96 -9.26
CA LYS B 553 -20.08 32.88 -10.15
C LYS B 553 -20.03 32.31 -11.58
N PRO B 554 -19.92 33.20 -12.59
CA PRO B 554 -19.84 32.78 -14.00
C PRO B 554 -18.67 31.85 -14.28
N ILE B 555 -17.60 32.02 -13.52
CA ILE B 555 -16.39 31.20 -13.56
C ILE B 555 -15.80 31.02 -14.96
N GLN B 556 -16.65 30.84 -15.97
CA GLN B 556 -16.22 30.71 -17.35
C GLN B 556 -15.48 29.41 -17.55
N PRO B 557 -16.00 28.53 -18.39
CA PRO B 557 -15.49 27.17 -18.46
C PRO B 557 -14.03 27.06 -18.85
N SER B 558 -13.32 26.11 -18.25
CA SER B 558 -12.05 25.66 -18.78
C SER B 558 -12.41 25.03 -20.11
N GLU B 559 -12.75 23.74 -20.07
CA GLU B 559 -13.49 23.10 -21.16
C GLU B 559 -12.85 23.09 -22.53
N VAL B 560 -12.51 21.89 -22.98
CA VAL B 560 -11.76 21.74 -24.21
C VAL B 560 -12.28 20.60 -25.08
N LEU B 561 -13.15 19.76 -24.53
CA LEU B 561 -13.48 18.50 -25.20
C LEU B 561 -14.11 18.67 -26.57
N GLN B 562 -13.60 17.89 -27.52
CA GLN B 562 -14.04 17.92 -28.90
C GLN B 562 -13.54 16.68 -29.63
N ALA B 563 -14.48 15.87 -30.13
CA ALA B 563 -14.16 14.54 -30.59
C ALA B 563 -13.47 14.55 -31.93
N LYS B 564 -13.46 13.39 -32.57
CA LYS B 564 -12.77 13.20 -33.83
C LYS B 564 -13.30 11.99 -34.56
N VAL B 565 -13.42 12.10 -35.88
CA VAL B 565 -13.86 10.97 -36.68
C VAL B 565 -12.78 9.90 -36.68
N LEU B 566 -13.21 8.65 -36.60
CA LEU B 566 -12.29 7.53 -36.69
C LEU B 566 -11.79 7.32 -38.13
N ASP B 567 -10.56 6.86 -38.23
CA ASP B 567 -9.85 6.73 -39.51
C ASP B 567 -10.48 5.76 -40.51
N LEU B 568 -11.18 4.77 -39.98
CA LEU B 568 -12.03 3.88 -40.78
C LEU B 568 -11.38 3.30 -42.03
N ALA B 569 -11.26 4.11 -43.08
CA ALA B 569 -10.98 3.59 -44.42
C ALA B 569 -9.65 2.86 -44.44
N ASN B 570 -8.75 3.30 -43.59
CA ASN B 570 -7.42 2.74 -43.51
C ASN B 570 -7.43 1.30 -43.01
N HIS B 571 -8.55 0.91 -42.40
CA HIS B 571 -8.68 -0.44 -41.84
C HIS B 571 -9.73 -1.25 -42.57
N THR B 572 -10.80 -0.59 -43.00
CA THR B 572 -11.87 -1.29 -43.69
C THR B 572 -11.45 -1.47 -45.13
N THR B 573 -10.32 -0.86 -45.48
CA THR B 573 -9.65 -1.24 -46.70
C THR B 573 -9.22 -2.69 -46.53
N SER B 574 -9.11 -3.12 -45.29
CA SER B 574 -8.88 -4.52 -45.01
C SER B 574 -10.14 -5.17 -44.44
N ILE B 575 -10.70 -4.62 -43.37
CA ILE B 575 -11.71 -5.37 -42.59
C ILE B 575 -13.04 -4.65 -42.33
N HIS B 576 -14.09 -5.44 -42.40
CA HIS B 576 -15.47 -5.09 -42.09
C HIS B 576 -15.73 -4.48 -40.71
N ILE B 577 -16.61 -3.49 -40.67
CA ILE B 577 -17.12 -2.94 -39.42
C ILE B 577 -18.59 -3.34 -39.29
N TRP B 578 -19.14 -3.29 -38.08
CA TRP B 578 -20.49 -3.82 -37.81
C TRP B 578 -21.51 -2.89 -37.14
N PRO B 579 -21.15 -1.64 -36.78
CA PRO B 579 -22.26 -0.73 -36.50
C PRO B 579 -23.16 -0.61 -37.70
N TRP B 580 -22.57 -0.75 -38.88
CA TRP B 580 -23.36 -0.88 -40.08
C TRP B 580 -24.29 -2.05 -39.84
N HIS B 581 -25.58 -1.91 -40.15
CA HIS B 581 -26.20 -0.77 -40.85
C HIS B 581 -26.12 0.59 -40.15
N GLU B 582 -27.13 0.92 -39.36
CA GLU B 582 -27.17 2.19 -38.64
C GLU B 582 -26.82 3.42 -39.47
N ALA B 583 -25.62 3.45 -40.02
CA ALA B 583 -25.08 4.65 -40.65
C ALA B 583 -25.96 5.09 -41.83
N SER B 584 -26.74 4.15 -42.34
CA SER B 584 -27.85 4.40 -43.26
C SER B 584 -27.43 4.62 -44.71
N THR B 585 -28.36 5.17 -45.50
CA THR B 585 -28.35 4.96 -46.93
C THR B 585 -27.31 5.73 -47.77
N GLU B 586 -27.36 7.05 -47.99
CA GLU B 586 -28.18 8.06 -47.32
C GLU B 586 -28.00 9.39 -48.06
N PHE B 587 -28.83 9.69 -49.06
CA PHE B 587 -28.60 10.90 -49.87
C PHE B 587 -29.76 11.75 -50.37
N ALA B 588 -30.24 12.61 -49.47
CA ALA B 588 -31.06 13.79 -49.78
C ALA B 588 -30.11 14.85 -50.38
N TYR B 589 -30.58 15.88 -51.11
CA TYR B 589 -31.95 16.37 -51.13
C TYR B 589 -32.23 17.21 -52.36
N GLU B 590 -33.47 17.18 -52.83
CA GLU B 590 -33.89 18.01 -53.95
C GLU B 590 -34.50 19.30 -53.46
N ASP B 591 -33.66 20.29 -53.14
CA ASP B 591 -34.19 21.51 -52.58
C ASP B 591 -34.54 22.52 -53.66
N ALA B 592 -35.75 22.41 -54.19
CA ALA B 592 -36.24 23.40 -55.13
C ALA B 592 -36.54 24.70 -54.40
N TYR B 593 -36.43 25.82 -55.09
CA TYR B 593 -36.88 27.09 -54.52
C TYR B 593 -37.40 27.99 -55.62
N SER B 594 -38.42 28.77 -55.27
CA SER B 594 -39.01 29.74 -56.18
C SER B 594 -38.28 31.07 -56.13
N VAL B 595 -38.38 31.81 -57.23
CA VAL B 595 -37.99 33.20 -57.23
C VAL B 595 -39.13 33.98 -57.85
N THR B 596 -39.94 34.58 -57.00
CA THR B 596 -41.12 35.26 -57.48
C THR B 596 -40.72 36.60 -58.09
N ILE B 597 -40.10 36.54 -59.25
CA ILE B 597 -39.88 37.76 -60.02
C ILE B 597 -41.28 38.13 -60.45
N ARG B 598 -41.49 39.41 -60.74
CA ARG B 598 -42.84 39.97 -60.80
C ARG B 598 -43.83 39.08 -61.55
N ASN B 599 -44.89 38.75 -60.82
CA ASN B 599 -46.00 37.89 -61.24
C ASN B 599 -45.60 36.62 -62.00
N LYS B 600 -44.44 36.05 -61.67
CA LYS B 600 -44.01 34.79 -62.28
C LYS B 600 -43.16 33.96 -61.32
N ARG B 601 -43.12 32.66 -61.56
CA ARG B 601 -42.61 31.71 -60.59
C ARG B 601 -41.14 31.37 -60.78
N TYR B 602 -40.85 30.63 -61.84
CA TYR B 602 -39.48 30.27 -62.19
C TYR B 602 -38.73 29.51 -61.11
N THR B 603 -39.43 28.57 -60.48
CA THR B 603 -38.82 27.72 -59.47
C THR B 603 -37.75 26.84 -60.09
N ALA B 604 -36.67 26.60 -59.36
CA ALA B 604 -35.60 25.74 -59.86
C ALA B 604 -35.20 24.73 -58.80
N GLU B 605 -34.48 23.68 -59.21
CA GLU B 605 -34.11 22.60 -58.31
C GLU B 605 -32.82 21.98 -58.79
N VAL B 606 -32.21 21.11 -57.98
CA VAL B 606 -30.98 20.49 -58.41
C VAL B 606 -30.71 19.15 -57.71
N LYS B 607 -30.09 18.23 -58.45
CA LYS B 607 -29.98 16.83 -58.04
C LYS B 607 -28.74 16.49 -57.22
N GLU B 608 -28.60 17.11 -56.06
CA GLU B 608 -27.52 16.84 -55.11
C GLU B 608 -26.14 16.55 -55.71
N PHE B 609 -25.98 15.44 -56.42
CA PHE B 609 -24.64 14.92 -56.66
C PHE B 609 -23.76 15.83 -57.50
N GLU B 610 -24.37 16.53 -58.45
CA GLU B 610 -23.58 17.35 -59.35
C GLU B 610 -23.24 18.68 -58.70
N LEU B 611 -23.81 18.94 -57.52
CA LEU B 611 -23.35 20.07 -56.74
C LEU B 611 -21.91 19.78 -56.39
N LEU B 612 -21.62 18.50 -56.23
CA LEU B 612 -20.26 18.07 -55.96
C LEU B 612 -19.48 18.01 -57.25
N GLY B 613 -20.19 18.15 -58.36
CA GLY B 613 -19.59 18.20 -59.68
C GLY B 613 -19.34 16.81 -60.23
N LEU B 614 -19.64 15.82 -59.41
CA LEU B 614 -19.48 14.44 -59.79
C LEU B 614 -20.62 14.02 -60.70
N GLY B 615 -20.36 13.04 -61.56
CA GLY B 615 -21.38 12.46 -62.41
C GLY B 615 -21.17 10.98 -62.65
N GLN B 616 -22.26 10.22 -62.69
CA GLN B 616 -23.58 10.80 -62.53
C GLN B 616 -24.14 10.54 -61.14
N ARG B 617 -25.42 10.20 -61.10
CA ARG B 617 -26.06 9.85 -59.85
C ARG B 617 -25.33 8.67 -59.23
N ARG B 618 -25.13 8.71 -57.92
CA ARG B 618 -24.56 7.56 -57.24
C ARG B 618 -25.69 6.82 -56.56
N GLU B 619 -25.61 5.50 -56.52
CA GLU B 619 -26.70 4.72 -55.96
C GLU B 619 -26.52 4.37 -54.50
N ARG B 620 -25.27 4.14 -54.10
CA ARG B 620 -25.03 3.34 -52.91
C ARG B 620 -23.92 3.88 -52.04
N VAL B 621 -23.57 5.14 -52.28
CA VAL B 621 -22.63 5.83 -51.42
C VAL B 621 -23.30 5.95 -50.07
N ARG B 622 -22.54 5.86 -48.99
CA ARG B 622 -23.16 5.79 -47.68
C ARG B 622 -22.53 6.71 -46.65
N ILE B 623 -23.09 7.91 -46.57
CA ILE B 623 -22.69 8.89 -45.59
C ILE B 623 -23.07 8.36 -44.20
N LEU B 624 -22.31 8.74 -43.19
CA LEU B 624 -22.67 8.40 -41.82
C LEU B 624 -23.86 9.22 -41.41
N LYS B 625 -24.06 9.36 -40.12
CA LYS B 625 -25.03 10.31 -39.61
C LYS B 625 -24.35 11.13 -38.53
N PRO B 626 -23.55 12.12 -38.94
CA PRO B 626 -22.69 12.82 -38.00
C PRO B 626 -23.52 13.47 -36.91
N THR B 627 -23.00 13.42 -35.70
CA THR B 627 -23.76 13.85 -34.54
C THR B 627 -23.29 15.21 -34.12
N VAL B 628 -23.25 15.43 -32.81
CA VAL B 628 -22.64 16.62 -32.25
C VAL B 628 -23.28 17.86 -32.81
N ALA B 629 -22.90 18.15 -34.05
CA ALA B 629 -23.23 19.41 -34.69
C ALA B 629 -24.72 19.62 -34.69
N HIS B 630 -25.46 18.53 -34.75
CA HIS B 630 -26.91 18.63 -34.78
C HIS B 630 -27.35 19.37 -33.56
N ALA B 631 -26.76 19.03 -32.43
CA ALA B 631 -27.15 19.63 -31.16
C ALA B 631 -26.83 21.11 -31.18
N ILE B 632 -25.71 21.47 -31.80
CA ILE B 632 -25.31 22.84 -31.79
C ILE B 632 -26.29 23.65 -32.60
N ILE B 633 -26.50 23.23 -33.83
CA ILE B 633 -27.31 24.00 -34.74
C ILE B 633 -28.76 24.02 -34.26
N GLN B 634 -29.20 22.95 -33.63
CA GLN B 634 -30.53 22.95 -33.08
C GLN B 634 -30.61 23.96 -31.97
N MET B 635 -29.57 24.00 -31.15
CA MET B 635 -29.60 24.88 -30.01
C MET B 635 -29.64 26.31 -30.50
N TRP B 636 -28.97 26.51 -31.61
CA TRP B 636 -28.87 27.80 -32.26
C TRP B 636 -30.24 28.23 -32.77
N TYR B 637 -30.92 27.26 -33.34
CA TYR B 637 -32.21 27.46 -33.96
C TYR B 637 -33.26 27.80 -32.89
N SER B 638 -33.34 26.94 -31.89
CA SER B 638 -34.30 27.10 -30.83
C SER B 638 -34.00 28.36 -30.05
N TRP B 639 -32.73 28.64 -29.84
CA TRP B 639 -32.40 29.84 -29.10
C TRP B 639 -32.77 31.06 -29.89
N PHE B 640 -32.69 31.00 -31.21
CA PHE B 640 -33.22 32.14 -31.96
C PHE B 640 -34.69 32.26 -31.72
N VAL B 641 -35.35 31.12 -31.53
CA VAL B 641 -36.76 31.19 -31.26
C VAL B 641 -36.96 31.94 -29.95
N GLU B 642 -36.12 31.64 -28.96
CA GLU B 642 -36.25 32.33 -27.68
C GLU B 642 -36.02 33.81 -27.91
N ASP B 643 -35.12 34.09 -28.83
CA ASP B 643 -34.67 35.44 -29.09
C ASP B 643 -35.82 36.26 -29.60
N ASP B 644 -36.25 35.95 -30.81
CA ASP B 644 -37.25 36.77 -31.46
C ASP B 644 -38.55 36.75 -30.67
N ARG B 645 -38.85 35.66 -29.97
CA ARG B 645 -40.07 35.70 -29.16
C ARG B 645 -39.90 36.78 -28.10
N THR B 646 -38.78 36.73 -27.38
CA THR B 646 -38.58 37.68 -26.30
C THR B 646 -38.60 39.11 -26.79
N LEU B 647 -37.85 39.37 -27.85
CA LEU B 647 -37.72 40.73 -28.34
C LEU B 647 -39.04 41.25 -28.85
N ALA B 648 -39.76 40.40 -29.59
CA ALA B 648 -41.02 40.84 -30.17
C ALA B 648 -42.00 41.16 -29.06
N ALA B 649 -41.98 40.37 -28.00
CA ALA B 649 -42.87 40.64 -26.87
C ALA B 649 -42.47 41.96 -26.23
N ALA B 650 -41.16 42.21 -26.24
CA ALA B 650 -40.63 43.39 -25.61
C ALA B 650 -41.17 44.62 -26.31
N ARG B 651 -41.13 44.62 -27.64
CA ARG B 651 -41.69 45.75 -28.35
C ARG B 651 -43.21 45.76 -28.18
N ARG B 652 -43.80 44.59 -27.98
CA ARG B 652 -45.25 44.56 -27.82
C ARG B 652 -45.62 45.38 -26.61
N THR B 653 -44.76 45.35 -25.59
CA THR B 653 -44.94 46.27 -24.47
C THR B 653 -43.72 46.30 -23.56
N SER B 654 -42.88 47.30 -23.74
CA SER B 654 -41.83 47.61 -22.77
C SER B 654 -41.02 48.87 -23.10
N ARG B 655 -41.61 50.08 -23.11
CA ARG B 655 -43.04 50.32 -22.99
C ARG B 655 -43.50 51.68 -23.59
N ASP B 656 -42.89 52.86 -23.31
CA ASP B 656 -41.50 53.22 -22.93
C ASP B 656 -40.57 52.97 -24.12
N ASP B 657 -40.47 54.01 -24.95
CA ASP B 657 -39.88 53.96 -26.29
C ASP B 657 -38.40 53.65 -26.33
N ALA B 658 -37.66 54.11 -25.33
CA ALA B 658 -36.21 54.08 -25.39
C ALA B 658 -35.72 52.65 -25.54
N GLU B 659 -36.51 51.73 -25.02
CA GLU B 659 -36.17 50.32 -25.09
C GLU B 659 -36.62 49.66 -26.39
N LYS B 660 -37.78 50.07 -26.91
CA LYS B 660 -38.36 49.32 -28.03
C LYS B 660 -37.44 49.41 -29.24
N LEU B 661 -37.01 50.62 -29.58
CA LEU B 661 -36.13 50.76 -30.72
C LEU B 661 -34.87 49.98 -30.45
N ALA B 662 -34.44 49.98 -29.19
CA ALA B 662 -33.24 49.25 -28.85
C ALA B 662 -33.44 47.82 -29.29
N ILE B 663 -34.50 47.20 -28.80
CA ILE B 663 -34.66 45.80 -29.13
C ILE B 663 -34.95 45.66 -30.61
N ASP B 664 -35.69 46.59 -31.19
CA ASP B 664 -36.07 46.34 -32.57
C ASP B 664 -34.86 46.68 -33.39
N GLY B 665 -34.00 47.51 -32.80
CA GLY B 665 -32.71 47.76 -33.41
C GLY B 665 -31.91 46.50 -33.25
N ARG B 666 -31.92 45.98 -32.04
CA ARG B 666 -31.16 44.80 -31.69
C ARG B 666 -31.52 43.71 -32.68
N ARG B 667 -32.83 43.55 -32.83
CA ARG B 667 -33.42 42.52 -33.65
C ARG B 667 -32.72 42.51 -34.99
N MET B 668 -32.61 43.70 -35.57
CA MET B 668 -32.11 43.78 -36.93
C MET B 668 -30.75 43.14 -37.03
N GLN B 669 -29.80 43.57 -36.21
CA GLN B 669 -28.46 43.11 -36.53
C GLN B 669 -28.34 41.65 -36.19
N ASN B 670 -29.22 41.18 -35.31
CA ASN B 670 -29.21 39.76 -35.00
C ASN B 670 -29.39 39.04 -36.30
N ALA B 671 -30.44 39.39 -37.01
CA ALA B 671 -30.69 38.79 -38.29
C ALA B 671 -29.54 39.13 -39.22
N VAL B 672 -29.08 40.37 -39.13
CA VAL B 672 -28.04 40.79 -40.03
C VAL B 672 -26.84 39.92 -39.77
N THR B 673 -26.64 39.59 -38.50
CA THR B 673 -25.50 38.79 -38.15
C THR B 673 -25.62 37.47 -38.87
N LEU B 674 -26.78 36.84 -38.74
CA LEU B 674 -26.91 35.52 -39.31
C LEU B 674 -26.75 35.62 -40.79
N LEU B 675 -27.23 36.74 -41.34
CA LEU B 675 -27.18 36.90 -42.78
C LEU B 675 -25.77 36.69 -43.19
N ARG B 676 -24.88 37.39 -42.53
CA ARG B 676 -23.51 37.41 -42.96
C ARG B 676 -22.98 36.01 -42.89
N LYS B 677 -23.22 35.34 -41.77
CA LYS B 677 -22.56 34.06 -41.61
C LYS B 677 -23.14 33.05 -42.58
N ILE B 678 -24.37 33.27 -43.02
CA ILE B 678 -24.94 32.30 -43.95
C ILE B 678 -24.19 32.31 -45.27
N GLU B 679 -23.64 33.44 -45.69
CA GLU B 679 -22.87 33.38 -46.93
C GLU B 679 -21.66 32.49 -46.74
N MET B 680 -21.10 32.50 -45.54
CA MET B 680 -19.95 31.65 -45.26
C MET B 680 -20.37 30.21 -45.29
N ILE B 681 -21.66 29.96 -45.06
CA ILE B 681 -22.13 28.60 -45.11
C ILE B 681 -22.03 28.12 -46.53
N GLY B 682 -22.19 29.03 -47.48
CA GLY B 682 -22.36 28.63 -48.86
C GLY B 682 -21.31 29.07 -49.86
N THR B 683 -21.42 30.32 -50.31
CA THR B 683 -20.64 30.78 -51.44
C THR B 683 -19.20 30.97 -51.00
N THR B 684 -18.52 29.84 -50.85
CA THR B 684 -17.13 29.80 -50.45
C THR B 684 -16.71 28.34 -50.43
N GLY B 685 -17.44 27.54 -51.18
CA GLY B 685 -17.28 26.10 -51.13
C GLY B 685 -18.37 25.57 -50.23
N ILE B 686 -19.32 24.84 -50.80
CA ILE B 686 -19.27 24.51 -52.22
C ILE B 686 -20.58 24.93 -52.86
N GLY B 687 -21.33 25.76 -52.13
CA GLY B 687 -22.67 26.11 -52.56
C GLY B 687 -22.64 27.14 -53.67
N ALA B 688 -21.44 27.61 -53.99
CA ALA B 688 -21.28 28.47 -55.15
C ALA B 688 -21.70 27.66 -56.37
N SER B 689 -21.47 26.35 -56.29
CA SER B 689 -21.95 25.47 -57.32
C SER B 689 -23.47 25.54 -57.35
N ALA B 690 -24.07 25.70 -56.17
CA ALA B 690 -25.51 25.70 -56.07
C ALA B 690 -26.08 26.93 -56.74
N VAL B 691 -25.52 28.09 -56.42
CA VAL B 691 -26.03 29.29 -57.05
C VAL B 691 -25.75 29.24 -58.53
N HIS B 692 -24.67 28.58 -58.90
CA HIS B 692 -24.29 28.48 -60.30
C HIS B 692 -25.35 27.74 -61.09
N LEU B 693 -25.67 26.55 -60.60
CA LEU B 693 -26.64 25.73 -61.28
C LEU B 693 -28.01 26.37 -61.22
N ALA B 694 -28.29 27.08 -60.13
CA ALA B 694 -29.59 27.72 -60.02
C ALA B 694 -29.73 28.78 -61.10
N GLN B 695 -28.65 29.53 -61.31
CA GLN B 695 -28.65 30.54 -62.34
C GLN B 695 -28.84 29.88 -63.70
N SER B 696 -28.22 28.71 -63.86
CA SER B 696 -28.33 28.02 -65.13
C SER B 696 -29.78 27.64 -65.38
N ARG B 697 -30.40 27.01 -64.40
CA ARG B 697 -31.74 26.49 -64.55
C ARG B 697 -32.69 27.63 -64.80
N ILE B 698 -32.45 28.75 -64.14
CA ILE B 698 -33.43 29.81 -64.20
C ILE B 698 -33.33 30.53 -65.53
N VAL B 699 -32.13 30.85 -65.97
CA VAL B 699 -32.01 31.57 -67.23
C VAL B 699 -32.44 30.67 -68.37
N ASP B 700 -32.08 29.40 -68.29
CA ASP B 700 -32.48 28.47 -69.32
C ASP B 700 -33.99 28.35 -69.32
N GLN B 701 -34.60 28.48 -68.15
CA GLN B 701 -36.05 28.51 -68.08
C GLN B 701 -36.58 29.76 -68.75
N MET B 702 -35.82 30.85 -68.68
CA MET B 702 -36.24 32.08 -69.33
C MET B 702 -36.30 31.81 -70.81
N ALA B 703 -35.25 31.18 -71.32
CA ALA B 703 -35.17 30.89 -72.74
C ALA B 703 -36.26 29.93 -73.15
N GLY B 704 -36.59 29.00 -72.26
CA GLY B 704 -37.53 27.94 -72.60
C GLY B 704 -38.96 28.41 -72.62
N ARG B 705 -39.26 29.36 -71.75
CA ARG B 705 -40.57 29.99 -71.75
C ARG B 705 -40.52 31.06 -72.83
N GLY B 706 -39.33 31.25 -73.37
CA GLY B 706 -39.13 32.20 -74.44
C GLY B 706 -38.08 33.21 -74.10
N LEU B 707 -38.53 34.37 -73.65
CA LEU B 707 -37.65 35.50 -73.38
C LEU B 707 -36.68 35.30 -72.22
N ILE B 708 -35.43 35.71 -72.44
CA ILE B 708 -34.46 35.85 -71.37
C ILE B 708 -34.42 37.32 -71.08
N ASP B 709 -35.43 38.00 -71.60
CA ASP B 709 -35.45 39.44 -71.67
C ASP B 709 -35.34 40.09 -70.31
N ASP B 710 -36.22 39.68 -69.41
CA ASP B 710 -36.30 40.31 -68.10
C ASP B 710 -35.19 39.77 -67.21
N SER B 711 -34.53 38.72 -67.68
CA SER B 711 -33.61 37.99 -66.83
C SER B 711 -32.32 38.76 -66.59
N SER B 712 -32.42 39.79 -65.78
CA SER B 712 -31.24 40.43 -65.22
C SER B 712 -30.86 39.70 -63.95
N ASP B 713 -31.61 38.66 -63.62
CA ASP B 713 -31.58 38.13 -62.27
C ASP B 713 -30.37 37.26 -61.99
N LEU B 714 -29.20 37.82 -62.23
CA LEU B 714 -27.98 37.30 -61.63
C LEU B 714 -27.44 38.42 -60.76
N HIS B 715 -28.28 39.43 -60.55
CA HIS B 715 -27.82 40.67 -59.93
C HIS B 715 -27.96 40.76 -58.41
N VAL B 716 -28.73 41.74 -57.96
CA VAL B 716 -28.50 42.34 -56.65
C VAL B 716 -29.34 41.83 -55.48
N GLY B 717 -28.70 41.85 -54.32
CA GLY B 717 -29.36 41.82 -53.03
C GLY B 717 -30.57 40.93 -52.83
N ILE B 718 -31.74 41.46 -53.16
CA ILE B 718 -33.00 40.80 -52.86
C ILE B 718 -32.99 39.40 -53.44
N ASN B 719 -32.75 39.33 -54.74
CA ASN B 719 -32.60 38.05 -55.38
C ASN B 719 -31.33 37.39 -54.90
N ARG B 720 -30.34 38.18 -54.51
CA ARG B 720 -29.08 37.61 -54.10
C ARG B 720 -29.19 37.06 -52.70
N HIS B 721 -29.83 37.80 -51.81
CA HIS B 721 -30.09 37.27 -50.48
C HIS B 721 -30.88 35.99 -50.63
N ARG B 722 -31.86 36.06 -51.52
CA ARG B 722 -32.68 34.92 -51.84
C ARG B 722 -31.77 33.73 -52.11
N ILE B 723 -31.09 33.80 -53.24
CA ILE B 723 -30.34 32.67 -53.74
C ILE B 723 -29.17 32.30 -52.83
N ARG B 724 -28.53 33.28 -52.20
CA ARG B 724 -27.37 32.95 -51.40
C ARG B 724 -27.76 32.24 -50.13
N ILE B 725 -28.71 32.83 -49.41
CA ILE B 725 -29.10 32.24 -48.15
C ILE B 725 -29.67 30.88 -48.45
N TRP B 726 -30.35 30.81 -49.59
CA TRP B 726 -30.87 29.54 -50.03
C TRP B 726 -29.73 28.57 -50.22
N ALA B 727 -28.60 29.08 -50.68
CA ALA B 727 -27.51 28.20 -51.05
C ALA B 727 -26.83 27.60 -49.85
N GLY B 728 -26.47 28.48 -48.92
CA GLY B 728 -25.76 28.00 -47.76
C GLY B 728 -26.69 27.11 -46.98
N LEU B 729 -27.96 27.48 -46.96
CA LEU B 729 -28.94 26.68 -46.29
C LEU B 729 -29.06 25.34 -46.99
N ALA B 730 -28.79 25.35 -48.28
CA ALA B 730 -29.00 24.16 -49.09
C ALA B 730 -27.89 23.15 -48.87
N VAL B 731 -26.65 23.61 -48.88
CA VAL B 731 -25.55 22.68 -48.66
C VAL B 731 -25.70 22.17 -47.25
N LEU B 732 -26.28 23.02 -46.43
CA LEU B 732 -26.63 22.69 -45.08
C LEU B 732 -27.72 21.60 -45.08
N GLN B 733 -28.58 21.63 -46.08
CA GLN B 733 -29.55 20.55 -46.25
C GLN B 733 -28.84 19.28 -46.64
N MET B 734 -27.84 19.42 -47.51
CA MET B 734 -27.05 18.28 -47.93
C MET B 734 -26.25 17.80 -46.73
N MET B 735 -25.92 18.74 -45.86
CA MET B 735 -25.42 18.36 -44.57
C MET B 735 -26.54 17.61 -43.90
N GLY B 736 -26.20 16.55 -43.17
CA GLY B 736 -27.21 15.62 -42.70
C GLY B 736 -27.96 16.16 -41.51
N LEU B 737 -27.62 17.37 -41.10
CA LEU B 737 -28.24 17.96 -39.93
C LEU B 737 -29.20 19.08 -40.28
N LEU B 738 -30.12 19.33 -39.36
CA LEU B 738 -31.24 20.28 -39.48
C LEU B 738 -32.09 19.99 -40.71
N SER B 739 -33.37 19.72 -40.45
CA SER B 739 -34.24 19.15 -41.47
C SER B 739 -34.48 20.10 -42.61
N ARG B 740 -35.49 20.94 -42.45
CA ARG B 740 -36.15 21.52 -43.60
C ARG B 740 -37.12 22.56 -43.13
N SER B 741 -37.84 22.22 -42.07
CA SER B 741 -38.74 23.18 -41.45
C SER B 741 -37.91 24.33 -40.93
N GLU B 742 -36.70 24.00 -40.51
CA GLU B 742 -35.79 24.99 -39.97
C GLU B 742 -35.44 25.96 -41.06
N ALA B 743 -35.42 25.45 -42.29
CA ALA B 743 -35.07 26.27 -43.42
C ALA B 743 -36.14 27.33 -43.67
N GLU B 744 -37.37 26.88 -43.81
CA GLU B 744 -38.47 27.77 -44.11
C GLU B 744 -38.69 28.74 -42.96
N ALA B 745 -38.49 28.26 -41.74
CA ALA B 745 -38.62 29.12 -40.58
C ALA B 745 -37.50 30.14 -40.60
N LEU B 746 -36.36 29.74 -41.12
CA LEU B 746 -35.19 30.60 -41.10
C LEU B 746 -35.39 31.74 -42.06
N THR B 747 -35.80 31.41 -43.27
CA THR B 747 -36.05 32.45 -44.26
C THR B 747 -37.22 33.28 -43.78
N LYS B 748 -38.09 32.66 -43.00
CA LYS B 748 -39.18 33.38 -42.35
C LYS B 748 -38.60 34.41 -41.40
N VAL B 749 -37.47 34.09 -40.79
CA VAL B 749 -36.87 35.01 -39.86
C VAL B 749 -36.27 36.17 -40.60
N LEU B 750 -35.45 35.86 -41.60
CA LEU B 750 -34.75 36.92 -42.31
C LEU B 750 -35.71 37.83 -43.05
N GLY B 751 -36.83 37.27 -43.47
CA GLY B 751 -37.71 37.95 -44.40
C GLY B 751 -38.32 39.23 -43.84
N ASP B 752 -38.53 39.24 -42.53
CA ASP B 752 -39.02 40.43 -41.86
C ASP B 752 -37.87 41.27 -41.39
N SER B 753 -36.66 40.79 -41.60
CA SER B 753 -35.53 41.32 -40.88
C SER B 753 -34.22 41.43 -41.65
N ASN B 754 -34.08 42.48 -42.45
CA ASN B 754 -35.21 43.30 -42.86
C ASN B 754 -35.98 42.59 -44.01
N ALA B 755 -35.31 41.96 -44.98
CA ALA B 755 -33.87 42.04 -45.28
C ALA B 755 -33.56 43.35 -45.98
N LEU B 756 -32.32 43.79 -45.87
CA LEU B 756 -31.96 45.07 -46.45
C LEU B 756 -30.55 45.09 -46.97
N GLY B 757 -29.60 44.96 -46.06
CA GLY B 757 -28.21 45.18 -46.43
C GLY B 757 -28.04 46.61 -46.88
N MET B 758 -27.49 46.82 -48.08
CA MET B 758 -27.14 45.75 -48.99
C MET B 758 -25.76 45.21 -48.68
N VAL B 759 -25.73 44.19 -47.83
CA VAL B 759 -24.48 43.72 -47.24
C VAL B 759 -23.56 43.09 -48.28
N VAL B 760 -24.14 42.52 -49.33
CA VAL B 760 -23.33 41.85 -50.34
C VAL B 760 -22.44 42.86 -51.06
N ALA B 761 -21.18 42.51 -51.26
CA ALA B 761 -20.62 41.26 -50.76
N PRO C 1 -4.33 -55.24 18.75
CA PRO C 1 -2.88 -55.03 18.65
C PRO C 1 -2.27 -55.76 17.48
N ARG C 2 -2.23 -57.09 17.58
CA ARG C 2 -1.64 -57.94 16.56
C ARG C 2 -0.25 -57.49 16.18
N ARG C 3 0.74 -58.03 16.87
CA ARG C 3 2.11 -57.70 16.57
C ARG C 3 2.46 -58.03 15.13
N ALA C 4 3.11 -57.09 14.46
CA ALA C 4 3.77 -57.38 13.21
C ALA C 4 4.94 -58.25 13.58
N PRO C 5 5.07 -59.42 12.93
CA PRO C 5 5.97 -60.42 13.51
C PRO C 5 7.38 -59.91 13.66
N ALA C 6 7.98 -60.23 14.80
CA ALA C 6 9.28 -59.68 15.17
C ALA C 6 10.35 -60.72 14.98
N PHE C 7 10.60 -61.05 13.72
CA PHE C 7 11.58 -62.07 13.38
C PHE C 7 12.92 -61.60 13.87
N PRO C 8 13.79 -62.54 14.23
CA PRO C 8 15.14 -62.13 14.60
C PRO C 8 15.81 -61.50 13.42
N LEU C 9 16.66 -60.52 13.66
CA LEU C 9 17.52 -59.97 12.63
C LEU C 9 18.05 -61.07 11.74
N SER C 10 18.64 -62.07 12.37
CA SER C 10 19.11 -63.22 11.63
C SER C 10 17.91 -63.87 10.96
N ASP C 11 17.94 -63.89 9.63
CA ASP C 11 16.97 -64.64 8.86
C ASP C 11 17.45 -64.70 7.43
N ILE C 12 17.06 -65.76 6.72
CA ILE C 12 17.48 -65.90 5.34
C ILE C 12 16.88 -64.78 4.51
N LYS C 13 15.66 -64.36 4.84
CA LYS C 13 15.05 -63.24 4.16
C LYS C 13 15.88 -62.00 4.39
N ALA C 14 16.44 -61.88 5.59
CA ALA C 14 17.27 -60.74 5.92
C ALA C 14 18.50 -60.77 5.02
N GLN C 15 18.87 -61.97 4.62
CA GLN C 15 20.03 -62.15 3.78
C GLN C 15 19.73 -61.82 2.33
N MET C 16 18.55 -62.23 1.87
CA MET C 16 18.26 -62.26 0.44
C MET C 16 18.31 -60.86 -0.14
N LEU C 17 17.91 -59.88 0.66
CA LEU C 17 18.02 -58.50 0.24
C LEU C 17 19.47 -58.13 0.07
N PHE C 18 20.22 -58.30 1.15
CA PHE C 18 21.57 -57.81 1.23
C PHE C 18 22.46 -58.59 0.28
N ALA C 19 23.56 -57.99 -0.15
CA ALA C 19 24.48 -58.63 -1.06
C ALA C 19 25.35 -59.65 -0.32
N ASN C 20 25.12 -59.76 0.99
CA ASN C 20 25.88 -60.68 1.83
C ASN C 20 27.37 -60.36 1.74
N ASN C 21 27.69 -59.07 1.69
CA ASN C 21 29.08 -58.65 1.59
C ASN C 21 29.51 -57.81 2.77
N ILE C 22 30.34 -56.82 2.48
CA ILE C 22 30.79 -55.85 3.46
C ILE C 22 29.57 -55.13 4.00
N LYS C 23 29.18 -54.08 3.30
CA LYS C 23 28.12 -53.20 3.78
C LYS C 23 26.82 -53.94 4.00
N ALA C 24 26.62 -55.03 3.25
CA ALA C 24 25.39 -55.79 3.36
C ALA C 24 25.26 -56.39 4.75
N GLN C 25 26.13 -57.34 5.04
CA GLN C 25 26.09 -58.03 6.32
C GLN C 25 26.33 -57.06 7.45
N GLN C 26 27.16 -56.06 7.21
CA GLN C 26 27.42 -55.06 8.23
C GLN C 26 26.13 -54.35 8.59
N ALA C 27 25.40 -53.93 7.58
CA ALA C 27 24.16 -53.19 7.79
C ALA C 27 23.15 -54.08 8.47
N SER C 28 23.19 -55.37 8.16
CA SER C 28 22.34 -56.30 8.88
C SER C 28 22.72 -56.23 10.33
N LYS C 29 24.02 -56.15 10.56
CA LYS C 29 24.61 -56.32 11.87
C LYS C 29 24.91 -54.97 12.47
N ARG C 30 24.39 -53.93 11.84
CA ARG C 30 24.84 -52.57 12.13
C ARG C 30 24.52 -52.14 13.55
N SER C 31 25.51 -51.53 14.18
CA SER C 31 25.35 -50.96 15.50
C SER C 31 24.77 -49.56 15.38
N PHE C 32 24.39 -48.99 16.51
CA PHE C 32 23.89 -47.62 16.52
C PHE C 32 24.96 -46.64 16.09
N LYS C 33 24.69 -45.99 14.95
CA LYS C 33 25.54 -44.90 14.49
C LYS C 33 25.43 -43.70 15.41
N GLU C 34 26.57 -43.07 15.64
CA GLU C 34 26.66 -41.87 16.44
C GLU C 34 28.00 -41.23 16.11
N GLY C 35 28.07 -39.92 16.21
CA GLY C 35 29.31 -39.23 15.87
C GLY C 35 29.08 -37.82 15.40
N ALA C 36 29.86 -36.89 15.95
CA ALA C 36 29.73 -35.49 15.56
C ALA C 36 30.01 -35.40 14.08
N ILE C 37 29.15 -34.69 13.36
CA ILE C 37 29.38 -34.49 11.96
C ILE C 37 30.51 -33.51 11.85
N GLU C 38 31.35 -33.68 10.85
CA GLU C 38 32.38 -32.69 10.61
C GLU C 38 31.65 -31.52 10.01
N THR C 39 31.07 -30.69 10.86
CA THR C 39 30.05 -29.73 10.46
C THR C 39 30.62 -28.79 9.41
N TYR C 40 31.93 -28.60 9.48
CA TYR C 40 32.69 -28.01 8.39
C TYR C 40 33.93 -28.88 8.29
N GLU C 41 34.46 -29.15 7.11
CA GLU C 41 35.64 -30.01 7.11
C GLU C 41 36.73 -29.33 7.91
N GLY C 42 37.37 -30.11 8.77
CA GLY C 42 38.24 -29.56 9.77
C GLY C 42 37.45 -28.96 10.91
N LEU C 43 36.17 -29.29 10.99
CA LEU C 43 35.33 -28.71 12.03
C LEU C 43 34.09 -29.55 12.30
N LEU C 44 34.13 -30.32 13.39
CA LEU C 44 32.99 -31.11 13.81
C LEU C 44 31.86 -30.24 14.33
N SER C 45 30.88 -30.88 14.95
CA SER C 45 29.80 -30.16 15.59
C SER C 45 30.14 -29.78 17.03
N VAL C 46 31.27 -30.28 17.52
CA VAL C 46 31.54 -30.23 18.95
C VAL C 46 32.38 -29.08 19.48
N ASP C 47 32.88 -28.19 18.62
CA ASP C 47 33.82 -27.21 19.13
C ASP C 47 33.15 -26.23 20.07
N PRO C 48 33.64 -26.19 21.31
CA PRO C 48 33.13 -25.35 22.39
C PRO C 48 33.18 -23.85 22.13
N ARG C 49 34.20 -23.35 21.45
CA ARG C 49 34.25 -21.92 21.18
C ARG C 49 33.17 -21.57 20.18
N PHE C 50 32.95 -22.49 19.25
CA PHE C 50 31.86 -22.36 18.33
C PHE C 50 30.54 -22.54 19.06
N LEU C 51 30.57 -23.31 20.13
CA LEU C 51 29.36 -23.51 20.91
C LEU C 51 28.98 -22.20 21.58
N SER C 52 29.99 -21.48 22.05
CA SER C 52 29.78 -20.15 22.59
C SER C 52 29.33 -19.24 21.48
N PHE C 53 29.77 -19.54 20.27
CA PHE C 53 29.30 -18.80 19.12
C PHE C 53 27.80 -19.00 18.95
N LYS C 54 27.32 -20.22 19.21
CA LYS C 54 25.88 -20.46 19.23
C LYS C 54 25.25 -19.66 20.32
N ASN C 55 25.99 -19.56 21.43
CA ASN C 55 25.44 -18.98 22.63
C ASN C 55 25.08 -17.54 22.32
N GLU C 56 26.09 -16.82 21.84
CA GLU C 56 25.91 -15.43 21.46
C GLU C 56 24.88 -15.33 20.37
N LEU C 57 24.89 -16.33 19.51
CA LEU C 57 24.11 -16.23 18.29
C LEU C 57 22.65 -16.23 18.67
N SER C 58 22.15 -17.38 19.09
CA SER C 58 20.74 -17.51 19.41
C SER C 58 20.31 -16.57 20.52
N ARG C 59 21.14 -16.43 21.55
CA ARG C 59 20.73 -15.58 22.67
C ARG C 59 20.61 -14.14 22.22
N TYR C 60 21.75 -13.57 21.86
CA TYR C 60 21.86 -12.14 21.64
C TYR C 60 20.95 -11.73 20.49
N LEU C 61 20.78 -12.64 19.53
CA LEU C 61 19.99 -12.26 18.37
C LEU C 61 18.51 -12.46 18.54
N THR C 62 18.11 -13.57 19.15
CA THR C 62 16.68 -13.77 19.35
C THR C 62 16.24 -12.65 20.24
N ASP C 63 17.15 -12.28 21.13
CA ASP C 63 17.03 -11.11 21.95
C ASP C 63 16.70 -9.93 21.07
N HIS C 64 17.62 -9.63 20.16
CA HIS C 64 17.43 -8.50 19.28
C HIS C 64 16.32 -8.73 18.30
N PHE C 65 16.01 -9.98 18.03
CA PHE C 65 15.06 -10.25 16.97
C PHE C 65 13.99 -11.26 17.34
N PRO C 66 13.02 -10.83 18.13
CA PRO C 66 11.79 -11.58 18.39
C PRO C 66 10.94 -11.76 17.13
N ALA C 67 10.21 -12.86 17.08
CA ALA C 67 9.41 -13.23 15.92
C ALA C 67 8.28 -12.25 15.61
N ASN C 68 7.90 -12.14 14.34
CA ASN C 68 6.78 -11.29 13.96
C ASN C 68 5.71 -11.97 13.12
N VAL C 69 5.04 -12.94 13.72
CA VAL C 69 3.87 -13.58 13.11
C VAL C 69 2.66 -13.22 13.95
N ASP C 70 1.53 -12.89 13.31
CA ASP C 70 0.41 -12.44 14.11
C ASP C 70 -0.47 -13.59 14.55
N GLU C 71 -1.62 -13.23 15.11
CA GLU C 71 -2.52 -14.14 15.80
C GLU C 71 -2.98 -15.20 14.86
N TYR C 72 -3.14 -14.78 13.62
CA TYR C 72 -3.74 -15.60 12.61
C TYR C 72 -2.73 -16.61 12.16
N GLY C 73 -1.50 -16.40 12.59
CA GLY C 73 -0.40 -17.20 12.14
C GLY C 73 0.16 -16.65 10.84
N ARG C 74 -0.45 -15.57 10.38
CA ARG C 74 0.09 -14.85 9.24
C ARG C 74 1.14 -13.84 9.73
N VAL C 75 2.11 -13.53 8.87
CA VAL C 75 3.39 -13.01 9.30
C VAL C 75 3.56 -11.51 9.02
N TYR C 76 4.31 -10.82 9.88
CA TYR C 76 4.62 -9.40 9.69
C TYR C 76 6.04 -9.11 10.12
N GLY C 77 6.35 -7.82 10.29
CA GLY C 77 7.56 -7.41 10.98
C GLY C 77 8.86 -7.95 10.43
N ASN C 78 9.72 -8.42 11.35
CA ASN C 78 11.02 -8.97 10.98
C ASN C 78 10.84 -10.23 10.17
N GLY C 79 9.68 -10.87 10.40
CA GLY C 79 9.35 -12.10 9.72
C GLY C 79 9.88 -13.32 10.43
N VAL C 80 10.58 -13.12 11.54
CA VAL C 80 11.03 -14.24 12.33
C VAL C 80 9.80 -14.94 12.85
N ARG C 81 9.88 -16.26 12.95
CA ARG C 81 8.81 -17.04 13.51
C ARG C 81 9.37 -18.09 14.43
N THR C 82 10.67 -17.99 14.72
CA THR C 82 11.37 -19.13 15.28
C THR C 82 12.44 -18.74 16.28
N ASN C 83 12.61 -19.56 17.31
CA ASN C 83 13.71 -19.40 18.24
C ASN C 83 14.98 -19.65 17.46
N PHE C 84 16.04 -18.93 17.79
CA PHE C 84 17.29 -19.17 17.09
C PHE C 84 17.95 -20.32 17.83
N PHE C 85 17.33 -20.69 18.93
CA PHE C 85 17.92 -21.62 19.88
C PHE C 85 17.80 -23.02 19.33
N GLY C 86 17.12 -23.13 18.20
CA GLY C 86 17.03 -24.41 17.54
C GLY C 86 18.41 -24.85 17.06
N MET C 87 19.36 -23.93 17.06
CA MET C 87 20.77 -24.31 16.87
C MET C 87 21.29 -25.14 18.02
N ARG C 88 20.72 -24.91 19.19
CA ARG C 88 21.39 -25.29 20.41
C ARG C 88 21.20 -26.76 20.74
N HIS C 89 22.02 -27.62 20.15
CA HIS C 89 21.90 -29.04 20.41
C HIS C 89 23.25 -29.68 20.25
N MET C 90 23.37 -30.94 20.61
CA MET C 90 24.40 -31.74 20.00
C MET C 90 23.89 -32.02 18.62
N ASN C 91 24.36 -31.21 17.70
CA ASN C 91 23.91 -31.29 16.34
C ASN C 91 24.75 -32.32 15.59
N GLY C 92 25.75 -32.86 16.28
CA GLY C 92 26.44 -34.05 15.81
C GLY C 92 26.08 -35.28 16.62
N PHE C 93 25.50 -35.07 17.79
CA PHE C 93 25.06 -36.18 18.62
C PHE C 93 23.55 -36.19 18.81
N PRO C 94 22.90 -37.26 18.32
CA PRO C 94 21.45 -37.47 18.32
C PRO C 94 20.84 -37.57 19.72
N MET C 95 19.60 -37.11 19.89
CA MET C 95 18.93 -37.28 21.17
C MET C 95 18.36 -38.69 21.28
N ILE C 96 18.73 -39.37 22.35
CA ILE C 96 18.64 -40.82 22.42
C ILE C 96 17.84 -41.17 23.66
N PRO C 97 17.07 -42.26 23.66
CA PRO C 97 16.82 -43.38 22.72
C PRO C 97 16.02 -43.04 21.46
N ALA C 98 15.14 -43.95 21.06
CA ALA C 98 14.42 -43.81 19.79
C ALA C 98 13.07 -44.51 19.74
N THR C 99 12.25 -44.08 18.80
CA THR C 99 10.91 -44.64 18.58
C THR C 99 10.94 -46.02 17.98
N TRP C 100 9.86 -46.74 18.20
CA TRP C 100 9.62 -47.96 17.47
C TRP C 100 8.38 -47.78 16.62
N PRO C 101 8.56 -47.75 15.29
CA PRO C 101 7.46 -47.51 14.35
C PRO C 101 6.40 -48.60 14.40
N LEU C 102 5.14 -48.21 14.23
CA LEU C 102 4.02 -49.13 14.33
C LEU C 102 3.88 -50.06 13.14
N ALA C 103 2.68 -50.61 13.02
CA ALA C 103 2.32 -51.51 11.96
C ALA C 103 0.91 -51.18 11.50
N SER C 104 0.28 -50.28 12.26
CA SER C 104 -1.12 -49.92 12.06
C SER C 104 -1.55 -48.76 12.94
N ASN C 105 -1.65 -47.58 12.36
CA ASN C 105 -2.18 -46.43 13.08
C ASN C 105 -3.67 -46.36 12.83
N LEU C 106 -4.24 -47.45 12.33
CA LEU C 106 -5.62 -47.44 11.90
C LEU C 106 -6.51 -47.12 13.07
N LYS C 107 -6.12 -47.61 14.24
CA LYS C 107 -6.80 -47.22 15.46
C LYS C 107 -6.38 -45.82 15.83
N LYS C 108 -5.10 -45.51 15.61
CA LYS C 108 -4.62 -44.17 15.82
C LYS C 108 -5.35 -43.24 14.86
N ARG C 109 -5.67 -43.76 13.69
CA ARG C 109 -6.50 -43.04 12.76
C ARG C 109 -7.92 -43.07 13.25
N ALA C 110 -8.23 -43.92 14.21
CA ALA C 110 -9.55 -43.95 14.79
C ALA C 110 -9.56 -43.18 16.09
N ASP C 111 -8.46 -42.49 16.38
CA ASP C 111 -8.32 -41.75 17.62
C ASP C 111 -8.37 -40.30 17.24
N ALA C 112 -7.64 -40.00 16.19
CA ALA C 112 -7.80 -38.75 15.47
C ALA C 112 -9.02 -38.95 14.61
N ASP C 113 -9.53 -40.17 14.64
CA ASP C 113 -10.83 -40.50 14.09
C ASP C 113 -10.79 -40.30 12.58
N LEU C 114 -9.61 -40.51 12.01
CA LEU C 114 -9.39 -40.34 10.58
C LEU C 114 -10.24 -41.37 9.86
N ALA C 115 -10.92 -40.96 8.79
CA ALA C 115 -11.99 -41.79 8.22
C ALA C 115 -11.47 -42.99 7.42
N ASP C 116 -12.28 -44.02 7.44
CA ASP C 116 -11.99 -45.32 6.85
C ASP C 116 -12.29 -45.34 5.37
N GLY C 117 -12.64 -44.17 4.85
CA GLY C 117 -13.04 -44.05 3.48
C GLY C 117 -13.70 -42.71 3.31
N PRO C 118 -14.61 -42.63 2.35
CA PRO C 118 -15.26 -41.40 1.90
C PRO C 118 -16.07 -40.76 2.98
N VAL C 119 -16.09 -39.44 3.00
CA VAL C 119 -17.06 -38.75 3.81
C VAL C 119 -18.36 -38.89 3.04
N SER C 120 -18.60 -37.99 2.11
CA SER C 120 -19.70 -38.19 1.19
C SER C 120 -19.24 -39.21 0.17
N GLU C 121 -20.18 -39.94 -0.40
CA GLU C 121 -19.86 -40.79 -1.53
C GLU C 121 -19.46 -39.91 -2.68
N ARG C 122 -19.97 -38.70 -2.70
CA ARG C 122 -19.48 -37.70 -3.61
C ARG C 122 -18.00 -37.57 -3.41
N ASP C 123 -17.58 -37.53 -2.15
CA ASP C 123 -16.18 -37.41 -1.85
C ASP C 123 -15.48 -38.63 -2.35
N ASN C 124 -16.15 -39.78 -2.28
CA ASN C 124 -15.57 -40.98 -2.82
C ASN C 124 -15.24 -40.77 -4.26
N LEU C 125 -16.19 -40.15 -4.94
CA LEU C 125 -16.07 -39.94 -6.36
C LEU C 125 -14.90 -39.01 -6.57
N LEU C 126 -14.70 -38.11 -5.62
CA LEU C 126 -13.65 -37.13 -5.75
C LEU C 126 -12.33 -37.87 -5.69
N PHE C 127 -12.30 -38.89 -4.86
CA PHE C 127 -11.08 -39.62 -4.61
C PHE C 127 -10.78 -40.32 -5.89
N ARG C 128 -11.85 -40.90 -6.40
CA ARG C 128 -11.81 -41.68 -7.61
C ARG C 128 -11.39 -40.81 -8.76
N ALA C 129 -11.63 -39.51 -8.62
CA ALA C 129 -11.35 -38.58 -9.68
C ALA C 129 -9.90 -38.20 -9.67
N ALA C 130 -9.39 -37.88 -8.48
CA ALA C 130 -7.99 -37.50 -8.36
C ALA C 130 -7.18 -38.69 -8.82
N VAL C 131 -7.68 -39.86 -8.46
CA VAL C 131 -7.11 -41.10 -8.91
C VAL C 131 -7.25 -41.24 -10.41
N ARG C 132 -8.37 -40.74 -10.92
CA ARG C 132 -8.73 -40.95 -12.32
C ARG C 132 -7.75 -40.20 -13.17
N LEU C 133 -7.23 -39.13 -12.61
CA LEU C 133 -6.49 -38.17 -13.39
C LEU C 133 -5.01 -38.37 -13.18
N MET C 134 -4.65 -38.69 -11.94
CA MET C 134 -3.27 -39.04 -11.65
C MET C 134 -2.98 -40.31 -12.40
N PHE C 135 -4.03 -41.07 -12.64
CA PHE C 135 -3.96 -42.22 -13.50
C PHE C 135 -4.62 -41.88 -14.81
N SER C 136 -4.03 -40.97 -15.57
CA SER C 136 -4.59 -40.61 -16.85
C SER C 136 -3.52 -40.50 -17.94
N ASP C 137 -3.55 -39.40 -18.68
CA ASP C 137 -2.70 -39.25 -19.85
C ASP C 137 -1.23 -39.36 -19.48
N LEU C 138 -0.45 -40.03 -20.33
CA LEU C 138 0.94 -40.26 -20.03
C LEU C 138 1.83 -40.11 -21.25
N GLU C 139 2.99 -39.50 -21.04
CA GLU C 139 3.96 -39.31 -22.11
C GLU C 139 5.33 -39.76 -21.63
N PRO C 140 5.58 -41.07 -21.67
CA PRO C 140 6.78 -41.66 -21.05
C PRO C 140 8.09 -41.15 -21.63
N VAL C 141 9.05 -41.00 -20.72
CA VAL C 141 10.36 -40.43 -21.01
C VAL C 141 11.39 -41.27 -20.26
N PRO C 142 12.67 -41.23 -20.66
CA PRO C 142 13.60 -42.15 -19.99
C PRO C 142 13.72 -41.92 -18.50
N LEU C 143 13.82 -43.02 -17.76
CA LEU C 143 13.96 -42.98 -16.31
C LEU C 143 15.37 -42.53 -15.98
N LYS C 144 15.60 -42.00 -14.78
CA LYS C 144 16.93 -41.60 -14.35
C LYS C 144 17.16 -42.04 -12.90
N ILE C 145 18.43 -42.20 -12.49
CA ILE C 145 18.74 -42.67 -11.13
C ILE C 145 19.97 -42.01 -10.54
N ARG C 146 19.96 -41.73 -9.24
CA ARG C 146 21.09 -41.04 -8.62
C ARG C 146 22.36 -41.83 -8.76
N LYS C 147 23.42 -41.16 -9.20
CA LYS C 147 24.73 -41.75 -9.18
C LYS C 147 25.21 -41.87 -7.75
N GLY C 148 25.84 -42.99 -7.44
CA GLY C 148 26.43 -43.17 -6.12
C GLY C 148 25.38 -43.51 -5.09
N SER C 149 24.12 -43.53 -5.52
CA SER C 149 23.05 -43.92 -4.63
C SER C 149 23.20 -45.40 -4.38
N SER C 150 23.36 -45.76 -3.11
CA SER C 150 23.50 -47.15 -2.74
C SER C 150 22.22 -47.86 -3.11
N THR C 151 22.32 -49.13 -3.47
CA THR C 151 21.11 -49.88 -3.76
C THR C 151 20.30 -50.01 -2.49
N CYS C 152 20.95 -49.78 -1.35
CA CYS C 152 20.32 -49.89 -0.04
C CYS C 152 19.69 -51.25 0.05
N ILE C 153 18.55 -51.36 0.72
CA ILE C 153 17.79 -52.56 0.54
C ILE C 153 17.41 -52.58 -0.93
N PRO C 154 17.64 -53.70 -1.61
CA PRO C 154 18.16 -54.96 -1.08
C PRO C 154 19.67 -54.99 -0.78
N TYR C 155 20.49 -55.08 -1.81
CA TYR C 155 21.91 -55.40 -1.67
C TYR C 155 22.79 -54.36 -0.96
N PHE C 156 22.35 -53.10 -0.93
CA PHE C 156 23.18 -51.97 -0.49
C PHE C 156 24.44 -51.77 -1.33
N SER C 157 24.38 -52.19 -2.59
CA SER C 157 25.45 -51.86 -3.53
C SER C 157 25.47 -50.38 -3.85
N ASN C 158 26.66 -49.83 -3.88
CA ASN C 158 26.82 -48.45 -4.30
C ASN C 158 26.85 -48.38 -5.81
N ASP C 159 27.14 -49.51 -6.44
CA ASP C 159 27.30 -49.53 -7.89
C ASP C 159 25.98 -49.20 -8.58
N MET C 160 26.09 -48.34 -9.58
CA MET C 160 24.96 -48.04 -10.46
C MET C 160 24.55 -49.25 -11.25
N GLY C 161 25.52 -50.07 -11.64
CA GLY C 161 25.25 -51.18 -12.53
C GLY C 161 24.38 -52.20 -11.85
N THR C 162 24.48 -52.25 -10.52
CA THR C 162 23.63 -53.14 -9.74
C THR C 162 22.19 -52.72 -9.93
N LYS C 163 21.99 -51.42 -9.75
CA LYS C 163 20.68 -50.82 -9.87
C LYS C 163 20.17 -51.05 -11.27
N ILE C 164 21.10 -51.10 -12.22
CA ILE C 164 20.78 -51.35 -13.61
C ILE C 164 20.21 -52.74 -13.77
N GLU C 165 20.92 -53.73 -13.25
CA GLU C 165 20.49 -55.11 -13.43
C GLU C 165 19.14 -55.31 -12.78
N ILE C 166 19.00 -54.70 -11.62
CA ILE C 166 17.82 -54.87 -10.82
C ILE C 166 16.63 -54.30 -11.55
N ALA C 167 16.77 -53.03 -11.92
CA ALA C 167 15.67 -52.32 -12.53
C ALA C 167 15.31 -52.92 -13.88
N GLU C 168 16.32 -53.38 -14.62
CA GLU C 168 16.07 -53.87 -15.96
C GLU C 168 15.43 -55.25 -15.94
N ARG C 169 15.91 -56.12 -15.07
CA ARG C 169 15.27 -57.42 -14.93
C ARG C 169 13.85 -57.21 -14.46
N ALA C 170 13.65 -56.17 -13.65
CA ALA C 170 12.32 -55.80 -13.22
C ALA C 170 11.49 -55.38 -14.43
N LEU C 171 12.13 -54.72 -15.38
CA LEU C 171 11.42 -54.31 -16.58
C LEU C 171 11.04 -55.56 -17.35
N GLU C 172 11.82 -56.62 -17.15
CA GLU C 172 11.64 -57.82 -17.94
C GLU C 172 10.50 -58.66 -17.41
N LYS C 173 10.44 -58.87 -16.10
CA LYS C 173 9.42 -59.75 -15.55
C LYS C 173 8.75 -59.21 -14.30
N ALA C 174 8.51 -57.91 -14.25
CA ALA C 174 7.71 -57.37 -13.16
C ALA C 174 6.32 -57.95 -13.27
N GLU C 175 5.92 -58.27 -14.50
CA GLU C 175 4.64 -58.89 -14.70
C GLU C 175 4.63 -60.21 -13.99
N GLU C 176 5.60 -61.05 -14.36
CA GLU C 176 5.64 -62.40 -13.87
C GLU C 176 5.77 -62.42 -12.36
N ALA C 177 6.53 -61.47 -11.85
CA ALA C 177 6.87 -61.46 -10.44
C ALA C 177 5.74 -60.90 -9.59
N GLY C 178 5.09 -59.87 -10.10
CA GLY C 178 3.98 -59.26 -9.40
C GLY C 178 2.84 -60.25 -9.43
N ASN C 179 2.85 -61.07 -10.47
CA ASN C 179 1.95 -62.20 -10.55
C ASN C 179 2.29 -63.22 -9.47
N LEU C 180 3.59 -63.43 -9.27
CA LEU C 180 4.05 -64.41 -8.31
C LEU C 180 3.55 -63.99 -6.95
N MET C 181 3.51 -62.68 -6.75
CA MET C 181 3.05 -62.15 -5.49
C MET C 181 1.54 -62.26 -5.44
N LEU C 182 0.89 -62.04 -6.58
CA LEU C 182 -0.52 -62.34 -6.70
C LEU C 182 -0.72 -63.81 -6.49
N GLN C 183 0.28 -64.58 -6.91
CA GLN C 183 0.31 -66.01 -6.68
C GLN C 183 0.84 -66.27 -5.28
N GLY C 184 1.33 -65.22 -4.63
CA GLY C 184 1.84 -65.33 -3.28
C GLY C 184 3.29 -65.77 -3.22
N LYS C 185 3.87 -66.03 -4.38
CA LYS C 185 5.28 -66.42 -4.43
C LYS C 185 6.13 -65.19 -4.21
N PHE C 186 6.03 -64.63 -3.01
CA PHE C 186 6.71 -63.38 -2.72
C PHE C 186 8.20 -63.62 -2.83
N ASP C 187 8.64 -64.67 -2.14
CA ASP C 187 10.05 -64.91 -1.97
C ASP C 187 10.68 -65.44 -3.23
N ASP C 188 9.88 -65.88 -4.18
CA ASP C 188 10.46 -66.40 -5.40
C ASP C 188 10.99 -65.25 -6.24
N ALA C 189 10.15 -64.25 -6.46
CA ALA C 189 10.56 -63.02 -7.14
C ALA C 189 11.55 -62.28 -6.27
N TYR C 190 11.41 -62.49 -4.97
CA TYR C 190 12.24 -61.83 -3.97
C TYR C 190 13.61 -62.47 -3.88
N GLN C 191 13.77 -63.62 -4.50
CA GLN C 191 15.04 -64.31 -4.41
C GLN C 191 15.55 -64.68 -5.79
N LEU C 192 14.86 -64.20 -6.82
CA LEU C 192 15.30 -64.40 -8.18
C LEU C 192 15.34 -63.08 -8.89
N HIS C 193 14.20 -62.39 -8.89
CA HIS C 193 14.15 -61.00 -9.29
C HIS C 193 14.58 -60.15 -8.11
N GLN C 194 14.61 -60.78 -6.94
CA GLN C 194 14.94 -60.11 -5.68
C GLN C 194 14.08 -58.88 -5.47
N MET C 195 12.87 -58.91 -6.02
CA MET C 195 11.99 -57.77 -5.94
C MET C 195 11.42 -57.63 -4.54
N GLY C 196 11.11 -56.39 -4.18
CA GLY C 196 10.46 -56.13 -2.91
C GLY C 196 11.39 -56.49 -1.78
N GLY C 197 10.82 -56.82 -0.63
CA GLY C 197 11.60 -57.29 0.49
C GLY C 197 11.28 -56.62 1.80
N ALA C 198 12.02 -55.57 2.12
CA ALA C 198 11.84 -54.93 3.41
C ALA C 198 12.35 -53.50 3.44
N TYR C 199 12.01 -52.82 4.52
CA TYR C 199 12.59 -51.53 4.82
C TYR C 199 13.70 -51.65 5.84
N TYR C 200 14.63 -50.71 5.79
CA TYR C 200 15.67 -50.65 6.79
C TYR C 200 15.61 -49.29 7.48
N VAL C 201 15.42 -49.29 8.79
CA VAL C 201 15.36 -48.02 9.50
C VAL C 201 16.66 -47.25 9.38
N VAL C 202 16.53 -45.96 9.08
CA VAL C 202 17.64 -45.00 9.04
C VAL C 202 17.10 -43.74 9.69
N TYR C 203 17.92 -42.69 9.78
CA TYR C 203 17.46 -41.47 10.44
C TYR C 203 17.43 -40.23 9.58
N ARG C 204 16.27 -39.56 9.59
CA ARG C 204 16.27 -38.12 9.43
C ARG C 204 16.70 -37.55 10.77
N ALA C 205 17.33 -36.39 10.77
CA ALA C 205 17.70 -35.78 12.04
C ALA C 205 17.24 -34.35 12.09
N GLN C 206 16.28 -34.05 12.96
CA GLN C 206 15.83 -32.68 13.04
C GLN C 206 16.95 -31.84 13.61
N SER C 207 17.43 -30.93 12.77
CA SER C 207 18.59 -30.12 13.11
C SER C 207 18.29 -29.20 14.26
N THR C 208 17.01 -28.87 14.41
CA THR C 208 16.60 -27.93 15.43
C THR C 208 15.68 -28.58 16.43
N ASP C 209 15.23 -27.78 17.38
CA ASP C 209 14.16 -28.19 18.28
C ASP C 209 13.62 -26.93 18.92
N ALA C 210 12.38 -27.00 19.38
CA ALA C 210 11.69 -25.82 19.86
C ALA C 210 12.19 -25.44 21.23
N ILE C 211 13.46 -25.06 21.31
CA ILE C 211 14.00 -24.56 22.57
C ILE C 211 13.32 -23.26 22.94
N THR C 212 12.95 -23.16 24.20
CA THR C 212 12.16 -22.06 24.68
C THR C 212 12.82 -21.46 25.89
N LEU C 213 13.25 -20.21 25.77
CA LEU C 213 13.83 -19.52 26.89
C LEU C 213 12.78 -19.19 27.94
N ASP C 214 13.17 -19.30 29.20
CA ASP C 214 12.30 -18.99 30.32
C ASP C 214 12.66 -17.63 30.87
N PRO C 215 11.75 -16.67 30.75
CA PRO C 215 11.99 -15.32 31.26
C PRO C 215 12.27 -15.29 32.75
N LYS C 216 11.65 -16.19 33.49
CA LYS C 216 11.75 -16.15 34.94
C LYS C 216 13.01 -16.82 35.47
N THR C 217 13.67 -17.61 34.63
CA THR C 217 14.88 -18.30 35.08
C THR C 217 15.75 -18.88 33.99
N GLY C 218 15.45 -18.57 32.73
CA GLY C 218 16.38 -18.89 31.66
C GLY C 218 16.42 -20.31 31.16
N LYS C 219 15.44 -21.12 31.53
CA LYS C 219 15.41 -22.50 31.06
C LYS C 219 15.29 -22.55 29.55
N PHE C 220 15.95 -23.51 28.92
CA PHE C 220 15.90 -23.63 27.47
C PHE C 220 15.23 -24.92 27.06
N VAL C 221 13.90 -24.90 27.01
CA VAL C 221 13.17 -26.13 26.80
C VAL C 221 12.84 -26.40 25.34
N SER C 222 13.62 -27.30 24.77
CA SER C 222 13.34 -27.84 23.46
C SER C 222 12.04 -28.61 23.48
N LYS C 223 11.33 -28.67 22.37
CA LYS C 223 10.14 -29.52 22.33
C LYS C 223 10.49 -30.95 22.62
N ASP C 224 9.68 -31.57 23.49
CA ASP C 224 9.86 -32.98 23.80
C ASP C 224 9.45 -33.83 22.63
N ARG C 225 10.16 -34.95 22.48
CA ARG C 225 9.93 -35.80 21.33
C ARG C 225 9.32 -37.11 21.79
N MET C 226 8.00 -37.10 21.96
CA MET C 226 7.29 -38.30 22.32
C MET C 226 7.46 -39.34 21.22
N VAL C 227 7.73 -40.58 21.60
CA VAL C 227 8.00 -41.63 20.62
C VAL C 227 7.50 -42.98 21.11
N ALA C 228 7.20 -43.88 20.18
CA ALA C 228 6.73 -45.22 20.52
C ALA C 228 7.85 -46.13 20.95
N ASP C 229 7.50 -47.12 21.77
CA ASP C 229 8.42 -48.21 22.05
C ASP C 229 8.01 -49.40 21.19
N PHE C 230 8.73 -50.50 21.33
CA PHE C 230 8.51 -51.66 20.46
C PHE C 230 7.11 -52.20 20.62
N GLU C 231 6.56 -52.05 21.81
CA GLU C 231 5.24 -52.59 22.09
C GLU C 231 4.15 -51.66 21.63
N TYR C 232 4.40 -50.36 21.74
CA TYR C 232 3.44 -49.40 21.28
C TYR C 232 3.38 -49.58 19.78
N ALA C 233 4.50 -50.05 19.25
CA ALA C 233 4.65 -50.33 17.83
C ALA C 233 3.85 -51.55 17.41
N VAL C 234 4.31 -52.73 17.83
CA VAL C 234 3.75 -53.99 17.35
C VAL C 234 2.29 -54.12 17.70
N THR C 235 1.95 -53.59 18.86
CA THR C 235 0.57 -53.43 19.24
C THR C 235 0.18 -52.06 18.73
N GLY C 236 -0.29 -52.01 17.49
CA GLY C 236 -0.43 -50.78 16.73
C GLY C 236 -0.92 -49.58 17.52
N GLY C 237 -0.05 -49.07 18.38
CA GLY C 237 -0.39 -47.96 19.25
C GLY C 237 -1.17 -48.43 20.45
N GLU C 238 -1.22 -49.75 20.63
CA GLU C 238 -2.08 -50.32 21.64
C GLU C 238 -1.36 -50.33 22.97
N GLN C 239 -0.44 -51.27 23.11
CA GLN C 239 0.37 -51.36 24.30
C GLN C 239 1.48 -50.35 24.19
N GLY C 240 2.57 -50.60 24.91
CA GLY C 240 3.74 -49.78 24.77
C GLY C 240 3.58 -48.38 25.30
N SER C 241 4.42 -47.46 24.84
CA SER C 241 4.43 -46.14 25.43
C SER C 241 4.90 -45.05 24.47
N LEU C 242 4.58 -43.82 24.85
CA LEU C 242 4.92 -42.64 24.09
C LEU C 242 5.79 -41.75 24.96
N PHE C 243 6.96 -41.37 24.49
CA PHE C 243 7.97 -40.87 25.41
C PHE C 243 9.12 -40.08 24.79
N ALA C 244 9.59 -39.07 25.50
CA ALA C 244 10.77 -38.34 25.07
C ALA C 244 12.02 -39.20 25.18
N ALA C 245 12.89 -39.11 24.18
CA ALA C 245 14.25 -39.61 24.28
C ALA C 245 15.05 -38.63 25.11
N SER C 246 16.11 -39.10 25.76
CA SER C 246 16.91 -38.19 26.55
C SER C 246 17.51 -37.10 25.68
N LYS C 247 17.39 -35.87 26.15
CA LYS C 247 17.90 -34.72 25.43
C LYS C 247 19.30 -34.37 25.91
N ASP C 248 19.67 -34.95 27.03
CA ASP C 248 20.86 -34.52 27.78
C ASP C 248 22.17 -34.68 27.02
N ALA C 249 23.09 -33.77 27.27
CA ALA C 249 24.45 -33.87 26.77
C ALA C 249 25.42 -34.31 27.87
N SER C 250 24.99 -34.13 29.12
CA SER C 250 25.80 -34.52 30.26
C SER C 250 25.97 -36.02 30.28
N ARG C 251 25.04 -36.69 29.62
CA ARG C 251 25.13 -38.12 29.42
C ARG C 251 26.28 -38.41 28.46
N LEU C 252 26.75 -37.38 27.78
CA LEU C 252 27.98 -37.51 27.04
C LEU C 252 29.11 -36.82 27.79
N LYS C 253 28.73 -35.91 28.70
CA LYS C 253 29.69 -35.46 29.70
C LYS C 253 29.93 -36.65 30.60
N GLU C 254 28.90 -37.49 30.67
CA GLU C 254 29.04 -38.83 31.19
C GLU C 254 29.97 -39.63 30.33
N GLN C 255 29.40 -40.09 29.23
CA GLN C 255 29.97 -41.17 28.43
C GLN C 255 31.18 -40.71 27.65
N TYR C 256 30.97 -39.78 26.74
CA TYR C 256 32.07 -39.20 25.99
C TYR C 256 32.92 -38.32 26.90
N GLY C 257 32.31 -37.84 27.98
CA GLY C 257 32.99 -36.92 28.87
C GLY C 257 32.93 -35.52 28.32
N ILE C 258 32.26 -35.38 27.17
CA ILE C 258 32.28 -34.11 26.45
C ILE C 258 31.60 -33.01 27.23
N ASP C 259 32.25 -31.85 27.26
CA ASP C 259 31.78 -30.72 28.04
C ASP C 259 30.40 -30.30 27.56
N VAL C 260 29.59 -29.78 28.47
CA VAL C 260 28.19 -29.54 28.16
C VAL C 260 27.81 -28.10 28.42
N PRO C 261 28.04 -27.25 27.42
CA PRO C 261 27.57 -25.86 27.43
C PRO C 261 26.04 -25.78 27.39
N ASP C 262 25.52 -24.69 27.94
CA ASP C 262 24.09 -24.51 28.13
C ASP C 262 23.23 -24.66 26.89
N GLY C 263 22.08 -25.32 27.08
CA GLY C 263 21.01 -25.31 26.10
C GLY C 263 21.29 -26.26 24.97
N PHE C 264 22.44 -26.91 25.03
CA PHE C 264 22.90 -27.74 23.94
C PHE C 264 22.54 -29.19 24.17
N PHE C 265 21.30 -29.53 23.83
CA PHE C 265 20.83 -30.90 23.91
C PHE C 265 21.36 -31.72 22.76
N CYS C 266 20.48 -32.42 22.06
CA CYS C 266 20.89 -33.32 21.00
C CYS C 266 19.82 -33.39 19.92
N GLU C 267 20.22 -33.47 18.66
CA GLU C 267 19.24 -33.41 17.56
C GLU C 267 18.27 -34.58 17.57
N ARG C 268 17.04 -34.29 17.16
CA ARG C 268 15.99 -35.28 17.08
C ARG C 268 16.30 -36.39 16.08
N ARG C 269 16.00 -37.61 16.48
CA ARG C 269 16.25 -38.80 15.68
C ARG C 269 15.02 -39.27 14.95
N ARG C 270 14.60 -38.49 13.96
CA ARG C 270 13.53 -38.89 13.07
C ARG C 270 14.00 -40.12 12.31
N THR C 271 13.08 -40.96 11.87
CA THR C 271 13.53 -42.22 11.27
C THR C 271 12.90 -42.50 9.89
N ALA C 272 13.70 -42.36 8.85
CA ALA C 272 13.31 -42.76 7.50
C ALA C 272 13.55 -44.26 7.35
N MET C 273 13.17 -44.84 6.23
CA MET C 273 13.53 -46.23 5.94
C MET C 273 13.88 -46.44 4.47
N GLY C 274 14.98 -47.15 4.23
CA GLY C 274 15.35 -47.52 2.88
C GLY C 274 14.62 -48.76 2.44
N GLY C 275 14.70 -49.10 1.15
CA GLY C 275 14.00 -50.26 0.62
C GLY C 275 14.31 -50.53 -0.84
N PRO C 276 13.80 -51.67 -1.37
CA PRO C 276 14.10 -52.15 -2.72
C PRO C 276 13.64 -51.20 -3.83
N PHE C 277 14.42 -51.13 -4.90
CA PHE C 277 14.15 -50.18 -5.98
C PHE C 277 13.37 -50.72 -7.17
N ALA C 278 13.42 -52.03 -7.40
CA ALA C 278 13.00 -52.57 -8.69
C ALA C 278 11.57 -52.14 -8.99
N LEU C 279 10.79 -51.99 -7.94
CA LEU C 279 9.45 -51.43 -8.01
C LEU C 279 9.43 -49.90 -7.99
N ASN C 280 10.54 -49.29 -7.59
CA ASN C 280 10.57 -47.85 -7.60
C ASN C 280 10.90 -47.38 -9.01
N ALA C 281 11.45 -48.28 -9.82
CA ALA C 281 11.67 -47.96 -11.22
C ALA C 281 10.36 -47.64 -11.94
N PRO C 282 9.36 -48.53 -11.87
CA PRO C 282 8.08 -48.12 -12.44
C PRO C 282 7.53 -46.87 -11.80
N ILE C 283 7.84 -46.69 -10.52
CA ILE C 283 7.39 -45.51 -9.81
C ILE C 283 7.93 -44.21 -10.44
N MET C 284 9.24 -44.09 -10.60
CA MET C 284 9.77 -42.88 -11.23
C MET C 284 9.37 -42.78 -12.68
N ALA C 285 9.30 -43.93 -13.33
CA ALA C 285 9.13 -43.99 -14.77
C ALA C 285 7.78 -43.41 -15.17
N VAL C 286 6.85 -43.40 -14.23
CA VAL C 286 5.53 -42.87 -14.49
C VAL C 286 5.37 -41.55 -13.78
N ALA C 287 5.61 -41.58 -12.48
CA ALA C 287 5.33 -40.43 -11.65
C ALA C 287 6.15 -39.24 -12.08
N GLN C 288 7.42 -39.48 -12.40
CA GLN C 288 8.24 -38.37 -12.85
C GLN C 288 7.63 -37.78 -14.10
N PRO C 289 7.27 -38.63 -15.08
CA PRO C 289 6.45 -38.03 -16.13
C PRO C 289 5.15 -37.47 -15.61
N VAL C 290 4.54 -38.08 -14.60
CA VAL C 290 3.31 -37.52 -14.04
C VAL C 290 3.65 -36.21 -13.34
N ARG C 291 4.83 -36.17 -12.76
CA ARG C 291 5.29 -34.95 -12.11
C ARG C 291 5.26 -33.88 -13.17
N ASN C 292 5.85 -34.23 -14.30
CA ASN C 292 6.00 -33.32 -15.41
C ASN C 292 4.64 -32.95 -15.92
N LYS C 293 3.71 -33.86 -15.74
CA LYS C 293 2.37 -33.74 -16.26
C LYS C 293 1.65 -32.63 -15.54
N ILE C 294 1.47 -32.84 -14.25
CA ILE C 294 0.77 -31.88 -13.42
C ILE C 294 1.53 -30.58 -13.40
N TYR C 295 2.85 -30.66 -13.55
CA TYR C 295 3.63 -29.45 -13.61
C TYR C 295 3.42 -28.78 -14.95
N SER C 296 2.92 -29.55 -15.90
CA SER C 296 2.69 -29.01 -17.23
C SER C 296 1.21 -28.81 -17.42
N LYS C 297 0.44 -29.85 -17.16
CA LYS C 297 -0.99 -29.75 -17.36
C LYS C 297 -1.56 -28.73 -16.38
N TYR C 298 -0.86 -28.53 -15.28
CA TYR C 298 -1.37 -27.68 -14.22
C TYR C 298 -0.34 -26.72 -13.70
N ALA C 299 0.76 -27.27 -13.18
CA ALA C 299 1.69 -26.50 -12.36
C ALA C 299 0.84 -25.76 -11.36
N TYR C 300 0.88 -24.43 -11.45
CA TYR C 300 -0.05 -23.60 -10.71
C TYR C 300 0.01 -23.94 -9.22
N THR C 301 -0.71 -24.97 -8.82
CA THR C 301 -0.69 -25.44 -7.46
C THR C 301 0.62 -26.23 -7.26
N PHE C 302 1.27 -26.51 -8.38
CA PHE C 302 2.24 -27.57 -8.42
C PHE C 302 3.65 -27.12 -8.75
N HIS C 303 3.82 -26.12 -9.60
CA HIS C 303 5.18 -25.70 -9.94
C HIS C 303 5.91 -25.23 -8.70
N HIS C 304 7.18 -25.60 -8.57
CA HIS C 304 7.94 -25.23 -7.38
C HIS C 304 9.35 -24.78 -7.71
N THR C 305 9.57 -23.47 -7.73
CA THR C 305 10.91 -22.94 -7.91
C THR C 305 11.14 -21.70 -7.09
N THR C 306 11.10 -20.55 -7.76
CA THR C 306 11.35 -19.29 -7.08
C THR C 306 10.22 -19.03 -6.12
N ARG C 307 10.50 -18.26 -5.09
CA ARG C 307 9.40 -17.74 -4.28
C ARG C 307 8.55 -16.91 -5.20
N LEU C 308 9.17 -16.35 -6.24
CA LEU C 308 8.48 -15.54 -7.22
C LEU C 308 7.46 -16.40 -7.92
N ASN C 309 7.86 -17.66 -8.11
CA ASN C 309 7.10 -18.64 -8.87
C ASN C 309 5.73 -18.79 -8.27
N LYS C 310 5.66 -18.47 -6.99
CA LYS C 310 4.57 -18.86 -6.16
C LYS C 310 3.81 -17.61 -5.79
N GLU C 311 4.59 -16.64 -5.36
CA GLU C 311 4.17 -15.32 -4.97
C GLU C 311 3.35 -14.67 -6.04
N GLU C 312 3.79 -14.83 -7.28
CA GLU C 312 3.09 -14.23 -8.39
C GLU C 312 1.71 -14.83 -8.46
N LYS C 313 1.65 -16.11 -8.12
CA LYS C 313 0.38 -16.81 -8.10
C LYS C 313 -0.41 -16.34 -6.92
N VAL C 314 0.27 -15.76 -5.95
CA VAL C 314 -0.35 -15.56 -4.68
C VAL C 314 -0.95 -14.19 -4.47
N LYS C 315 -0.16 -13.13 -4.67
CA LYS C 315 -0.59 -11.79 -4.27
C LYS C 315 -1.87 -11.46 -4.97
N GLU C 316 -2.04 -12.12 -6.10
CA GLU C 316 -3.33 -12.28 -6.75
C GLU C 316 -4.44 -12.36 -5.73
N TRP C 317 -4.26 -13.30 -4.80
CA TRP C 317 -5.35 -13.80 -4.00
C TRP C 317 -5.85 -12.76 -3.01
N SER C 318 -7.15 -12.74 -2.80
CA SER C 318 -7.74 -11.87 -1.80
C SER C 318 -7.51 -12.50 -0.45
N LEU C 319 -7.55 -13.83 -0.45
CA LEU C 319 -7.35 -14.58 0.77
C LEU C 319 -6.30 -15.64 0.52
N CYS C 320 -5.52 -15.94 1.55
CA CYS C 320 -4.54 -17.00 1.47
C CYS C 320 -4.48 -17.79 2.74
N VAL C 321 -4.31 -19.10 2.63
CA VAL C 321 -4.29 -19.93 3.81
C VAL C 321 -3.19 -20.98 3.78
N ALA C 322 -2.11 -20.70 4.49
CA ALA C 322 -1.06 -21.69 4.69
C ALA C 322 -1.61 -22.87 5.50
N THR C 323 -1.17 -24.06 5.13
CA THR C 323 -1.68 -25.28 5.74
C THR C 323 -0.78 -25.72 6.89
N ASP C 324 -1.25 -26.66 7.70
CA ASP C 324 -0.41 -27.23 8.74
C ASP C 324 -0.81 -28.68 9.01
N VAL C 325 0.15 -29.58 8.82
CA VAL C 325 -0.14 -31.00 8.67
C VAL C 325 0.35 -31.85 9.84
N SER C 326 -0.52 -32.72 10.34
CA SER C 326 -0.13 -33.66 11.38
C SER C 326 0.68 -34.81 10.76
N ASP C 327 1.48 -35.50 11.60
CA ASP C 327 2.35 -36.62 11.20
C ASP C 327 2.07 -37.19 9.82
N HIS C 328 2.74 -36.60 8.85
CA HIS C 328 2.38 -36.65 7.46
C HIS C 328 2.38 -38.06 6.87
N ASP C 329 3.23 -38.92 7.42
CA ASP C 329 3.41 -40.24 6.82
C ASP C 329 2.49 -41.30 7.35
N THR C 330 2.45 -41.42 8.67
CA THR C 330 1.78 -42.54 9.29
C THR C 330 0.31 -42.56 8.96
N PHE C 331 -0.22 -41.40 8.67
CA PHE C 331 -1.66 -41.23 8.62
C PHE C 331 -2.29 -41.68 7.32
N TRP C 332 -1.47 -42.09 6.36
CA TRP C 332 -2.02 -42.45 5.06
C TRP C 332 -2.88 -43.70 5.18
N PRO C 333 -4.16 -43.56 4.81
CA PRO C 333 -5.15 -44.64 4.85
C PRO C 333 -4.89 -45.80 3.90
N GLY C 334 -5.21 -47.01 4.36
CA GLY C 334 -5.05 -48.19 3.53
C GLY C 334 -6.25 -48.46 2.67
N TRP C 335 -7.41 -47.95 3.07
CA TRP C 335 -8.56 -48.02 2.20
C TRP C 335 -8.28 -47.09 1.04
N LEU C 336 -7.43 -46.12 1.28
CA LEU C 336 -6.98 -45.28 0.19
C LEU C 336 -6.20 -46.14 -0.79
N ARG C 337 -5.42 -47.07 -0.26
CA ARG C 337 -4.79 -48.08 -1.10
C ARG C 337 -5.83 -48.85 -1.85
N ASP C 338 -6.96 -49.05 -1.17
CA ASP C 338 -8.00 -49.89 -1.73
C ASP C 338 -8.55 -49.22 -2.98
N LEU C 339 -8.87 -47.94 -2.88
CA LEU C 339 -9.37 -47.20 -4.03
C LEU C 339 -8.29 -47.07 -5.09
N ILE C 340 -7.05 -46.99 -4.64
CA ILE C 340 -5.94 -46.82 -5.57
C ILE C 340 -5.92 -48.00 -6.49
N CYS C 341 -5.78 -49.16 -5.88
CA CYS C 341 -5.65 -50.40 -6.62
C CYS C 341 -6.91 -50.62 -7.41
N ASP C 342 -8.01 -50.22 -6.80
CA ASP C 342 -9.32 -50.28 -7.40
C ASP C 342 -9.27 -49.69 -8.77
N GLU C 343 -9.09 -48.39 -8.81
CA GLU C 343 -9.24 -47.70 -10.07
C GLU C 343 -8.02 -47.89 -10.96
N LEU C 344 -6.91 -48.36 -10.38
CA LEU C 344 -5.80 -48.80 -11.19
C LEU C 344 -6.32 -49.86 -12.12
N LEU C 345 -6.89 -50.88 -11.50
CA LEU C 345 -7.41 -51.98 -12.27
C LEU C 345 -8.57 -51.53 -13.14
N ASN C 346 -9.36 -50.61 -12.62
CA ASN C 346 -10.56 -50.17 -13.30
C ASN C 346 -10.16 -49.48 -14.58
N MET C 347 -8.96 -48.92 -14.54
CA MET C 347 -8.46 -48.18 -15.66
C MET C 347 -7.29 -48.95 -16.24
N GLY C 348 -7.31 -50.25 -16.05
CA GLY C 348 -6.44 -51.13 -16.80
C GLY C 348 -5.00 -51.17 -16.36
N TYR C 349 -4.70 -50.58 -15.20
CA TYR C 349 -3.34 -50.62 -14.70
C TYR C 349 -2.99 -52.02 -14.25
N ALA C 350 -1.73 -52.40 -14.46
CA ALA C 350 -1.35 -53.81 -14.43
C ALA C 350 -1.45 -54.41 -13.04
N PRO C 351 -2.28 -55.45 -12.91
CA PRO C 351 -2.66 -56.12 -11.67
C PRO C 351 -1.47 -56.67 -10.92
N TRP C 352 -0.49 -57.17 -11.67
CA TRP C 352 0.73 -57.61 -11.05
C TRP C 352 1.46 -56.43 -10.49
N TRP C 353 1.43 -55.32 -11.21
CA TRP C 353 2.14 -54.17 -10.70
C TRP C 353 1.40 -53.62 -9.52
N VAL C 354 0.07 -53.73 -9.59
CA VAL C 354 -0.77 -53.27 -8.53
C VAL C 354 -0.41 -54.04 -7.27
N LYS C 355 -0.17 -55.32 -7.47
CA LYS C 355 0.27 -56.20 -6.40
C LYS C 355 1.63 -55.74 -5.91
N LEU C 356 2.43 -55.23 -6.84
CA LEU C 356 3.75 -54.76 -6.47
C LEU C 356 3.63 -53.57 -5.54
N PHE C 357 2.74 -52.65 -5.88
CA PHE C 357 2.48 -51.54 -4.98
C PHE C 357 2.13 -52.13 -3.66
N GLU C 358 1.04 -52.86 -3.59
CA GLU C 358 0.48 -53.22 -2.29
C GLU C 358 1.51 -53.98 -1.47
N THR C 359 2.38 -54.67 -2.17
CA THR C 359 3.51 -55.31 -1.53
C THR C 359 4.36 -54.27 -0.83
N SER C 360 4.81 -53.29 -1.60
CA SER C 360 5.65 -52.24 -1.04
C SER C 360 4.91 -51.36 -0.04
N LEU C 361 3.61 -51.24 -0.26
CA LEU C 361 2.79 -50.23 0.38
C LEU C 361 2.41 -50.78 1.73
N LYS C 362 2.79 -52.03 1.95
CA LYS C 362 2.63 -52.69 3.23
C LYS C 362 3.85 -53.56 3.51
N LEU C 363 4.98 -53.19 2.91
CA LEU C 363 6.19 -54.01 2.93
C LEU C 363 6.79 -54.11 4.33
N PRO C 364 7.29 -55.32 4.71
CA PRO C 364 7.87 -55.62 6.02
C PRO C 364 9.10 -54.78 6.31
N VAL C 365 9.37 -54.46 7.57
CA VAL C 365 10.44 -53.51 7.89
C VAL C 365 11.52 -54.14 8.77
N TYR C 366 12.51 -53.33 9.17
CA TYR C 366 13.56 -53.79 10.08
C TYR C 366 14.18 -52.67 10.91
N VAL C 367 14.34 -52.95 12.20
CA VAL C 367 14.94 -52.01 13.13
C VAL C 367 16.38 -52.40 13.45
N GLY C 368 17.30 -51.44 13.34
CA GLY C 368 18.71 -51.69 13.58
C GLY C 368 19.13 -51.60 15.03
N ALA C 369 19.68 -50.45 15.43
CA ALA C 369 20.01 -50.22 16.83
C ALA C 369 19.52 -48.84 17.29
N PRO C 370 18.21 -48.71 17.51
CA PRO C 370 17.54 -47.46 17.88
C PRO C 370 18.10 -46.86 19.17
N ALA C 371 18.51 -47.74 20.07
CA ALA C 371 19.35 -47.33 21.17
C ALA C 371 20.45 -48.35 21.28
N PRO C 372 21.54 -47.99 21.94
CA PRO C 372 22.46 -49.08 22.29
C PRO C 372 21.66 -50.05 23.13
N GLU C 373 21.91 -51.34 22.92
CA GLU C 373 21.09 -52.38 23.49
C GLU C 373 19.64 -52.27 23.01
N GLN C 374 19.46 -51.96 21.72
CA GLN C 374 18.13 -52.06 21.11
C GLN C 374 18.16 -52.51 19.67
N GLY C 375 16.97 -52.86 19.18
CA GLY C 375 16.78 -53.18 17.79
C GLY C 375 17.41 -54.46 17.31
N HIS C 376 17.83 -54.43 16.05
CA HIS C 376 18.24 -55.64 15.34
C HIS C 376 17.09 -56.60 15.42
N THR C 377 15.92 -56.01 15.22
CA THR C 377 14.67 -56.75 15.19
C THR C 377 14.12 -56.69 13.79
N LEU C 378 14.15 -57.83 13.12
CA LEU C 378 13.47 -58.00 11.84
C LEU C 378 11.97 -57.92 12.10
N LEU C 379 11.24 -57.33 11.17
CA LEU C 379 9.81 -57.09 11.38
C LEU C 379 9.00 -57.34 10.12
N GLY C 380 7.82 -57.93 10.30
CA GLY C 380 6.96 -58.25 9.18
C GLY C 380 7.27 -59.62 8.62
N ASP C 381 6.36 -60.13 7.81
CA ASP C 381 6.52 -61.46 7.25
C ASP C 381 6.29 -61.48 5.76
N PRO C 382 7.34 -61.19 4.98
CA PRO C 382 7.32 -61.16 3.50
C PRO C 382 6.75 -62.43 2.87
N SER C 383 5.67 -62.92 3.44
CA SER C 383 5.00 -64.11 2.97
C SER C 383 3.52 -63.84 3.14
N ASN C 384 3.18 -63.23 4.27
CA ASN C 384 1.91 -62.51 4.38
C ASN C 384 2.11 -61.18 5.10
N PRO C 385 2.72 -60.19 4.43
CA PRO C 385 2.80 -58.83 4.95
C PRO C 385 1.42 -58.18 5.11
N ASP C 386 1.25 -57.32 6.12
CA ASP C 386 -0.03 -56.65 6.31
C ASP C 386 0.12 -55.25 6.91
N LEU C 387 1.33 -54.69 6.82
CA LEU C 387 1.65 -53.48 7.55
C LEU C 387 0.82 -52.28 7.15
N GLU C 388 0.46 -51.49 8.15
CA GLU C 388 -0.14 -50.20 7.91
C GLU C 388 0.77 -49.21 8.62
N VAL C 389 2.04 -49.24 8.22
CA VAL C 389 3.09 -48.49 8.90
C VAL C 389 3.09 -47.03 8.47
N GLY C 390 2.25 -46.68 7.52
CA GLY C 390 2.22 -45.32 7.01
C GLY C 390 3.25 -45.08 5.92
N LEU C 391 3.42 -43.83 5.52
CA LEU C 391 4.24 -43.52 4.36
C LEU C 391 5.72 -43.76 4.61
N SER C 392 6.19 -44.95 4.25
CA SER C 392 7.60 -45.28 4.38
C SER C 392 8.45 -44.51 3.38
N SER C 393 9.66 -44.15 3.80
CA SER C 393 10.50 -43.25 3.02
C SER C 393 11.02 -43.87 1.73
N GLY C 394 11.02 -45.20 1.65
CA GLY C 394 11.62 -45.87 0.52
C GLY C 394 10.94 -45.49 -0.78
N GLN C 395 9.64 -45.28 -0.73
CA GLN C 395 8.92 -44.74 -1.87
C GLN C 395 9.28 -43.29 -2.10
N GLY C 396 9.45 -42.91 -3.37
CA GLY C 396 9.61 -41.52 -3.72
C GLY C 396 8.28 -40.91 -4.12
N ALA C 397 7.32 -41.77 -4.41
CA ALA C 397 6.01 -41.34 -4.86
C ALA C 397 5.10 -41.08 -3.68
N THR C 398 5.64 -41.22 -2.48
CA THR C 398 4.91 -40.88 -1.28
C THR C 398 4.49 -39.43 -1.34
N ASP C 399 5.33 -38.62 -1.96
CA ASP C 399 5.05 -37.21 -2.12
C ASP C 399 3.77 -37.02 -2.89
N LEU C 400 3.54 -37.95 -3.81
CA LEU C 400 2.35 -37.89 -4.63
C LEU C 400 1.16 -38.12 -3.73
N MET C 401 1.38 -38.94 -2.71
CA MET C 401 0.30 -39.34 -1.83
C MET C 401 -0.03 -38.19 -0.91
N GLY C 402 1.01 -37.55 -0.41
CA GLY C 402 0.83 -36.44 0.50
C GLY C 402 0.14 -35.34 -0.24
N THR C 403 0.68 -35.00 -1.40
CA THR C 403 0.13 -33.92 -2.19
C THR C 403 -1.30 -34.26 -2.51
N LEU C 404 -1.53 -35.55 -2.72
CA LEU C 404 -2.85 -36.07 -2.97
C LEU C 404 -3.77 -35.70 -1.84
N LEU C 405 -3.75 -36.51 -0.78
CA LEU C 405 -4.80 -36.45 0.22
C LEU C 405 -4.83 -35.08 0.85
N MET C 406 -3.68 -34.43 0.87
CA MET C 406 -3.72 -33.09 1.40
C MET C 406 -4.58 -32.27 0.49
N SER C 407 -4.29 -32.29 -0.80
CA SER C 407 -5.02 -31.43 -1.72
C SER C 407 -6.48 -31.78 -1.67
N ILE C 408 -6.71 -33.07 -1.49
CA ILE C 408 -8.03 -33.61 -1.34
C ILE C 408 -8.69 -32.87 -0.24
N THR C 409 -8.25 -33.17 0.96
CA THR C 409 -8.92 -32.76 2.17
C THR C 409 -9.03 -31.26 2.20
N TYR C 410 -8.05 -30.60 1.58
CA TYR C 410 -8.08 -29.16 1.47
C TYR C 410 -9.32 -28.75 0.74
N LEU C 411 -9.31 -29.12 -0.53
CA LEU C 411 -10.31 -28.68 -1.46
C LEU C 411 -11.67 -29.11 -1.00
N VAL C 412 -11.69 -30.31 -0.46
CA VAL C 412 -12.89 -30.91 0.03
C VAL C 412 -13.41 -30.04 1.13
N MET C 413 -12.54 -29.68 2.06
CA MET C 413 -12.96 -28.93 3.21
C MET C 413 -13.48 -27.59 2.74
N GLN C 414 -12.89 -27.13 1.66
CA GLN C 414 -13.33 -25.90 1.04
C GLN C 414 -14.74 -26.10 0.54
N LEU C 415 -15.07 -27.32 0.17
CA LEU C 415 -16.42 -27.55 -0.28
C LEU C 415 -17.30 -27.54 0.94
N ASP C 416 -16.74 -28.15 1.97
CA ASP C 416 -17.47 -28.52 3.15
C ASP C 416 -17.94 -27.29 3.86
N HIS C 417 -17.14 -26.24 3.76
CA HIS C 417 -17.29 -25.13 4.66
C HIS C 417 -17.16 -23.80 3.95
N THR C 418 -16.94 -23.86 2.64
CA THR C 418 -16.85 -22.64 1.87
C THR C 418 -17.66 -22.78 0.59
N ALA C 419 -17.55 -23.92 -0.07
CA ALA C 419 -18.25 -24.08 -1.34
C ALA C 419 -19.02 -25.39 -1.43
N PRO C 420 -20.12 -25.51 -0.69
CA PRO C 420 -20.92 -26.71 -0.82
C PRO C 420 -21.92 -26.58 -1.95
N HIS C 421 -22.54 -25.42 -2.05
CA HIS C 421 -23.50 -25.16 -3.10
C HIS C 421 -22.81 -25.25 -4.44
N LEU C 422 -21.53 -24.94 -4.45
CA LEU C 422 -20.74 -24.94 -5.67
C LEU C 422 -20.43 -26.36 -6.08
N ASN C 423 -20.63 -27.30 -5.17
CA ASN C 423 -20.40 -28.69 -5.46
C ASN C 423 -21.40 -29.12 -6.51
N SER C 424 -22.43 -28.30 -6.67
CA SER C 424 -23.43 -28.53 -7.68
C SER C 424 -22.84 -28.56 -9.08
N ARG C 425 -21.73 -27.86 -9.32
CA ARG C 425 -21.10 -28.01 -10.63
C ARG C 425 -20.26 -29.27 -10.64
N ILE C 426 -20.17 -29.94 -9.49
CA ILE C 426 -19.46 -31.20 -9.42
C ILE C 426 -20.49 -32.32 -9.48
N LYS C 427 -21.23 -32.37 -10.57
CA LYS C 427 -22.31 -33.34 -10.70
C LYS C 427 -21.87 -34.81 -10.75
N ASP C 428 -20.68 -35.10 -11.28
CA ASP C 428 -20.21 -36.49 -11.35
C ASP C 428 -18.73 -36.62 -11.63
N MET C 429 -18.31 -37.85 -11.89
CA MET C 429 -16.91 -38.13 -12.17
C MET C 429 -16.38 -37.31 -13.33
N PRO C 430 -17.09 -37.29 -14.47
CA PRO C 430 -16.65 -36.31 -15.47
C PRO C 430 -16.69 -34.87 -15.01
N SER C 431 -17.66 -34.51 -14.17
CA SER C 431 -17.73 -33.14 -13.69
C SER C 431 -16.50 -32.90 -12.86
N ALA C 432 -16.10 -33.94 -12.16
CA ALA C 432 -14.90 -33.90 -11.38
C ALA C 432 -13.71 -33.78 -12.30
N CYS C 433 -13.87 -34.25 -13.54
CA CYS C 433 -12.77 -34.19 -14.50
C CYS C 433 -12.55 -32.75 -14.93
N ARG C 434 -13.57 -32.15 -15.57
CA ARG C 434 -13.43 -30.75 -16.00
C ARG C 434 -12.98 -29.94 -14.82
N PHE C 435 -13.64 -30.17 -13.69
CA PHE C 435 -13.30 -29.39 -12.52
C PHE C 435 -11.86 -29.50 -12.11
N LEU C 436 -11.43 -30.71 -11.79
CA LEU C 436 -10.17 -30.86 -11.10
C LEU C 436 -9.10 -30.34 -12.02
N ASP C 437 -9.36 -30.54 -13.30
CA ASP C 437 -8.52 -29.96 -14.30
C ASP C 437 -8.45 -28.46 -14.05
N SER C 438 -9.62 -27.85 -13.98
CA SER C 438 -9.71 -26.39 -13.87
C SER C 438 -9.17 -25.83 -12.57
N TYR C 439 -9.21 -26.63 -11.53
CA TYR C 439 -8.81 -26.19 -10.22
C TYR C 439 -7.32 -26.26 -10.14
N TRP C 440 -6.75 -27.26 -10.78
CA TRP C 440 -5.32 -27.32 -10.86
C TRP C 440 -4.86 -26.41 -11.99
N GLN C 441 -5.83 -26.02 -12.83
CA GLN C 441 -5.66 -24.88 -13.70
C GLN C 441 -6.00 -23.60 -12.94
N GLY C 442 -6.67 -23.76 -11.81
CA GLY C 442 -6.92 -22.66 -10.90
C GLY C 442 -8.03 -21.72 -11.26
N HIS C 443 -8.85 -22.08 -12.25
CA HIS C 443 -9.89 -21.18 -12.67
C HIS C 443 -11.03 -21.17 -11.65
N GLU C 444 -10.67 -21.08 -10.38
CA GLU C 444 -11.60 -21.27 -9.28
C GLU C 444 -11.38 -20.21 -8.22
N GLU C 445 -12.42 -19.88 -7.46
CA GLU C 445 -12.27 -18.94 -6.36
C GLU C 445 -11.52 -19.54 -5.18
N ILE C 446 -11.95 -20.70 -4.74
CA ILE C 446 -11.23 -21.42 -3.71
C ILE C 446 -9.99 -21.95 -4.40
N ARG C 447 -8.86 -22.01 -3.69
CA ARG C 447 -7.57 -22.20 -4.32
C ARG C 447 -6.53 -22.77 -3.37
N GLN C 448 -5.40 -23.17 -3.94
CA GLN C 448 -4.33 -23.77 -3.17
C GLN C 448 -2.99 -23.80 -3.90
N ILE C 449 -1.91 -23.85 -3.13
CA ILE C 449 -0.63 -24.34 -3.64
C ILE C 449 -0.36 -25.60 -2.85
N SER C 450 0.39 -26.53 -3.43
CA SER C 450 0.60 -27.81 -2.77
C SER C 450 1.93 -28.44 -3.08
N LYS C 451 2.50 -29.09 -2.07
CA LYS C 451 3.67 -29.93 -2.21
C LYS C 451 3.77 -30.83 -0.99
N SER C 452 3.38 -32.09 -1.18
CA SER C 452 3.23 -33.03 -0.08
C SER C 452 2.38 -32.41 1.00
N ASP C 453 2.90 -32.42 2.23
CA ASP C 453 2.22 -31.78 3.33
C ASP C 453 2.20 -30.27 3.21
N ASP C 454 3.32 -29.68 2.81
CA ASP C 454 3.43 -28.23 2.79
C ASP C 454 2.48 -27.69 1.74
N ALA C 455 1.73 -26.65 2.08
CA ALA C 455 0.71 -26.13 1.17
C ALA C 455 0.18 -24.79 1.62
N MET C 456 -0.50 -24.11 0.71
CA MET C 456 -1.24 -22.91 1.06
C MET C 456 -2.52 -22.89 0.25
N LEU C 457 -3.25 -21.77 0.29
CA LEU C 457 -4.61 -21.71 -0.23
C LEU C 457 -4.96 -20.29 -0.69
N GLY C 458 -6.02 -20.13 -1.49
CA GLY C 458 -6.37 -18.82 -2.03
C GLY C 458 -7.82 -18.50 -2.36
N TRP C 459 -8.20 -17.22 -2.33
CA TRP C 459 -9.60 -16.82 -2.51
C TRP C 459 -9.78 -15.39 -3.03
N THR C 460 -11.00 -15.09 -3.52
CA THR C 460 -11.28 -13.90 -4.33
C THR C 460 -12.72 -13.34 -4.26
N LYS C 461 -12.97 -12.26 -5.02
CA LYS C 461 -14.33 -11.81 -5.34
C LYS C 461 -15.05 -12.95 -6.03
N GLY C 462 -16.35 -13.06 -5.79
CA GLY C 462 -17.12 -14.19 -6.28
C GLY C 462 -17.79 -14.86 -5.12
N ARG C 463 -18.91 -15.52 -5.40
CA ARG C 463 -19.80 -15.94 -4.35
C ARG C 463 -19.36 -17.23 -3.66
N ALA C 464 -18.37 -17.09 -2.77
CA ALA C 464 -17.85 -18.20 -1.96
C ALA C 464 -16.97 -17.78 -0.78
N LEU C 465 -16.32 -16.62 -0.89
CA LEU C 465 -15.22 -16.25 0.01
C LEU C 465 -15.53 -16.12 1.50
N VAL C 466 -16.71 -15.62 1.85
CA VAL C 466 -16.97 -15.31 3.25
C VAL C 466 -16.93 -16.60 4.09
N GLY C 467 -17.33 -17.69 3.46
CA GLY C 467 -17.27 -18.97 4.13
C GLY C 467 -15.84 -19.41 4.23
N GLY C 468 -15.01 -18.88 3.34
CA GLY C 468 -13.59 -19.15 3.42
C GLY C 468 -13.07 -18.46 4.65
N HIS C 469 -13.62 -17.28 4.93
CA HIS C 469 -13.21 -16.57 6.14
C HIS C 469 -13.64 -17.38 7.34
N ARG C 470 -14.78 -18.03 7.21
CA ARG C 470 -15.34 -18.74 8.35
C ARG C 470 -14.51 -19.96 8.68
N LEU C 471 -14.28 -20.77 7.66
CA LEU C 471 -13.53 -21.99 7.81
C LEU C 471 -12.14 -21.64 8.26
N PHE C 472 -11.67 -20.51 7.75
CA PHE C 472 -10.46 -19.93 8.25
C PHE C 472 -10.50 -19.76 9.73
N GLU C 473 -11.59 -19.17 10.20
CA GLU C 473 -11.67 -18.86 11.61
C GLU C 473 -11.66 -20.10 12.45
N MET C 474 -12.43 -21.08 12.02
CA MET C 474 -12.56 -22.28 12.81
C MET C 474 -11.23 -22.97 12.92
N LEU C 475 -10.56 -23.09 11.79
CA LEU C 475 -9.29 -23.78 11.80
C LEU C 475 -8.26 -23.01 12.59
N LYS C 476 -8.39 -21.69 12.57
CA LYS C 476 -7.49 -20.85 13.34
C LYS C 476 -7.73 -21.07 14.81
N GLU C 477 -8.96 -21.41 15.15
CA GLU C 477 -9.27 -21.80 16.50
C GLU C 477 -8.75 -23.19 16.72
N GLY C 478 -8.97 -24.06 15.74
CA GLY C 478 -8.42 -25.39 15.77
C GLY C 478 -9.09 -26.22 16.83
N LYS C 479 -10.18 -25.70 17.35
CA LYS C 479 -10.84 -26.29 18.51
C LYS C 479 -11.40 -27.66 18.16
N VAL C 480 -11.85 -27.81 16.92
CA VAL C 480 -12.29 -29.08 16.38
C VAL C 480 -11.87 -29.12 14.91
N ASN C 481 -11.37 -30.25 14.46
CA ASN C 481 -10.98 -30.39 13.06
C ASN C 481 -12.05 -31.15 12.28
N PRO C 482 -12.66 -30.49 11.31
CA PRO C 482 -13.60 -31.11 10.38
C PRO C 482 -12.96 -32.25 9.61
N SER C 483 -11.65 -32.16 9.37
CA SER C 483 -10.96 -33.22 8.62
C SER C 483 -11.00 -34.54 9.35
N PRO C 484 -11.50 -35.58 8.69
CA PRO C 484 -11.54 -36.95 9.18
C PRO C 484 -10.51 -37.80 8.51
N TYR C 485 -9.33 -37.25 8.28
CA TYR C 485 -8.27 -37.99 7.65
C TYR C 485 -6.97 -37.46 8.18
N MET C 486 -7.04 -36.24 8.71
CA MET C 486 -5.88 -35.53 9.21
C MET C 486 -6.18 -34.54 10.32
N LYS C 487 -5.18 -34.27 11.14
CA LYS C 487 -5.23 -33.17 12.09
C LYS C 487 -4.60 -31.97 11.44
N ILE C 488 -5.36 -31.30 10.58
CA ILE C 488 -4.81 -30.17 9.86
C ILE C 488 -5.14 -28.88 10.55
N SER C 489 -4.14 -28.33 11.21
CA SER C 489 -4.25 -27.01 11.78
C SER C 489 -3.84 -26.00 10.74
N TYR C 490 -4.02 -24.74 11.08
CA TYR C 490 -3.28 -23.67 10.44
C TYR C 490 -1.89 -23.72 11.05
N GLU C 491 -0.88 -23.31 10.30
CA GLU C 491 0.39 -23.14 10.95
C GLU C 491 0.53 -21.70 11.37
N HIS C 492 0.47 -21.47 12.67
CA HIS C 492 0.86 -20.17 13.14
C HIS C 492 2.33 -20.11 12.80
N GLY C 493 2.77 -18.99 12.24
CA GLY C 493 4.11 -18.97 11.70
C GLY C 493 4.17 -19.84 10.48
N GLY C 494 3.10 -19.82 9.69
CA GLY C 494 3.05 -20.61 8.48
C GLY C 494 4.02 -20.17 7.40
N ALA C 495 4.41 -21.12 6.55
CA ALA C 495 5.30 -20.88 5.43
C ALA C 495 5.16 -21.99 4.38
N PHE C 496 5.72 -21.79 3.20
CA PHE C 496 5.66 -22.85 2.20
C PHE C 496 7.05 -23.11 1.63
N LEU C 497 7.65 -24.24 2.03
CA LEU C 497 9.01 -24.58 1.63
C LEU C 497 9.99 -23.50 2.05
N GLY C 498 9.72 -22.88 3.19
CA GLY C 498 10.58 -21.84 3.70
C GLY C 498 10.27 -20.50 3.07
N ASP C 499 9.28 -20.51 2.16
CA ASP C 499 8.79 -19.27 1.60
C ASP C 499 7.85 -18.68 2.63
N ILE C 500 8.40 -17.87 3.51
CA ILE C 500 7.58 -17.34 4.57
C ILE C 500 6.83 -16.14 4.01
N LEU C 501 5.56 -16.38 3.69
CA LEU C 501 4.72 -15.29 3.26
C LEU C 501 4.61 -14.27 4.36
N LEU C 502 4.79 -13.02 3.98
CA LEU C 502 4.72 -11.94 4.93
C LEU C 502 3.42 -11.22 4.65
N TYR C 503 2.94 -10.51 5.66
CA TYR C 503 1.75 -9.69 5.54
C TYR C 503 2.04 -8.34 6.14
N ASP C 504 1.40 -7.31 5.61
CA ASP C 504 1.55 -5.99 6.19
C ASP C 504 0.40 -5.73 7.14
N SER C 505 0.13 -4.45 7.42
CA SER C 505 -0.92 -4.07 8.35
C SER C 505 -2.26 -4.55 7.83
N ARG C 506 -2.40 -4.51 6.53
CA ARG C 506 -3.62 -4.93 5.89
C ARG C 506 -3.74 -6.44 5.98
N ARG C 507 -2.60 -7.11 6.16
CA ARG C 507 -2.58 -8.56 6.28
C ARG C 507 -3.25 -9.20 5.08
N GLU C 508 -2.62 -9.09 3.93
CA GLU C 508 -3.25 -9.52 2.69
C GLU C 508 -2.32 -10.40 1.87
N PRO C 509 -2.90 -11.32 1.08
CA PRO C 509 -2.07 -12.04 0.11
C PRO C 509 -1.43 -11.05 -0.83
N GLY C 510 -2.14 -9.96 -1.13
CA GLY C 510 -1.57 -8.89 -1.91
C GLY C 510 -0.73 -7.93 -1.09
N SER C 511 -0.65 -8.17 0.22
CA SER C 511 0.08 -7.27 1.11
C SER C 511 1.58 -7.49 1.00
N ALA C 512 2.17 -7.95 2.09
CA ALA C 512 3.58 -8.29 2.08
C ALA C 512 3.74 -9.69 1.49
N ILE C 513 4.91 -10.30 1.64
CA ILE C 513 5.33 -11.34 0.70
C ILE C 513 6.27 -12.40 1.26
N PHE C 514 6.38 -13.52 0.53
CA PHE C 514 7.39 -14.55 0.82
C PHE C 514 8.74 -13.99 1.15
N VAL C 515 9.49 -14.75 1.93
CA VAL C 515 10.91 -14.52 2.11
C VAL C 515 11.60 -15.86 2.23
N GLY C 516 12.82 -15.95 1.74
CA GLY C 516 13.67 -17.08 2.05
C GLY C 516 14.11 -16.93 3.49
N ASN C 517 13.81 -17.93 4.32
CA ASN C 517 14.12 -17.81 5.74
C ASN C 517 15.60 -17.72 5.97
N ILE C 518 15.97 -16.80 6.84
CA ILE C 518 17.35 -16.50 7.10
C ILE C 518 17.78 -17.31 8.29
N ASN C 519 16.85 -17.58 9.19
CA ASN C 519 17.12 -18.45 10.31
C ASN C 519 17.38 -19.82 9.73
N SER C 520 16.65 -20.12 8.67
CA SER C 520 16.86 -21.35 7.95
C SER C 520 18.24 -21.34 7.34
N MET C 521 18.70 -20.17 6.94
CA MET C 521 20.05 -20.08 6.44
C MET C 521 21.00 -20.45 7.54
N LEU C 522 20.68 -20.01 8.74
CA LEU C 522 21.55 -20.24 9.86
C LEU C 522 21.64 -21.72 10.07
N ASN C 523 20.53 -22.38 9.80
CA ASN C 523 20.45 -23.82 9.91
C ASN C 523 21.37 -24.41 8.87
N ASN C 524 21.33 -23.82 7.68
CA ASN C 524 22.09 -24.36 6.57
C ASN C 524 23.55 -24.30 6.93
N GLN C 525 23.88 -23.27 7.69
CA GLN C 525 25.24 -23.05 8.12
C GLN C 525 25.63 -24.09 9.12
N PHE C 526 24.75 -24.30 10.08
CA PHE C 526 25.17 -24.80 11.37
C PHE C 526 24.25 -25.91 11.86
N SER C 527 23.00 -25.88 11.44
CA SER C 527 22.03 -26.89 11.84
C SER C 527 21.36 -27.50 10.63
N PRO C 528 22.06 -28.40 9.95
CA PRO C 528 21.59 -29.16 8.79
C PRO C 528 21.35 -30.61 9.18
N GLU C 529 22.36 -31.45 9.00
CA GLU C 529 22.33 -32.81 9.53
C GLU C 529 23.65 -33.55 9.36
N TYR C 530 24.09 -33.72 8.12
CA TYR C 530 25.17 -34.66 7.83
C TYR C 530 26.60 -34.13 7.79
N GLY C 531 27.53 -35.05 8.04
CA GLY C 531 28.93 -34.82 7.74
C GLY C 531 29.18 -35.22 6.31
N VAL C 532 30.43 -35.09 5.86
CA VAL C 532 30.76 -35.41 4.49
C VAL C 532 31.43 -36.78 4.33
N GLN C 533 32.09 -37.24 5.39
CA GLN C 533 33.12 -38.27 5.28
C GLN C 533 34.16 -37.81 4.27
N SER C 534 35.07 -36.95 4.73
CA SER C 534 36.08 -36.36 3.87
C SER C 534 37.06 -37.40 3.34
N GLY C 535 37.13 -38.55 4.02
CA GLY C 535 38.08 -39.58 3.66
C GLY C 535 37.75 -40.39 2.41
N VAL C 536 37.30 -39.70 1.37
CA VAL C 536 37.01 -40.33 0.07
C VAL C 536 37.47 -39.39 -1.05
N ARG C 537 38.07 -39.94 -2.09
CA ARG C 537 38.58 -39.14 -3.20
C ARG C 537 37.50 -38.36 -3.93
N ASP C 538 36.31 -38.93 -4.00
CA ASP C 538 35.22 -38.27 -4.69
C ASP C 538 34.20 -37.77 -3.68
N ARG C 539 33.67 -36.58 -3.92
CA ARG C 539 32.67 -36.04 -3.04
C ARG C 539 31.28 -36.54 -3.39
N SER C 540 31.19 -37.33 -4.46
CA SER C 540 29.89 -37.82 -4.92
C SER C 540 29.23 -38.66 -3.85
N LYS C 541 30.05 -39.40 -3.12
CA LYS C 541 29.57 -40.17 -1.99
C LYS C 541 29.15 -39.25 -0.86
N ARG C 542 29.81 -38.10 -0.76
CA ARG C 542 29.69 -37.24 0.40
C ARG C 542 28.30 -36.62 0.49
N LYS C 543 27.77 -36.56 1.70
CA LYS C 543 26.41 -36.11 1.92
C LYS C 543 26.23 -34.66 1.50
N ARG C 544 27.28 -33.87 1.67
CA ARG C 544 27.16 -32.42 1.56
C ARG C 544 28.37 -31.79 0.89
N PRO C 545 28.29 -31.62 -0.42
CA PRO C 545 29.37 -31.13 -1.27
C PRO C 545 29.97 -29.78 -0.87
N PHE C 546 29.30 -28.69 -1.24
CA PHE C 546 29.97 -27.41 -1.30
C PHE C 546 29.22 -26.30 -0.59
N PRO C 547 29.34 -26.29 0.75
CA PRO C 547 28.70 -25.30 1.61
C PRO C 547 29.10 -23.86 1.29
N GLY C 548 30.34 -23.64 0.85
CA GLY C 548 30.83 -22.29 0.63
C GLY C 548 29.97 -21.61 -0.42
N LEU C 549 29.40 -22.41 -1.30
CA LEU C 549 28.53 -21.89 -2.33
C LEU C 549 27.40 -21.08 -1.69
N ALA C 550 26.76 -21.67 -0.67
CA ALA C 550 25.60 -21.06 -0.06
C ALA C 550 25.99 -19.72 0.52
N TRP C 551 27.23 -19.68 0.98
CA TRP C 551 27.81 -18.46 1.50
C TRP C 551 27.61 -17.36 0.49
N ALA C 552 28.21 -17.56 -0.67
CA ALA C 552 28.12 -16.58 -1.72
C ALA C 552 26.68 -16.40 -2.16
N SER C 553 25.88 -17.46 -2.07
CA SER C 553 24.55 -17.43 -2.64
C SER C 553 23.62 -16.73 -1.68
N MET C 554 24.14 -16.41 -0.51
CA MET C 554 23.29 -16.00 0.59
C MET C 554 22.28 -14.89 0.27
N LYS C 555 22.73 -13.77 -0.27
CA LYS C 555 21.79 -12.71 -0.66
C LYS C 555 20.91 -13.20 -1.77
N ASP C 556 21.54 -13.90 -2.69
CA ASP C 556 20.86 -14.47 -3.83
C ASP C 556 19.89 -15.49 -3.28
N THR C 557 20.20 -16.03 -2.11
CA THR C 557 19.36 -17.04 -1.49
C THR C 557 18.34 -16.39 -0.56
N TYR C 558 18.71 -16.26 0.70
CA TYR C 558 17.79 -15.83 1.73
C TYR C 558 17.93 -14.35 1.99
N GLY C 559 18.51 -13.67 1.03
CA GLY C 559 18.57 -12.23 1.06
C GLY C 559 17.20 -11.71 0.74
N ALA C 560 16.34 -12.66 0.36
CA ALA C 560 14.91 -12.42 0.25
C ALA C 560 14.39 -11.98 1.60
N CYS C 561 15.03 -12.43 2.67
CA CYS C 561 14.72 -11.89 3.99
C CYS C 561 15.26 -10.47 4.03
N PRO C 562 14.38 -9.50 4.33
CA PRO C 562 14.70 -8.08 4.25
C PRO C 562 15.86 -7.69 5.14
N ILE C 563 15.91 -8.34 6.29
CA ILE C 563 16.79 -7.94 7.36
C ILE C 563 18.14 -8.63 7.20
N TYR C 564 18.20 -9.47 6.17
CA TYR C 564 19.42 -10.05 5.62
C TYR C 564 20.75 -9.51 6.13
N SER C 565 21.10 -8.32 5.68
CA SER C 565 22.44 -7.81 5.90
C SER C 565 22.74 -7.68 7.37
N ASP C 566 21.72 -7.39 8.15
CA ASP C 566 21.89 -7.31 9.58
C ASP C 566 22.28 -8.67 10.10
N VAL C 567 21.75 -9.71 9.47
CA VAL C 567 22.10 -11.05 9.86
C VAL C 567 23.55 -11.25 9.54
N LEU C 568 23.99 -10.63 8.45
CA LEU C 568 25.40 -10.72 8.07
C LEU C 568 26.25 -10.10 9.15
N GLU C 569 25.73 -8.99 9.67
CA GLU C 569 26.42 -8.22 10.69
C GLU C 569 26.64 -9.18 11.81
N ALA C 570 25.54 -9.79 12.22
CA ALA C 570 25.52 -10.60 13.41
C ALA C 570 26.44 -11.78 13.27
N ILE C 571 26.50 -12.36 12.08
CA ILE C 571 27.25 -13.59 11.94
C ILE C 571 28.72 -13.28 11.98
N GLU C 572 29.12 -12.31 11.17
CA GLU C 572 30.53 -12.00 11.10
C GLU C 572 31.00 -11.51 12.46
N ARG C 573 30.14 -10.72 13.10
CA ARG C 573 30.45 -10.14 14.40
C ARG C 573 30.65 -11.22 15.42
N CYS C 574 29.67 -12.11 15.50
CA CYS C 574 29.68 -13.15 16.51
C CYS C 574 30.82 -14.11 16.28
N TRP C 575 31.28 -14.22 15.04
CA TRP C 575 32.42 -15.09 14.74
C TRP C 575 33.71 -14.45 15.22
N TRP C 576 33.81 -13.13 15.03
CA TRP C 576 34.91 -12.38 15.62
C TRP C 576 34.83 -12.43 17.12
N ASN C 577 33.63 -12.72 17.60
CA ASN C 577 33.42 -12.90 19.01
C ASN C 577 33.65 -14.35 19.38
N ALA C 578 33.84 -15.18 18.37
CA ALA C 578 33.93 -16.62 18.58
C ALA C 578 35.35 -17.07 18.44
N PHE C 579 35.74 -17.32 17.21
CA PHE C 579 37.10 -17.69 16.93
C PHE C 579 37.86 -16.42 16.68
N GLY C 580 37.16 -15.30 16.82
CA GLY C 580 37.81 -14.02 16.81
C GLY C 580 38.34 -13.69 15.45
N GLU C 581 37.73 -14.26 14.42
CA GLU C 581 38.27 -14.12 13.08
C GLU C 581 37.21 -13.86 12.02
N SER C 582 37.64 -13.93 10.76
CA SER C 582 36.78 -13.66 9.62
C SER C 582 36.07 -14.88 9.07
N TYR C 583 34.86 -15.14 9.58
CA TYR C 583 34.02 -16.19 9.04
C TYR C 583 33.69 -15.80 7.62
N ARG C 584 33.74 -14.50 7.40
CA ARG C 584 33.77 -13.95 6.07
C ARG C 584 34.82 -14.67 5.28
N ALA C 585 36.08 -14.29 5.48
CA ALA C 585 37.15 -14.83 4.66
C ALA C 585 37.24 -16.34 4.80
N TYR C 586 36.87 -16.84 5.95
CA TYR C 586 36.81 -18.28 6.19
C TYR C 586 35.95 -18.96 5.14
N ARG C 587 34.67 -18.62 5.18
CA ARG C 587 33.70 -19.16 4.25
C ARG C 587 33.96 -18.82 2.81
N GLU C 588 34.59 -17.67 2.58
CA GLU C 588 34.94 -17.27 1.23
C GLU C 588 35.90 -18.30 0.70
N ASP C 589 36.91 -18.59 1.50
CA ASP C 589 37.95 -19.51 1.12
C ASP C 589 37.38 -20.92 1.01
N MET C 590 36.35 -21.17 1.79
CA MET C 590 35.64 -22.43 1.70
C MET C 590 34.94 -22.54 0.36
N LEU C 591 34.38 -21.43 -0.09
CA LEU C 591 33.76 -21.34 -1.40
C LEU C 591 34.80 -21.56 -2.49
N LYS C 592 35.98 -21.00 -2.24
CA LYS C 592 37.05 -21.04 -3.21
C LYS C 592 37.46 -22.47 -3.38
N ARG C 593 37.62 -23.13 -2.24
CA ARG C 593 37.97 -24.53 -2.21
C ARG C 593 36.86 -25.38 -2.79
N ASP C 594 35.62 -24.90 -2.71
CA ASP C 594 34.52 -25.60 -3.35
C ASP C 594 34.74 -25.57 -4.85
N THR C 595 35.13 -24.40 -5.35
CA THR C 595 35.39 -24.24 -6.77
C THR C 595 36.58 -25.09 -7.18
N LEU C 596 37.55 -25.23 -6.28
CA LEU C 596 38.76 -25.97 -6.55
C LEU C 596 38.43 -27.44 -6.71
N GLU C 597 37.68 -27.91 -5.73
CA GLU C 597 37.30 -29.30 -5.63
C GLU C 597 36.45 -29.70 -6.80
N LEU C 598 35.47 -28.85 -7.09
CA LEU C 598 34.54 -29.12 -8.16
C LEU C 598 35.21 -29.00 -9.51
N SER C 599 36.29 -28.23 -9.56
CA SER C 599 36.91 -27.87 -10.82
C SER C 599 37.32 -29.11 -11.59
N ARG C 600 38.05 -30.00 -10.92
CA ARG C 600 38.42 -31.25 -11.57
C ARG C 600 37.21 -32.15 -11.77
N TYR C 601 36.22 -32.01 -10.90
CA TYR C 601 35.01 -32.81 -11.04
C TYR C 601 34.32 -32.48 -12.35
N VAL C 602 34.49 -31.25 -12.82
CA VAL C 602 33.77 -30.77 -13.98
C VAL C 602 34.69 -30.62 -15.19
N ALA C 603 34.16 -30.90 -16.38
CA ALA C 603 34.93 -30.81 -17.61
C ALA C 603 34.46 -29.65 -18.48
N SER C 604 33.20 -29.71 -18.94
CA SER C 604 32.69 -28.76 -19.93
C SER C 604 32.74 -27.33 -19.42
N MET C 605 32.55 -27.17 -18.12
CA MET C 605 32.86 -25.90 -17.49
C MET C 605 34.36 -25.91 -17.40
N ALA C 606 35.00 -25.51 -18.49
CA ALA C 606 36.42 -25.76 -18.69
C ALA C 606 37.22 -25.15 -17.57
N ARG C 607 38.18 -25.92 -17.07
CA ARG C 607 38.98 -25.58 -15.89
C ARG C 607 38.13 -24.86 -14.83
N GLN C 608 38.67 -23.82 -14.22
CA GLN C 608 37.90 -23.02 -13.27
C GLN C 608 37.26 -21.84 -13.98
N ALA C 609 36.35 -22.16 -14.89
CA ALA C 609 35.74 -21.17 -15.78
C ALA C 609 34.93 -20.14 -15.01
N GLY C 610 34.43 -20.53 -13.85
CA GLY C 610 33.49 -19.71 -13.13
C GLY C 610 32.17 -20.43 -13.02
N LEU C 611 31.28 -19.89 -12.20
CA LEU C 611 30.09 -20.62 -11.80
C LEU C 611 28.86 -20.23 -12.60
N ALA C 612 29.09 -19.55 -13.73
CA ALA C 612 28.01 -18.98 -14.53
C ALA C 612 27.06 -20.03 -15.11
N GLU C 613 27.52 -21.26 -15.28
CA GLU C 613 26.69 -22.33 -15.82
C GLU C 613 25.57 -22.77 -14.88
N LEU C 614 25.73 -22.47 -13.60
CA LEU C 614 24.87 -23.01 -12.56
C LEU C 614 23.84 -22.00 -12.06
N THR C 615 22.57 -22.41 -11.99
CA THR C 615 21.53 -21.47 -11.58
C THR C 615 21.67 -21.25 -10.10
N PRO C 616 21.28 -20.07 -9.62
CA PRO C 616 21.33 -19.82 -8.18
C PRO C 616 20.51 -20.86 -7.46
N ILE C 617 19.43 -21.31 -8.09
CA ILE C 617 18.69 -22.44 -7.57
C ILE C 617 19.55 -23.67 -7.63
N ASP C 618 20.16 -23.93 -8.78
CA ASP C 618 21.02 -25.09 -8.89
C ASP C 618 22.22 -24.88 -8.00
N LEU C 619 22.58 -23.64 -7.75
CA LEU C 619 23.61 -23.37 -6.77
C LEU C 619 23.16 -23.83 -5.41
N GLU C 620 21.87 -23.64 -5.13
CA GLU C 620 21.30 -24.07 -3.87
C GLU C 620 21.32 -25.59 -3.85
N VAL C 621 21.24 -26.17 -5.03
CA VAL C 621 21.21 -27.61 -5.16
C VAL C 621 22.64 -28.15 -5.09
N LEU C 622 23.62 -27.27 -5.18
CA LEU C 622 25.00 -27.74 -5.17
C LEU C 622 25.65 -27.57 -3.81
N ALA C 623 25.29 -26.52 -3.09
CA ALA C 623 25.57 -26.49 -1.67
C ALA C 623 24.73 -27.58 -1.00
N ASP C 624 23.52 -27.78 -1.54
CA ASP C 624 22.53 -28.68 -0.95
C ASP C 624 21.89 -29.59 -1.98
N PRO C 625 22.63 -30.60 -2.45
CA PRO C 625 22.04 -31.69 -3.24
C PRO C 625 21.00 -32.46 -2.46
N ASN C 626 21.20 -32.50 -1.15
CA ASN C 626 20.55 -33.47 -0.31
C ASN C 626 19.03 -33.34 -0.30
N LYS C 627 18.51 -32.11 -0.34
CA LYS C 627 17.07 -31.94 -0.28
C LYS C 627 16.45 -32.36 -1.60
N LEU C 628 17.26 -32.48 -2.63
CA LEU C 628 16.75 -32.99 -3.90
C LEU C 628 16.19 -34.38 -3.67
N GLN C 629 16.67 -35.03 -2.62
CA GLN C 629 16.10 -36.31 -2.22
C GLN C 629 14.83 -36.15 -1.39
N TYR C 630 14.49 -34.92 -1.00
CA TYR C 630 13.20 -34.73 -0.33
C TYR C 630 12.67 -33.31 -0.47
N LYS C 631 13.11 -32.62 -1.51
CA LYS C 631 12.61 -31.28 -1.80
C LYS C 631 12.63 -31.06 -3.30
N TRP C 632 13.80 -30.79 -3.86
CA TRP C 632 13.92 -30.59 -5.30
C TRP C 632 13.52 -31.85 -6.06
N THR C 633 12.78 -31.70 -7.14
CA THR C 633 12.57 -32.80 -8.08
C THR C 633 13.79 -32.89 -8.98
N GLU C 634 14.02 -34.06 -9.54
CA GLU C 634 15.26 -34.34 -10.24
C GLU C 634 15.56 -33.42 -11.42
N ALA C 635 14.52 -33.07 -12.17
CA ALA C 635 14.71 -32.35 -13.42
C ALA C 635 15.30 -30.98 -13.18
N ASP C 636 15.14 -30.48 -11.96
CA ASP C 636 15.45 -29.10 -11.63
C ASP C 636 16.88 -28.72 -11.90
N VAL C 637 17.78 -29.66 -11.72
CA VAL C 637 19.20 -29.37 -11.82
C VAL C 637 19.56 -29.11 -13.28
N SER C 638 20.48 -28.18 -13.51
CA SER C 638 21.04 -27.99 -14.84
C SER C 638 21.75 -29.28 -15.21
N ALA C 639 21.65 -29.66 -16.47
CA ALA C 639 21.94 -31.02 -16.91
C ALA C 639 23.36 -31.45 -16.58
N ASN C 640 24.26 -30.47 -16.48
CA ASN C 640 25.65 -30.75 -16.20
C ASN C 640 25.84 -31.54 -14.90
N ILE C 641 25.69 -30.87 -13.76
CA ILE C 641 25.89 -31.56 -12.49
C ILE C 641 24.73 -32.52 -12.26
N HIS C 642 23.63 -32.25 -12.96
CA HIS C 642 22.46 -33.12 -12.93
C HIS C 642 22.96 -34.51 -13.23
N GLU C 643 23.68 -34.61 -14.34
CA GLU C 643 24.37 -35.83 -14.72
C GLU C 643 25.54 -36.15 -13.81
N VAL C 644 26.16 -35.14 -13.23
CA VAL C 644 27.21 -35.45 -12.28
C VAL C 644 26.55 -36.15 -11.11
N LEU C 645 25.35 -35.73 -10.80
CA LEU C 645 24.60 -36.33 -9.71
C LEU C 645 23.87 -37.57 -10.16
N MET C 646 23.26 -37.48 -11.33
CA MET C 646 22.34 -38.52 -11.76
C MET C 646 22.91 -39.24 -12.96
N HIS C 647 22.40 -40.43 -13.26
CA HIS C 647 22.72 -41.05 -14.52
C HIS C 647 21.45 -41.49 -15.22
N GLY C 648 21.52 -41.50 -16.54
CA GLY C 648 20.37 -41.81 -17.37
C GLY C 648 19.99 -43.27 -17.34
N VAL C 649 18.76 -43.55 -17.74
CA VAL C 649 18.25 -44.91 -17.85
C VAL C 649 17.49 -44.96 -19.16
N SER C 650 17.53 -46.12 -19.81
CA SER C 650 17.02 -46.26 -21.17
C SER C 650 15.55 -45.89 -21.26
N VAL C 651 15.24 -45.09 -22.27
CA VAL C 651 13.86 -44.69 -22.49
C VAL C 651 13.05 -45.86 -23.00
N GLU C 652 13.71 -46.79 -23.67
CA GLU C 652 13.04 -47.80 -24.47
C GLU C 652 12.48 -48.91 -23.59
N LYS C 653 13.35 -49.39 -22.72
CA LYS C 653 13.03 -50.52 -21.88
C LYS C 653 11.91 -50.07 -20.97
N THR C 654 12.09 -48.88 -20.43
CA THR C 654 11.10 -48.24 -19.58
C THR C 654 9.84 -47.99 -20.37
N GLU C 655 10.00 -47.72 -21.66
CA GLU C 655 8.88 -47.39 -22.52
C GLU C 655 7.93 -48.56 -22.61
N ARG C 656 8.44 -49.65 -23.19
CA ARG C 656 7.62 -50.82 -23.37
C ARG C 656 7.16 -51.33 -22.02
N PHE C 657 8.03 -51.15 -21.03
CA PHE C 657 7.70 -51.55 -19.68
C PHE C 657 6.44 -50.86 -19.21
N LEU C 658 6.38 -49.56 -19.39
CA LEU C 658 5.21 -48.81 -19.03
C LEU C 658 4.05 -49.22 -19.89
N ARG C 659 4.34 -49.57 -21.13
CA ARG C 659 3.29 -49.94 -22.05
C ARG C 659 2.57 -51.16 -21.47
N SER C 660 3.35 -52.00 -20.79
CA SER C 660 2.77 -53.12 -20.07
C SER C 660 2.07 -52.63 -18.82
N VAL C 661 2.74 -51.78 -18.06
CA VAL C 661 2.22 -51.32 -16.78
C VAL C 661 0.96 -50.50 -17.01
N MET C 662 1.04 -49.62 -18.00
CA MET C 662 -0.10 -48.79 -18.35
C MET C 662 -1.17 -49.68 -18.92
N PRO C 663 -2.43 -49.28 -18.79
CA PRO C 663 -3.45 -49.90 -19.61
C PRO C 663 -3.11 -49.62 -21.05
N ARG C 664 -2.08 -50.32 -21.55
CA ARG C 664 -1.39 -49.96 -22.78
C ARG C 664 -0.59 -48.69 -22.50
#